data_3QI6
#
_entry.id   3QI6
#
_cell.length_a   80.956
_cell.length_b   106.924
_cell.length_c   100.307
_cell.angle_alpha   90.000
_cell.angle_beta   113.670
_cell.angle_gamma   90.000
#
_symmetry.space_group_name_H-M   'P 1 21 1'
#
loop_
_entity.id
_entity.type
_entity.pdbx_description
1 polymer 'Cystathionine gamma-synthase MetB (Cgs)'
2 non-polymer 'SULFATE ION'
3 non-polymer 'SODIUM ION'
4 non-polymer GLYCEROL
5 non-polymer 1,2-ETHANEDIOL
6 water water
#
_entity_poly.entity_id   1
_entity_poly.type   'polypeptide(L)'
_entity_poly.pdbx_seq_one_letter_code
;GPGSMKDDHKAQHRFAGLATRAIHSGYRPDPATGAVNAPIYASSTFAQDGVGGLRGGYEYARTGNPTRTALEAALAAVED
AAFGRAFSSGMAAADCALRAMLRPGDHVVIPDDAYGGTFRLIDKVFTGWNVEYTPVALADLDAVRAAIRPTTRLIWVETP
TNPLLSIADIAGIAQLGADSSAKVLVDNTFASPALQQPLSLGADVVLHSTT(LLP)YIGGHSDVVGGALVTNDEELDQSF
AFLQNGAGAVPGPFDAYLTMRGLKTLVLRMQRHSENAAAVAEFLAEHPAISTVLYPGLPSHPGHAVAARQMRGFGGMVSV
RMRAGRTAAEQLCAKTNIFILAESLGSVESLIEHPSAMTHASTAGSQLEVPDDLVRLSVGIEDVADLLDDLKQALG
;
_entity_poly.pdbx_strand_id   A,B,C,D
#
loop_
_chem_comp.id
_chem_comp.type
_chem_comp.name
_chem_comp.formula
EDO non-polymer 1,2-ETHANEDIOL 'C2 H6 O2'
GOL non-polymer GLYCEROL 'C3 H8 O3'
NA non-polymer 'SODIUM ION' 'Na 1'
SO4 non-polymer 'SULFATE ION' 'O4 S -2'
#
# COMPACT_ATOMS: atom_id res chain seq x y z
N ALA A 16 -6.07 -19.15 -22.97
CA ALA A 16 -5.34 -19.78 -24.16
C ALA A 16 -3.96 -19.25 -24.33
N GLY A 17 -3.75 -18.13 -25.04
CA GLY A 17 -2.42 -17.46 -25.20
C GLY A 17 -1.80 -17.15 -23.86
N LEU A 18 -0.47 -17.17 -23.74
CA LEU A 18 0.15 -16.78 -22.48
C LEU A 18 -0.13 -15.34 -22.02
N ALA A 19 -0.18 -14.35 -22.91
CA ALA A 19 -0.46 -12.94 -22.37
C ALA A 19 -1.93 -12.88 -21.79
N THR A 20 -2.81 -13.62 -22.44
CA THR A 20 -4.17 -13.79 -22.01
C THR A 20 -4.18 -14.44 -20.68
N ARG A 21 -3.46 -15.59 -20.51
CA ARG A 21 -3.39 -16.26 -19.23
C ARG A 21 -2.85 -15.40 -18.10
N ALA A 22 -1.79 -14.64 -18.38
CA ALA A 22 -1.13 -13.76 -17.37
C ALA A 22 -2.18 -12.76 -16.87
N ILE A 23 -3.16 -12.43 -17.72
CA ILE A 23 -4.18 -11.44 -17.40
C ILE A 23 -5.39 -12.04 -16.72
N HIS A 24 -5.82 -13.22 -17.09
CA HIS A 24 -7.11 -13.69 -16.71
C HIS A 24 -7.08 -14.99 -15.85
N SER A 25 -5.99 -15.74 -15.85
CA SER A 25 -6.06 -17.12 -15.33
C SER A 25 -6.10 -17.26 -13.79
N GLY A 26 -5.42 -16.40 -13.02
CA GLY A 26 -5.24 -16.64 -11.57
C GLY A 26 -6.18 -15.88 -10.60
N TYR A 27 -6.97 -14.97 -11.06
CA TYR A 27 -8.03 -14.36 -10.24
C TYR A 27 -9.19 -14.11 -11.17
N ARG A 28 -10.35 -14.59 -10.81
CA ARG A 28 -11.58 -14.34 -11.54
C ARG A 28 -12.30 -13.17 -10.81
N PRO A 29 -12.89 -12.21 -11.56
CA PRO A 29 -13.59 -11.15 -10.87
C PRO A 29 -14.57 -11.63 -9.80
N ASP A 30 -14.55 -10.93 -8.69
CA ASP A 30 -15.14 -11.34 -7.44
C ASP A 30 -16.62 -11.58 -7.57
N PRO A 31 -17.17 -12.68 -7.04
CA PRO A 31 -18.62 -12.86 -7.15
C PRO A 31 -19.40 -11.78 -6.37
N ALA A 32 -18.89 -11.37 -5.21
CA ALA A 32 -19.60 -10.40 -4.35
C ALA A 32 -19.67 -8.94 -4.91
N THR A 33 -18.59 -8.51 -5.55
CA THR A 33 -18.42 -7.12 -5.93
C THR A 33 -18.05 -6.90 -7.40
N GLY A 34 -17.62 -7.96 -8.08
CA GLY A 34 -17.19 -7.84 -9.49
C GLY A 34 -15.76 -7.28 -9.64
N ALA A 35 -15.14 -6.89 -8.55
CA ALA A 35 -13.78 -6.22 -8.61
C ALA A 35 -12.90 -6.96 -9.60
N VAL A 36 -12.35 -6.24 -10.60
CA VAL A 36 -11.59 -6.93 -11.68
C VAL A 36 -10.18 -7.40 -11.28
N ASN A 37 -9.62 -6.78 -10.24
CA ASN A 37 -8.30 -7.14 -9.71
C ASN A 37 -8.46 -7.86 -8.37
N ALA A 38 -7.48 -8.73 -8.05
CA ALA A 38 -7.36 -9.40 -6.73
C ALA A 38 -7.26 -8.34 -5.65
N PRO A 39 -8.25 -8.29 -4.76
CA PRO A 39 -8.15 -7.35 -3.63
C PRO A 39 -6.91 -7.67 -2.77
N ILE A 40 -6.38 -6.61 -2.17
CA ILE A 40 -5.25 -6.68 -1.24
C ILE A 40 -5.87 -6.90 0.16
N TYR A 41 -5.94 -8.16 0.56
CA TYR A 41 -6.48 -8.52 1.89
C TYR A 41 -5.41 -8.41 2.96
N ALA A 42 -5.36 -7.24 3.58
CA ALA A 42 -4.49 -7.03 4.72
C ALA A 42 -5.25 -7.46 5.99
N SER A 43 -5.24 -8.77 6.17
CA SER A 43 -5.81 -9.46 7.33
C SER A 43 -4.87 -10.61 7.64
N SER A 44 -4.52 -10.75 8.93
CA SER A 44 -3.62 -11.82 9.27
C SER A 44 -4.46 -13.03 9.62
N THR A 45 -5.76 -12.79 9.86
CA THR A 45 -6.65 -13.80 10.32
C THR A 45 -8.02 -13.66 9.71
N PHE A 46 -8.77 -14.73 9.92
CA PHE A 46 -10.03 -14.93 9.21
C PHE A 46 -11.16 -15.55 10.06
N ALA A 47 -12.27 -14.85 10.13
CA ALA A 47 -13.42 -15.33 10.92
C ALA A 47 -13.92 -16.74 10.48
N GLN A 48 -14.37 -17.57 11.45
CA GLN A 48 -14.84 -18.92 11.21
C GLN A 48 -16.28 -19.05 11.70
N ASP A 49 -17.04 -19.93 11.06
CA ASP A 49 -18.46 -20.14 11.41
C ASP A 49 -18.55 -21.39 12.30
N GLY A 50 -18.59 -21.17 13.61
CA GLY A 50 -18.30 -22.21 14.62
C GLY A 50 -16.90 -22.76 14.43
N VAL A 51 -16.39 -23.49 15.41
CA VAL A 51 -14.97 -23.86 15.38
C VAL A 51 -14.63 -24.76 14.18
N GLY A 52 -13.66 -24.31 13.38
CA GLY A 52 -13.30 -24.98 12.12
C GLY A 52 -14.23 -24.83 10.92
N GLY A 53 -15.32 -24.08 11.08
CA GLY A 53 -16.14 -23.73 9.96
C GLY A 53 -15.41 -22.66 9.13
N LEU A 54 -14.44 -23.10 8.32
CA LEU A 54 -13.60 -22.13 7.61
C LEU A 54 -14.37 -21.48 6.46
N ARG A 55 -13.97 -20.27 6.10
CA ARG A 55 -14.61 -19.55 4.98
C ARG A 55 -13.63 -19.52 3.86
N GLY A 56 -13.99 -20.18 2.76
CA GLY A 56 -13.08 -20.36 1.59
C GLY A 56 -11.75 -21.02 1.94
N GLY A 57 -11.72 -21.76 3.04
CA GLY A 57 -10.49 -22.45 3.44
C GLY A 57 -9.46 -21.61 4.15
N TYR A 58 -9.79 -20.35 4.40
CA TYR A 58 -8.84 -19.44 5.07
C TYR A 58 -8.89 -19.49 6.60
N GLU A 59 -7.73 -19.58 7.23
CA GLU A 59 -7.64 -19.54 8.67
C GLU A 59 -6.56 -18.67 9.28
N TYR A 60 -5.41 -18.55 8.63
CA TYR A 60 -4.32 -17.68 9.10
C TYR A 60 -3.42 -17.30 7.94
N ALA A 61 -3.05 -16.03 7.89
CA ALA A 61 -2.42 -15.46 6.68
C ALA A 61 -1.18 -16.16 6.26
N ARG A 62 -0.27 -16.48 7.21
CA ARG A 62 0.97 -17.14 6.83
C ARG A 62 0.70 -18.48 6.12
N THR A 63 -0.28 -19.21 6.60
CA THR A 63 -0.72 -20.50 5.97
C THR A 63 -1.27 -20.30 4.59
N GLY A 64 -2.07 -19.26 4.47
CA GLY A 64 -2.67 -18.96 3.20
C GLY A 64 -3.53 -17.74 3.31
N ASN A 65 -3.51 -16.91 2.26
CA ASN A 65 -4.39 -15.78 2.26
C ASN A 65 -4.84 -15.45 0.82
N PRO A 66 -5.98 -14.82 0.67
CA PRO A 66 -6.59 -14.68 -0.68
C PRO A 66 -5.71 -14.01 -1.75
N THR A 67 -5.02 -12.97 -1.38
CA THR A 67 -4.13 -12.27 -2.36
C THR A 67 -2.98 -13.17 -2.80
N ARG A 68 -2.31 -13.84 -1.82
CA ARG A 68 -1.32 -14.79 -2.17
C ARG A 68 -1.86 -15.95 -3.03
N THR A 69 -3.05 -16.47 -2.75
CA THR A 69 -3.66 -17.51 -3.60
C THR A 69 -3.81 -17.11 -5.05
N ALA A 70 -4.29 -15.87 -5.27
CA ALA A 70 -4.36 -15.30 -6.61
C ALA A 70 -3.02 -15.23 -7.32
N LEU A 71 -2.00 -14.73 -6.65
CA LEU A 71 -0.64 -14.71 -7.19
C LEU A 71 -0.12 -16.13 -7.54
N GLU A 72 -0.33 -17.07 -6.65
CA GLU A 72 0.11 -18.44 -6.85
C GLU A 72 -0.59 -19.08 -8.09
N ALA A 73 -1.86 -18.78 -8.24
CA ALA A 73 -2.68 -19.24 -9.35
C ALA A 73 -2.21 -18.61 -10.69
N ALA A 74 -1.85 -17.32 -10.67
CA ALA A 74 -1.25 -16.68 -11.82
C ALA A 74 0.15 -17.24 -12.16
N LEU A 75 0.95 -17.44 -11.14
CA LEU A 75 2.31 -17.90 -11.35
C LEU A 75 2.30 -19.33 -11.97
N ALA A 76 1.43 -20.17 -11.42
CA ALA A 76 1.27 -21.51 -11.89
C ALA A 76 0.76 -21.47 -13.35
N ALA A 77 -0.28 -20.70 -13.63
CA ALA A 77 -0.80 -20.61 -14.99
C ALA A 77 0.27 -20.28 -16.06
N VAL A 78 1.13 -19.32 -15.76
CA VAL A 78 2.04 -18.82 -16.77
C VAL A 78 3.14 -19.81 -17.03
N GLU A 79 3.33 -20.76 -16.12
CA GLU A 79 4.30 -21.79 -16.46
C GLU A 79 3.62 -23.11 -16.79
N ASP A 80 2.30 -23.11 -17.00
CA ASP A 80 1.50 -24.36 -17.26
C ASP A 80 1.61 -25.39 -16.15
N ALA A 81 1.75 -24.88 -14.90
CA ALA A 81 1.98 -25.67 -13.71
C ALA A 81 0.66 -25.80 -12.95
N ALA A 82 0.50 -26.94 -12.34
CA ALA A 82 -0.64 -27.26 -11.51
C ALA A 82 -0.52 -26.64 -10.14
N PHE A 83 0.73 -26.38 -9.71
CA PHE A 83 0.96 -25.85 -8.36
C PHE A 83 1.88 -24.65 -8.29
N GLY A 84 1.55 -23.65 -7.46
CA GLY A 84 2.43 -22.43 -7.33
C GLY A 84 2.53 -22.09 -5.85
N ARG A 85 3.68 -21.59 -5.44
CA ARG A 85 3.90 -21.13 -4.08
C ARG A 85 4.76 -19.81 -4.13
N ALA A 86 4.30 -18.76 -3.44
CA ALA A 86 4.96 -17.43 -3.49
C ALA A 86 5.66 -17.27 -2.13
N PHE A 87 6.81 -16.61 -2.24
CA PHE A 87 7.71 -16.31 -1.14
C PHE A 87 8.14 -14.83 -1.14
N SER A 88 8.75 -14.44 -0.01
CA SER A 88 9.19 -13.07 0.23
C SER A 88 10.40 -12.63 -0.59
N SER A 89 11.02 -13.53 -1.36
CA SER A 89 12.18 -13.23 -2.18
C SER A 89 12.51 -14.50 -3.00
N GLY A 90 13.17 -14.31 -4.11
CA GLY A 90 13.75 -15.47 -4.82
C GLY A 90 14.64 -16.34 -3.97
N MET A 91 15.55 -15.75 -3.18
CA MET A 91 16.28 -16.55 -2.15
C MET A 91 15.46 -17.44 -1.18
N ALA A 92 14.31 -16.91 -0.70
CA ALA A 92 13.43 -17.66 0.16
C ALA A 92 12.82 -18.80 -0.64
N ALA A 93 12.53 -18.60 -1.93
CA ALA A 93 12.04 -19.68 -2.77
C ALA A 93 13.15 -20.76 -2.88
N ALA A 94 14.40 -20.28 -3.10
CA ALA A 94 15.55 -21.19 -3.22
C ALA A 94 15.76 -21.96 -1.87
N ASP A 95 15.71 -21.27 -0.76
CA ASP A 95 15.95 -21.94 0.53
C ASP A 95 14.85 -23.01 0.72
N CYS A 96 13.60 -22.66 0.34
CA CYS A 96 12.50 -23.67 0.49
C CYS A 96 12.77 -24.85 -0.38
N ALA A 97 13.19 -24.59 -1.63
CA ALA A 97 13.44 -25.67 -2.54
C ALA A 97 14.53 -26.62 -2.00
N LEU A 98 15.66 -26.07 -1.52
CA LEU A 98 16.79 -26.88 -1.03
C LEU A 98 16.37 -27.66 0.24
N ARG A 99 15.66 -27.00 1.17
CA ARG A 99 15.29 -27.62 2.41
C ARG A 99 14.18 -28.70 2.20
N ALA A 100 13.33 -28.47 1.17
CA ALA A 100 12.28 -29.41 0.82
C ALA A 100 12.88 -30.67 0.20
N MET A 101 13.93 -30.55 -0.58
CA MET A 101 14.43 -31.68 -1.40
C MET A 101 15.74 -32.33 -0.90
N LEU A 102 16.42 -31.64 0.05
CA LEU A 102 17.65 -32.21 0.60
C LEU A 102 17.56 -32.44 2.08
N ARG A 103 18.47 -33.29 2.57
CA ARG A 103 18.71 -33.49 4.01
C ARG A 103 20.18 -33.67 4.27
N PRO A 104 20.59 -33.81 5.54
CA PRO A 104 22.01 -33.93 5.78
C PRO A 104 22.52 -35.15 5.16
N GLY A 105 23.70 -35.03 4.54
CA GLY A 105 24.28 -36.12 3.82
C GLY A 105 23.89 -36.24 2.36
N ASP A 106 22.95 -35.43 1.92
CA ASP A 106 22.56 -35.42 0.49
C ASP A 106 23.51 -34.46 -0.24
N HIS A 107 23.44 -34.45 -1.58
CA HIS A 107 24.34 -33.71 -2.43
C HIS A 107 23.53 -32.98 -3.47
N VAL A 108 24.01 -31.82 -3.91
CA VAL A 108 23.43 -31.12 -5.06
C VAL A 108 24.49 -30.80 -6.12
N VAL A 109 24.17 -30.97 -7.39
CA VAL A 109 24.98 -30.57 -8.53
C VAL A 109 24.51 -29.16 -8.86
N ILE A 110 25.44 -28.24 -9.04
CA ILE A 110 25.12 -26.83 -9.28
C ILE A 110 25.90 -26.27 -10.51
N PRO A 111 25.42 -25.14 -11.04
CA PRO A 111 26.11 -24.52 -12.17
C PRO A 111 27.43 -23.95 -11.63
N ASP A 112 28.45 -23.93 -12.45
CA ASP A 112 29.79 -23.45 -12.00
C ASP A 112 29.82 -21.96 -12.07
N ASP A 113 28.82 -21.39 -12.68
CA ASP A 113 28.66 -19.91 -12.72
C ASP A 113 27.22 -19.57 -12.39
N ALA A 114 26.83 -19.96 -11.18
CA ALA A 114 25.46 -19.77 -10.71
C ALA A 114 25.35 -18.31 -10.26
N TYR A 115 24.12 -17.86 -10.08
CA TYR A 115 23.80 -16.59 -9.41
C TYR A 115 24.51 -16.51 -8.02
N GLY A 116 25.28 -15.46 -7.76
CA GLY A 116 26.03 -15.36 -6.50
C GLY A 116 25.22 -15.62 -5.22
N GLY A 117 23.92 -15.29 -5.19
CA GLY A 117 23.15 -15.54 -4.00
C GLY A 117 22.84 -17.02 -3.72
N THR A 118 22.59 -17.76 -4.81
CA THR A 118 22.31 -19.19 -4.72
C THR A 118 23.59 -19.78 -4.26
N PHE A 119 24.69 -19.45 -4.92
CA PHE A 119 25.94 -20.07 -4.51
C PHE A 119 26.29 -19.77 -3.05
N ARG A 120 26.14 -18.52 -2.61
CA ARG A 120 26.46 -18.18 -1.27
C ARG A 120 25.57 -18.94 -0.29
N LEU A 121 24.26 -19.04 -0.55
CA LEU A 121 23.36 -19.79 0.36
C LEU A 121 23.83 -21.29 0.49
N ILE A 122 24.20 -21.91 -0.64
CA ILE A 122 24.62 -23.33 -0.65
C ILE A 122 26.00 -23.46 0.00
N ASP A 123 26.91 -22.60 -0.42
CA ASP A 123 28.33 -22.81 0.01
C ASP A 123 28.58 -22.37 1.46
N LYS A 124 27.92 -21.30 1.86
CA LYS A 124 28.07 -20.72 3.15
C LYS A 124 27.11 -21.26 4.19
N VAL A 125 25.89 -21.60 3.82
CA VAL A 125 24.95 -22.03 4.82
C VAL A 125 24.74 -23.53 4.76
N PHE A 126 24.36 -24.08 3.59
CA PHE A 126 24.03 -25.52 3.54
C PHE A 126 25.20 -26.50 3.84
N THR A 127 26.44 -26.09 3.56
CA THR A 127 27.59 -26.92 3.79
C THR A 127 27.77 -27.12 5.31
N GLY A 128 27.35 -26.11 6.08
CA GLY A 128 27.14 -26.13 7.56
C GLY A 128 26.20 -27.20 8.14
N TRP A 129 25.23 -27.60 7.31
CA TRP A 129 24.18 -28.46 7.62
C TRP A 129 24.37 -29.76 6.90
N ASN A 130 25.64 -30.03 6.47
CA ASN A 130 26.05 -31.35 5.97
C ASN A 130 25.49 -31.74 4.61
N VAL A 131 25.11 -30.73 3.82
CA VAL A 131 24.75 -30.95 2.42
C VAL A 131 25.98 -30.66 1.60
N GLU A 132 26.29 -31.55 0.67
CA GLU A 132 27.46 -31.36 -0.23
C GLU A 132 27.07 -30.84 -1.58
N TYR A 133 27.99 -30.22 -2.30
CA TYR A 133 27.65 -29.81 -3.68
C TYR A 133 28.84 -30.03 -4.64
N THR A 134 28.56 -30.09 -5.94
CA THR A 134 29.65 -30.05 -6.91
C THR A 134 29.25 -29.08 -7.97
N PRO A 135 30.07 -28.04 -8.24
CA PRO A 135 29.79 -27.20 -9.42
C PRO A 135 30.23 -27.85 -10.72
N VAL A 136 29.51 -27.62 -11.83
CA VAL A 136 29.93 -28.17 -13.11
CA VAL A 136 29.85 -28.21 -13.11
C VAL A 136 29.47 -27.26 -14.24
N ALA A 137 30.11 -27.45 -15.36
CA ALA A 137 29.73 -26.65 -16.57
C ALA A 137 28.45 -27.28 -17.08
N LEU A 138 27.29 -26.69 -16.83
CA LEU A 138 26.00 -27.31 -17.23
C LEU A 138 25.83 -27.62 -18.74
N ALA A 139 26.59 -26.91 -19.59
CA ALA A 139 26.62 -27.19 -21.07
C ALA A 139 27.27 -28.56 -21.46
N ASP A 140 28.08 -29.11 -20.57
CA ASP A 140 28.74 -30.37 -20.82
C ASP A 140 27.87 -31.47 -20.16
N LEU A 141 26.95 -32.11 -20.90
CA LEU A 141 26.06 -33.07 -20.27
C LEU A 141 26.86 -34.28 -19.71
N ASP A 142 28.01 -34.62 -20.29
CA ASP A 142 28.74 -35.78 -19.74
C ASP A 142 29.31 -35.39 -18.37
N ALA A 143 29.66 -34.11 -18.22
CA ALA A 143 30.29 -33.67 -16.97
C ALA A 143 29.21 -33.55 -15.89
N VAL A 144 28.01 -33.08 -16.27
CA VAL A 144 26.90 -33.00 -15.34
C VAL A 144 26.60 -34.47 -14.82
N ARG A 145 26.58 -35.41 -15.76
CA ARG A 145 26.27 -36.80 -15.42
C ARG A 145 27.33 -37.33 -14.46
N ALA A 146 28.61 -37.02 -14.76
CA ALA A 146 29.77 -37.42 -13.89
C ALA A 146 29.78 -36.84 -12.52
N ALA A 147 29.09 -35.74 -12.34
CA ALA A 147 29.07 -35.06 -11.08
C ALA A 147 28.00 -35.65 -10.12
N ILE A 148 27.13 -36.53 -10.66
CA ILE A 148 26.06 -37.20 -9.95
C ILE A 148 26.61 -38.39 -9.14
N ARG A 149 26.34 -38.37 -7.85
CA ARG A 149 26.83 -39.40 -6.88
C ARG A 149 25.60 -40.11 -6.45
N PRO A 150 25.74 -41.25 -5.71
CA PRO A 150 24.54 -41.92 -5.22
C PRO A 150 23.69 -41.08 -4.24
N THR A 151 24.28 -40.05 -3.67
CA THR A 151 23.59 -39.17 -2.73
C THR A 151 23.02 -37.92 -3.37
N THR A 152 23.19 -37.77 -4.69
CA THR A 152 22.67 -36.60 -5.42
C THR A 152 21.16 -36.67 -5.58
N ARG A 153 20.51 -35.75 -4.90
CA ARG A 153 19.03 -35.68 -4.87
C ARG A 153 18.48 -34.54 -5.71
N LEU A 154 19.35 -33.62 -6.09
CA LEU A 154 18.90 -32.42 -6.79
C LEU A 154 19.98 -31.95 -7.78
N ILE A 155 19.53 -31.45 -8.94
CA ILE A 155 20.39 -30.82 -9.88
C ILE A 155 19.82 -29.45 -10.05
N TRP A 156 20.69 -28.47 -9.82
CA TRP A 156 20.30 -27.10 -9.79
C TRP A 156 20.70 -26.38 -11.11
N VAL A 157 19.70 -26.15 -11.99
CA VAL A 157 19.92 -25.62 -13.34
C VAL A 157 19.60 -24.12 -13.39
N GLU A 158 20.47 -23.36 -14.01
CA GLU A 158 20.15 -21.96 -14.23
C GLU A 158 20.50 -21.59 -15.70
N THR A 159 19.60 -20.88 -16.39
CA THR A 159 19.77 -20.74 -17.88
C THR A 159 18.84 -19.76 -18.47
N PRO A 160 19.42 -18.74 -19.08
CA PRO A 160 20.79 -18.26 -19.07
C PRO A 160 21.32 -17.79 -17.72
N THR A 161 22.65 -17.88 -17.51
CA THR A 161 23.24 -17.77 -16.15
C THR A 161 23.55 -16.29 -15.92
N ASN A 162 23.68 -15.93 -14.65
CA ASN A 162 23.90 -14.58 -14.22
C ASN A 162 25.31 -14.51 -13.66
N PRO A 163 26.27 -13.89 -14.41
CA PRO A 163 25.98 -12.86 -15.47
C PRO A 163 26.42 -13.19 -16.83
N LEU A 164 26.89 -14.44 -17.01
CA LEU A 164 27.66 -14.84 -18.18
C LEU A 164 26.78 -15.30 -19.36
N LEU A 165 25.53 -15.59 -19.04
CA LEU A 165 24.52 -15.95 -19.98
C LEU A 165 24.81 -17.27 -20.73
N SER A 166 25.56 -18.17 -20.09
CA SER A 166 25.70 -19.52 -20.53
C SER A 166 24.36 -20.27 -20.52
N ILE A 167 24.28 -21.24 -21.46
CA ILE A 167 23.05 -22.02 -21.74
C ILE A 167 23.23 -23.49 -21.38
N ALA A 168 22.19 -24.05 -20.74
CA ALA A 168 22.15 -25.48 -20.27
C ALA A 168 21.01 -26.05 -21.00
N ASP A 169 21.19 -27.27 -21.45
CA ASP A 169 20.14 -28.01 -22.20
C ASP A 169 19.17 -28.64 -21.20
N ILE A 170 18.03 -27.98 -20.98
CA ILE A 170 17.11 -28.38 -19.89
C ILE A 170 16.66 -29.81 -20.07
N ALA A 171 16.18 -30.11 -21.27
CA ALA A 171 15.64 -31.40 -21.58
C ALA A 171 16.75 -32.43 -21.38
N GLY A 172 17.97 -32.03 -21.75
CA GLY A 172 19.11 -32.93 -21.62
C GLY A 172 19.44 -33.25 -20.16
N ILE A 173 19.44 -32.23 -19.31
CA ILE A 173 19.62 -32.44 -17.86
C ILE A 173 18.52 -33.17 -17.18
N ALA A 174 17.29 -32.85 -17.51
CA ALA A 174 16.13 -33.56 -17.03
C ALA A 174 16.22 -35.04 -17.27
N GLN A 175 16.80 -35.43 -18.41
CA GLN A 175 16.95 -36.88 -18.69
C GLN A 175 17.97 -37.43 -17.75
N LEU A 176 19.08 -36.71 -17.55
CA LEU A 176 20.00 -37.14 -16.50
C LEU A 176 19.42 -37.29 -15.13
N GLY A 177 18.62 -36.32 -14.70
CA GLY A 177 18.01 -36.47 -13.38
C GLY A 177 17.15 -37.72 -13.26
N ALA A 178 16.34 -37.93 -14.29
CA ALA A 178 15.46 -39.09 -14.33
C ALA A 178 16.22 -40.38 -14.23
N ASP A 179 17.26 -40.56 -15.08
CA ASP A 179 18.14 -41.73 -15.02
C ASP A 179 18.66 -42.00 -13.59
N SER A 180 18.96 -40.97 -12.80
CA SER A 180 19.57 -41.17 -11.46
C SER A 180 18.70 -40.82 -10.27
N SER A 181 17.39 -40.67 -10.47
CA SER A 181 16.47 -40.19 -9.43
C SER A 181 16.93 -38.93 -8.67
N ALA A 182 17.32 -37.93 -9.41
CA ALA A 182 17.60 -36.66 -8.83
C ALA A 182 16.59 -35.71 -9.45
N LYS A 183 16.00 -34.83 -8.64
CA LYS A 183 15.04 -33.90 -9.14
C LYS A 183 15.82 -32.81 -9.84
N VAL A 184 15.14 -32.10 -10.70
CA VAL A 184 15.76 -31.10 -11.55
C VAL A 184 14.94 -29.86 -11.29
N LEU A 185 15.64 -28.81 -10.87
CA LEU A 185 15.06 -27.47 -10.69
C LEU A 185 15.67 -26.55 -11.70
N VAL A 186 14.86 -25.70 -12.33
CA VAL A 186 15.35 -24.64 -13.15
C VAL A 186 14.99 -23.25 -12.56
N ASP A 187 16.00 -22.47 -12.29
CA ASP A 187 15.84 -21.06 -11.95
C ASP A 187 15.58 -20.43 -13.30
N ASN A 188 14.33 -20.07 -13.57
CA ASN A 188 13.92 -19.53 -14.81
C ASN A 188 13.81 -18.02 -14.75
N THR A 189 14.57 -17.37 -13.87
CA THR A 189 14.43 -15.87 -13.63
C THR A 189 14.67 -14.98 -14.86
N PHE A 190 15.84 -15.17 -15.52
CA PHE A 190 16.30 -14.35 -16.61
C PHE A 190 15.46 -14.46 -17.82
N ALA A 191 15.07 -15.70 -18.10
CA ALA A 191 14.29 -16.03 -19.29
C ALA A 191 12.82 -15.58 -19.10
N SER A 192 12.28 -15.96 -17.90
CA SER A 192 10.92 -15.76 -17.45
C SER A 192 9.96 -16.70 -18.18
N PRO A 193 8.73 -16.70 -17.79
CA PRO A 193 7.79 -17.68 -18.38
C PRO A 193 7.46 -17.34 -19.86
N ALA A 194 7.63 -16.08 -20.22
CA ALA A 194 7.37 -15.56 -21.51
C ALA A 194 8.32 -16.16 -22.53
N LEU A 195 9.55 -16.51 -22.12
CA LEU A 195 10.54 -17.03 -23.06
C LEU A 195 10.93 -18.51 -22.92
N GLN A 196 10.64 -19.15 -21.81
CA GLN A 196 11.08 -20.53 -21.54
C GLN A 196 10.11 -21.16 -20.62
N GLN A 197 9.87 -22.43 -20.87
CA GLN A 197 8.92 -23.17 -20.10
C GLN A 197 9.52 -24.50 -19.55
N PRO A 198 10.33 -24.42 -18.48
CA PRO A 198 11.12 -25.66 -18.13
C PRO A 198 10.33 -26.89 -17.78
N LEU A 199 9.12 -26.73 -17.21
CA LEU A 199 8.29 -27.91 -16.91
C LEU A 199 7.89 -28.72 -18.23
N SER A 200 7.69 -28.02 -19.35
CA SER A 200 7.40 -28.65 -20.67
C SER A 200 8.61 -29.37 -21.15
N LEU A 201 9.77 -29.09 -20.54
CA LEU A 201 11.03 -29.69 -20.95
C LEU A 201 11.60 -30.71 -19.96
N GLY A 202 10.81 -31.13 -18.96
CA GLY A 202 11.22 -32.12 -18.01
C GLY A 202 11.72 -31.70 -16.65
N ALA A 203 11.86 -30.39 -16.43
CA ALA A 203 12.13 -29.93 -15.06
C ALA A 203 11.04 -30.43 -14.10
N ASP A 204 11.41 -30.70 -12.89
CA ASP A 204 10.47 -31.03 -11.83
C ASP A 204 9.88 -29.79 -11.17
N VAL A 205 10.73 -28.77 -11.01
CA VAL A 205 10.37 -27.49 -10.33
CA VAL A 205 10.29 -27.50 -10.40
C VAL A 205 11.01 -26.32 -11.05
N VAL A 206 10.35 -25.17 -11.05
CA VAL A 206 10.85 -23.98 -11.62
C VAL A 206 10.84 -22.99 -10.54
N LEU A 207 11.94 -22.24 -10.41
CA LEU A 207 12.09 -21.17 -9.49
C LEU A 207 12.14 -19.84 -10.21
N HIS A 208 11.53 -18.79 -9.60
CA HIS A 208 11.70 -17.40 -10.03
C HIS A 208 12.05 -16.47 -8.87
N SER A 209 13.02 -15.60 -9.12
CA SER A 209 12.96 -14.32 -8.43
C SER A 209 11.96 -13.41 -9.16
N THR A 210 10.76 -13.20 -8.62
CA THR A 210 9.82 -12.27 -9.27
C THR A 210 10.23 -10.80 -9.03
N THR A 211 11.16 -10.60 -8.12
CA THR A 211 11.87 -9.30 -8.07
C THR A 211 12.40 -8.73 -9.40
N1 LLP A 212 18.16 -16.07 -9.11
C2 LLP A 212 18.54 -15.12 -10.09
C2' LLP A 212 18.95 -15.52 -11.51
C3 LLP A 212 18.49 -13.74 -9.80
O3 LLP A 212 18.90 -12.95 -10.66
C4 LLP A 212 18.11 -13.27 -8.53
C4' LLP A 212 18.12 -11.74 -8.29
C5 LLP A 212 17.82 -14.25 -7.53
C6 LLP A 212 17.83 -15.63 -7.83
C5' LLP A 212 17.43 -13.95 -6.13
OP4 LLP A 212 16.16 -13.31 -5.95
P LLP A 212 15.90 -12.28 -4.75
OP1 LLP A 212 16.83 -11.14 -4.86
OP2 LLP A 212 14.46 -11.87 -5.14
OP3 LLP A 212 16.07 -13.00 -3.44
N LLP A 212 12.77 -9.62 -10.30
CA LLP A 212 13.26 -9.22 -11.63
CB LLP A 212 14.28 -10.29 -12.10
CG LLP A 212 15.59 -10.28 -11.35
CD LLP A 212 15.57 -9.81 -9.97
CE LLP A 212 16.94 -9.83 -9.29
NZ LLP A 212 17.83 -11.04 -9.45
C LLP A 212 12.14 -9.05 -12.67
O LLP A 212 11.27 -8.19 -12.53
N TYR A 213 12.15 -9.85 -13.73
CA TYR A 213 11.26 -9.60 -14.86
C TYR A 213 9.78 -9.65 -14.57
N ILE A 214 9.33 -10.51 -13.64
CA ILE A 214 7.91 -10.75 -13.50
C ILE A 214 7.25 -9.54 -12.84
N GLY A 215 7.80 -9.07 -11.73
CA GLY A 215 7.33 -7.78 -11.17
C GLY A 215 7.57 -6.65 -12.15
N GLY A 216 8.80 -6.58 -12.66
CA GLY A 216 9.08 -5.85 -13.86
C GLY A 216 9.45 -4.40 -13.64
N HIS A 217 9.30 -3.90 -12.41
CA HIS A 217 9.37 -2.47 -12.10
C HIS A 217 10.25 -2.14 -10.90
N SER A 218 11.15 -3.03 -10.53
CA SER A 218 12.08 -2.83 -9.40
C SER A 218 11.38 -2.27 -8.14
N ASP A 219 10.17 -2.75 -7.84
CA ASP A 219 9.45 -2.24 -6.70
C ASP A 219 8.86 -3.29 -5.71
N VAL A 220 9.11 -4.57 -5.97
CA VAL A 220 8.68 -5.61 -5.10
C VAL A 220 9.75 -6.72 -5.12
N VAL A 221 10.19 -7.15 -3.96
CA VAL A 221 11.00 -8.27 -3.76
C VAL A 221 10.08 -9.51 -3.56
N GLY A 222 10.32 -10.60 -4.24
CA GLY A 222 9.45 -11.75 -4.25
C GLY A 222 10.14 -12.94 -4.96
N GLY A 223 9.61 -14.13 -4.67
CA GLY A 223 10.05 -15.38 -5.21
C GLY A 223 8.88 -16.36 -5.46
N ALA A 224 9.18 -17.43 -6.19
CA ALA A 224 8.14 -18.43 -6.62
C ALA A 224 8.77 -19.77 -6.90
N LEU A 225 8.07 -20.81 -6.52
CA LEU A 225 8.35 -22.20 -6.86
C LEU A 225 7.02 -22.69 -7.47
N VAL A 226 7.12 -23.25 -8.67
CA VAL A 226 5.98 -23.87 -9.40
C VAL A 226 6.36 -25.29 -9.79
N THR A 227 5.36 -26.18 -9.80
CA THR A 227 5.65 -27.61 -10.09
C THR A 227 4.32 -28.27 -10.46
N ASN A 228 4.42 -29.43 -11.10
CA ASN A 228 3.26 -30.30 -11.36
C ASN A 228 3.14 -31.40 -10.36
N ASP A 229 4.18 -31.58 -9.54
CA ASP A 229 4.25 -32.69 -8.59
C ASP A 229 3.58 -32.29 -7.28
N GLU A 230 2.43 -32.89 -6.96
CA GLU A 230 1.62 -32.44 -5.84
C GLU A 230 2.36 -32.73 -4.52
N GLU A 231 3.07 -33.86 -4.47
CA GLU A 231 3.91 -34.24 -3.32
C GLU A 231 5.06 -33.21 -3.06
N LEU A 232 5.69 -32.70 -4.10
CA LEU A 232 6.71 -31.68 -3.94
C LEU A 232 6.08 -30.38 -3.54
N ASP A 233 4.98 -29.99 -4.16
CA ASP A 233 4.25 -28.80 -3.69
C ASP A 233 3.88 -28.91 -2.20
N GLN A 234 3.42 -30.08 -1.75
CA GLN A 234 3.15 -30.16 -0.31
C GLN A 234 4.40 -30.00 0.56
N SER A 235 5.55 -30.51 0.13
CA SER A 235 6.82 -30.23 0.81
CA SER A 235 6.82 -30.25 0.84
C SER A 235 7.17 -28.74 0.84
N PHE A 236 6.91 -28.07 -0.26
CA PHE A 236 7.12 -26.63 -0.30
C PHE A 236 6.17 -25.87 0.70
N ALA A 237 4.90 -26.28 0.69
CA ALA A 237 3.87 -25.67 1.50
C ALA A 237 4.22 -25.83 2.95
N PHE A 238 4.74 -27.01 3.30
CA PHE A 238 5.12 -27.24 4.70
C PHE A 238 6.15 -26.23 5.18
N LEU A 239 7.18 -25.98 4.37
CA LEU A 239 8.16 -24.92 4.68
C LEU A 239 7.68 -23.49 4.48
N GLN A 240 6.76 -23.25 3.55
CA GLN A 240 6.22 -21.91 3.33
C GLN A 240 5.51 -21.53 4.66
N ASN A 241 4.63 -22.40 5.12
CA ASN A 241 3.92 -22.20 6.34
C ASN A 241 4.81 -22.22 7.60
N GLY A 242 5.75 -23.15 7.62
CA GLY A 242 6.44 -23.50 8.87
C GLY A 242 7.57 -22.55 9.16
N ALA A 243 8.26 -22.13 8.13
CA ALA A 243 9.38 -21.20 8.24
C ALA A 243 9.04 -19.78 7.81
N GLY A 244 7.91 -19.59 7.11
CA GLY A 244 7.15 -18.33 7.09
C GLY A 244 7.85 -17.28 6.22
N ALA A 245 8.52 -17.66 5.16
CA ALA A 245 9.11 -16.63 4.28
C ALA A 245 8.13 -16.27 3.21
N VAL A 246 7.06 -15.54 3.64
CA VAL A 246 5.89 -15.31 2.84
C VAL A 246 5.69 -13.80 2.45
N PRO A 247 5.12 -13.53 1.24
CA PRO A 247 5.02 -12.12 0.81
C PRO A 247 3.75 -11.55 1.41
N GLY A 248 3.81 -10.27 1.62
CA GLY A 248 2.69 -9.50 2.12
C GLY A 248 1.78 -9.24 0.94
N PRO A 249 0.58 -8.69 1.21
CA PRO A 249 -0.39 -8.72 0.18
C PRO A 249 -0.26 -7.57 -0.76
N PHE A 250 0.26 -6.40 -0.35
CA PHE A 250 0.57 -5.36 -1.35
C PHE A 250 1.62 -5.80 -2.35
N ASP A 251 2.66 -6.48 -1.85
CA ASP A 251 3.74 -6.97 -2.68
C ASP A 251 3.23 -8.02 -3.67
N ALA A 252 2.48 -8.98 -3.13
CA ALA A 252 1.84 -9.99 -3.97
C ALA A 252 1.05 -9.22 -5.06
N TYR A 253 0.33 -8.18 -4.71
CA TYR A 253 -0.49 -7.49 -5.76
C TYR A 253 0.34 -6.85 -6.87
N LEU A 254 1.39 -6.12 -6.49
CA LEU A 254 2.39 -5.58 -7.42
C LEU A 254 3.03 -6.65 -8.40
N THR A 255 3.28 -7.82 -7.85
CA THR A 255 3.92 -8.89 -8.59
C THR A 255 2.89 -9.35 -9.64
N MET A 256 1.58 -9.48 -9.21
CA MET A 256 0.52 -9.89 -10.14
C MET A 256 0.39 -8.79 -11.21
N ARG A 257 0.47 -7.55 -10.75
CA ARG A 257 0.33 -6.43 -11.68
C ARG A 257 1.39 -6.47 -12.76
N GLY A 258 2.64 -6.63 -12.36
CA GLY A 258 3.78 -6.75 -13.33
C GLY A 258 3.53 -7.89 -14.29
N LEU A 259 3.06 -9.02 -13.75
CA LEU A 259 2.91 -10.25 -14.54
C LEU A 259 2.06 -9.99 -15.70
N LYS A 260 1.06 -9.07 -15.58
CA LYS A 260 0.09 -8.86 -16.58
C LYS A 260 0.69 -8.21 -17.81
N THR A 261 1.89 -7.62 -17.73
CA THR A 261 2.49 -7.13 -18.93
C THR A 261 3.87 -7.80 -19.25
N LEU A 262 4.20 -8.82 -18.52
CA LEU A 262 5.41 -9.54 -18.80
C LEU A 262 5.63 -9.90 -20.32
N VAL A 263 4.64 -10.52 -20.97
CA VAL A 263 4.82 -11.04 -22.33
C VAL A 263 5.19 -9.84 -23.26
N LEU A 264 4.44 -8.76 -23.14
CA LEU A 264 4.68 -7.50 -23.84
C LEU A 264 6.04 -6.88 -23.55
N ARG A 265 6.41 -6.69 -22.30
CA ARG A 265 7.70 -6.24 -21.98
C ARG A 265 8.86 -7.17 -22.47
N MET A 266 8.79 -8.48 -22.31
CA MET A 266 9.95 -9.35 -22.66
CA MET A 266 9.95 -9.30 -22.66
C MET A 266 10.26 -9.22 -24.15
N GLN A 267 9.21 -9.00 -24.92
CA GLN A 267 9.34 -8.81 -26.33
C GLN A 267 10.20 -7.56 -26.59
N ARG A 268 9.87 -6.48 -25.96
CA ARG A 268 10.63 -5.30 -26.14
C ARG A 268 12.08 -5.35 -25.52
N HIS A 269 12.26 -5.94 -24.37
CA HIS A 269 13.58 -6.22 -23.79
C HIS A 269 14.41 -7.02 -24.77
N SER A 270 13.82 -7.96 -25.50
CA SER A 270 14.60 -8.80 -26.34
C SER A 270 14.94 -8.05 -27.59
N GLU A 271 14.01 -7.25 -28.11
CA GLU A 271 14.35 -6.45 -29.31
C GLU A 271 15.46 -5.41 -29.03
N ASN A 272 15.32 -4.73 -27.91
CA ASN A 272 16.21 -3.66 -27.51
C ASN A 272 17.56 -4.27 -27.25
N ALA A 273 17.52 -5.46 -26.67
CA ALA A 273 18.78 -6.08 -26.26
C ALA A 273 19.54 -6.57 -27.51
N ALA A 274 18.81 -7.01 -28.53
CA ALA A 274 19.43 -7.47 -29.80
C ALA A 274 20.16 -6.34 -30.46
N ALA A 275 19.50 -5.18 -30.37
CA ALA A 275 20.03 -3.93 -30.96
C ALA A 275 21.27 -3.46 -30.18
N VAL A 276 21.19 -3.54 -28.84
CA VAL A 276 22.32 -3.13 -27.99
C VAL A 276 23.47 -4.07 -28.28
N ALA A 277 23.24 -5.39 -28.32
CA ALA A 277 24.32 -6.34 -28.65
C ALA A 277 24.94 -6.10 -29.99
N GLU A 278 24.17 -5.89 -31.07
CA GLU A 278 24.74 -5.67 -32.43
C GLU A 278 25.59 -4.39 -32.35
N PHE A 279 25.03 -3.38 -31.68
CA PHE A 279 25.75 -2.09 -31.50
C PHE A 279 27.09 -2.31 -30.84
N LEU A 280 27.09 -2.90 -29.66
CA LEU A 280 28.35 -3.17 -28.96
C LEU A 280 29.37 -4.07 -29.66
N ALA A 281 28.86 -5.11 -30.35
CA ALA A 281 29.62 -6.00 -31.16
C ALA A 281 30.47 -5.30 -32.24
N GLU A 282 30.13 -4.06 -32.63
CA GLU A 282 30.89 -3.37 -33.66
CA GLU A 282 30.74 -3.27 -33.69
C GLU A 282 31.64 -2.20 -33.08
N HIS A 283 31.49 -1.98 -31.76
CA HIS A 283 32.15 -0.89 -31.11
C HIS A 283 33.57 -1.32 -30.79
N PRO A 284 34.59 -0.49 -31.10
CA PRO A 284 35.98 -0.93 -30.91
C PRO A 284 36.42 -0.98 -29.43
N ALA A 285 35.67 -0.38 -28.50
CA ALA A 285 35.97 -0.51 -27.07
C ALA A 285 35.61 -1.87 -26.48
N ILE A 286 34.82 -2.64 -27.18
CA ILE A 286 34.28 -3.93 -26.65
C ILE A 286 35.08 -5.09 -27.29
N SER A 287 35.56 -6.01 -26.48
CA SER A 287 36.30 -7.17 -27.06
C SER A 287 35.38 -8.35 -27.31
N THR A 288 34.36 -8.55 -26.47
CA THR A 288 33.43 -9.72 -26.62
C THR A 288 32.03 -9.33 -26.20
N VAL A 289 31.01 -9.86 -26.85
CA VAL A 289 29.61 -9.57 -26.47
C VAL A 289 29.05 -10.92 -26.13
N LEU A 290 28.36 -10.99 -24.99
CA LEU A 290 27.70 -12.17 -24.53
C LEU A 290 26.16 -11.92 -24.63
N TYR A 291 25.50 -12.58 -25.59
CA TYR A 291 24.02 -12.43 -25.87
C TYR A 291 23.57 -13.75 -26.52
N PRO A 292 22.59 -14.45 -25.89
CA PRO A 292 22.23 -15.76 -26.38
C PRO A 292 21.76 -15.75 -27.81
N GLY A 293 21.30 -14.60 -28.25
CA GLY A 293 20.80 -14.47 -29.59
C GLY A 293 21.84 -14.53 -30.68
N LEU A 294 23.10 -14.22 -30.34
CA LEU A 294 24.17 -14.15 -31.31
C LEU A 294 24.57 -15.55 -31.78
N PRO A 295 24.53 -15.80 -33.09
CA PRO A 295 24.95 -17.10 -33.66
C PRO A 295 26.23 -17.67 -33.07
N SER A 296 27.18 -16.79 -32.76
CA SER A 296 28.47 -17.24 -32.31
C SER A 296 28.53 -17.44 -30.81
N HIS A 297 27.46 -17.09 -30.10
CA HIS A 297 27.43 -17.33 -28.67
C HIS A 297 27.37 -18.82 -28.36
N PRO A 298 28.30 -19.30 -27.48
CA PRO A 298 28.21 -20.73 -27.11
C PRO A 298 26.87 -21.09 -26.51
N GLY A 299 26.22 -22.14 -27.02
CA GLY A 299 24.87 -22.49 -26.56
C GLY A 299 23.68 -21.89 -27.35
N HIS A 300 23.97 -21.09 -28.38
CA HIS A 300 22.96 -20.49 -29.22
C HIS A 300 21.94 -21.46 -29.74
N ALA A 301 22.40 -22.60 -30.30
CA ALA A 301 21.44 -23.60 -30.87
C ALA A 301 20.58 -24.23 -29.80
N VAL A 302 21.16 -24.38 -28.64
CA VAL A 302 20.42 -24.95 -27.42
C VAL A 302 19.40 -23.91 -26.94
N ALA A 303 19.84 -22.65 -26.80
CA ALA A 303 18.88 -21.52 -26.49
C ALA A 303 17.79 -21.37 -27.54
N ALA A 304 18.12 -21.52 -28.85
CA ALA A 304 17.07 -21.37 -29.91
C ALA A 304 16.04 -22.44 -29.88
N ARG A 305 16.44 -23.59 -29.42
CA ARG A 305 15.56 -24.76 -29.26
C ARG A 305 14.60 -24.57 -28.10
N GLN A 306 15.07 -23.97 -27.05
CA GLN A 306 14.27 -23.97 -25.82
C GLN A 306 13.70 -22.60 -25.43
N MET A 307 14.11 -21.48 -26.07
CA MET A 307 13.61 -20.17 -25.66
C MET A 307 12.84 -19.58 -26.83
N ARG A 308 11.71 -18.93 -26.55
CA ARG A 308 10.86 -18.30 -27.58
C ARG A 308 11.47 -16.96 -28.12
N GLY A 309 12.46 -16.45 -27.37
CA GLY A 309 13.19 -15.21 -27.63
C GLY A 309 14.40 -15.21 -26.69
N PHE A 310 15.34 -14.25 -26.87
CA PHE A 310 16.72 -14.37 -26.37
C PHE A 310 17.02 -13.51 -25.13
N GLY A 311 16.02 -12.77 -24.63
CA GLY A 311 16.10 -12.07 -23.39
C GLY A 311 16.62 -10.61 -23.45
N GLY A 312 16.54 -9.96 -22.32
CA GLY A 312 16.87 -8.54 -22.20
C GLY A 312 18.24 -8.23 -21.64
N MET A 313 19.04 -9.28 -21.35
CA MET A 313 20.37 -9.16 -20.76
C MET A 313 21.43 -9.28 -21.83
N VAL A 314 22.47 -8.44 -21.74
CA VAL A 314 23.63 -8.49 -22.58
C VAL A 314 24.81 -8.29 -21.61
N SER A 315 25.87 -9.07 -21.70
CA SER A 315 27.09 -8.71 -20.95
C SER A 315 28.22 -8.51 -21.98
N VAL A 316 29.12 -7.59 -21.69
CA VAL A 316 30.22 -7.26 -22.60
C VAL A 316 31.53 -7.23 -21.82
N ARG A 317 32.61 -7.57 -22.49
CA ARG A 317 33.97 -7.43 -21.92
C ARG A 317 34.68 -6.29 -22.62
N MET A 318 35.35 -5.45 -21.82
CA MET A 318 35.94 -4.21 -22.28
C MET A 318 37.36 -4.45 -22.74
N ARG A 319 37.73 -3.91 -23.90
CA ARG A 319 39.07 -4.16 -24.43
C ARG A 319 40.08 -3.58 -23.46
N ALA A 320 39.76 -2.48 -22.79
CA ALA A 320 40.71 -1.70 -21.93
C ALA A 320 40.68 -2.05 -20.44
N GLY A 321 40.00 -3.15 -20.09
CA GLY A 321 40.09 -3.74 -18.78
C GLY A 321 39.08 -3.22 -17.76
N ARG A 322 39.39 -3.52 -16.50
CA ARG A 322 38.58 -3.13 -15.37
C ARG A 322 38.25 -1.64 -15.29
N THR A 323 39.23 -0.77 -15.51
CA THR A 323 39.00 0.64 -15.44
C THR A 323 37.98 1.16 -16.48
N ALA A 324 38.14 0.77 -17.75
CA ALA A 324 37.10 1.02 -18.78
C ALA A 324 35.71 0.49 -18.37
N ALA A 325 35.65 -0.67 -17.74
CA ALA A 325 34.34 -1.23 -17.28
C ALA A 325 33.72 -0.32 -16.21
N GLU A 326 34.53 0.07 -15.23
CA GLU A 326 34.10 1.04 -14.20
C GLU A 326 33.71 2.39 -14.81
N GLN A 327 34.44 2.83 -15.84
CA GLN A 327 34.14 4.11 -16.44
C GLN A 327 32.82 4.00 -17.26
N LEU A 328 32.61 2.92 -18.01
CA LEU A 328 31.28 2.78 -18.70
C LEU A 328 30.09 2.84 -17.70
N CYS A 329 30.19 2.07 -16.59
CA CYS A 329 29.19 2.06 -15.55
C CYS A 329 28.97 3.43 -14.98
N ALA A 330 30.02 4.22 -14.84
CA ALA A 330 29.86 5.53 -14.23
C ALA A 330 29.31 6.57 -15.18
N LYS A 331 29.49 6.36 -16.48
CA LYS A 331 29.16 7.39 -17.46
C LYS A 331 27.78 7.32 -18.07
N THR A 332 27.03 6.22 -17.93
CA THR A 332 25.72 6.17 -18.57
C THR A 332 24.80 7.10 -17.79
N ASN A 333 23.83 7.69 -18.51
CA ASN A 333 22.88 8.60 -17.92
C ASN A 333 21.43 8.15 -18.05
N ILE A 334 21.29 7.07 -18.82
CA ILE A 334 20.04 6.37 -18.95
C ILE A 334 20.11 5.00 -18.26
N PHE A 335 21.01 4.14 -18.68
CA PHE A 335 21.27 2.94 -17.86
C PHE A 335 21.61 3.42 -16.45
N ILE A 336 20.92 2.87 -15.46
CA ILE A 336 21.19 3.27 -14.08
C ILE A 336 22.17 2.30 -13.43
N LEU A 337 23.17 2.86 -12.76
CA LEU A 337 24.16 2.04 -12.09
C LEU A 337 23.54 1.57 -10.75
N ALA A 338 23.13 0.32 -10.75
CA ALA A 338 22.37 -0.29 -9.64
C ALA A 338 22.33 -1.78 -9.90
N GLU A 339 22.19 -2.54 -8.83
CA GLU A 339 22.06 -3.96 -8.90
C GLU A 339 20.64 -4.27 -9.36
N SER A 340 20.35 -5.56 -9.43
CA SER A 340 19.11 -6.14 -9.85
C SER A 340 18.94 -6.06 -11.38
N LEU A 341 17.79 -6.48 -11.91
CA LEU A 341 17.68 -6.56 -13.32
C LEU A 341 16.25 -6.83 -13.65
N GLY A 342 15.96 -6.76 -14.91
CA GLY A 342 14.61 -7.11 -15.44
C GLY A 342 13.62 -6.04 -15.12
N SER A 343 14.06 -4.77 -15.05
CA SER A 343 13.16 -3.67 -14.85
C SER A 343 12.88 -2.95 -16.16
N VAL A 344 11.78 -2.15 -16.17
CA VAL A 344 11.48 -1.30 -17.33
C VAL A 344 12.60 -0.26 -17.58
N GLU A 345 13.16 0.29 -16.53
CA GLU A 345 14.45 1.13 -16.59
C GLU A 345 15.70 0.20 -16.78
N SER A 346 16.48 0.53 -17.80
CA SER A 346 17.81 -0.07 -18.08
C SER A 346 18.77 0.11 -16.85
N LEU A 347 19.39 -1.00 -16.46
CA LEU A 347 20.34 -1.06 -15.34
C LEU A 347 21.70 -1.57 -15.86
N ILE A 348 22.78 -1.05 -15.26
CA ILE A 348 24.14 -1.44 -15.66
C ILE A 348 24.93 -1.78 -14.42
N GLU A 349 25.84 -2.71 -14.52
CA GLU A 349 26.69 -3.03 -13.35
C GLU A 349 27.98 -3.65 -13.77
N HIS A 350 28.87 -3.73 -12.77
CA HIS A 350 30.22 -4.34 -12.87
C HIS A 350 30.28 -5.53 -11.94
N PRO A 351 29.84 -6.71 -12.40
CA PRO A 351 29.60 -7.81 -11.49
C PRO A 351 30.77 -8.32 -10.66
N SER A 352 31.99 -8.21 -11.17
CA SER A 352 33.16 -8.66 -10.40
C SER A 352 33.25 -7.90 -9.06
N ALA A 353 32.75 -6.67 -9.01
CA ALA A 353 32.72 -5.89 -7.79
C ALA A 353 31.65 -6.42 -6.82
N MET A 354 30.68 -7.24 -7.22
CA MET A 354 29.80 -7.85 -6.19
C MET A 354 30.03 -9.37 -5.87
N THR A 355 30.93 -10.00 -6.62
CA THR A 355 31.31 -11.40 -6.43
C THR A 355 32.15 -11.49 -5.13
N HIS A 356 32.06 -12.61 -4.43
CA HIS A 356 32.84 -12.83 -3.21
C HIS A 356 34.09 -13.63 -3.51
N THR A 359 34.45 -17.55 -3.60
CA THR A 359 34.07 -18.24 -4.87
C THR A 359 35.26 -18.98 -5.48
N ALA A 360 36.46 -18.44 -5.31
CA ALA A 360 37.65 -18.96 -6.03
C ALA A 360 37.80 -20.46 -5.85
N GLY A 361 37.73 -21.19 -6.95
CA GLY A 361 37.91 -22.64 -6.92
C GLY A 361 36.62 -23.43 -7.00
N SER A 362 35.51 -22.81 -6.63
CA SER A 362 34.20 -23.49 -6.66
C SER A 362 33.25 -22.86 -7.66
N GLN A 363 33.59 -21.66 -8.12
CA GLN A 363 32.87 -20.95 -9.15
C GLN A 363 33.83 -20.29 -10.09
N LEU A 364 33.43 -20.25 -11.37
CA LEU A 364 34.12 -19.47 -12.39
C LEU A 364 34.36 -18.02 -11.94
N GLU A 365 35.55 -17.51 -12.26
CA GLU A 365 35.86 -16.10 -11.94
C GLU A 365 35.10 -15.23 -12.91
N VAL A 366 34.29 -14.28 -12.42
CA VAL A 366 33.69 -13.26 -13.32
C VAL A 366 34.78 -12.30 -13.74
N PRO A 367 35.13 -12.26 -15.04
CA PRO A 367 36.16 -11.35 -15.42
C PRO A 367 35.93 -9.91 -14.99
N ASP A 368 37.01 -9.27 -14.55
CA ASP A 368 36.89 -7.90 -14.04
C ASP A 368 36.69 -6.81 -15.10
N ASP A 369 36.80 -7.20 -16.36
CA ASP A 369 36.55 -6.31 -17.47
C ASP A 369 35.11 -6.42 -17.98
N LEU A 370 34.28 -7.15 -17.31
CA LEU A 370 32.92 -7.50 -17.78
C LEU A 370 31.88 -6.48 -17.23
N VAL A 371 30.99 -6.05 -18.08
CA VAL A 371 29.91 -5.13 -17.67
C VAL A 371 28.63 -5.90 -17.97
N ARG A 372 27.69 -5.91 -17.05
CA ARG A 372 26.36 -6.58 -17.31
C ARG A 372 25.32 -5.50 -17.57
N LEU A 373 24.52 -5.69 -18.63
CA LEU A 373 23.47 -4.74 -18.98
C LEU A 373 22.10 -5.42 -18.97
N SER A 374 21.20 -4.85 -18.22
CA SER A 374 19.78 -5.20 -18.26
C SER A 374 19.16 -4.12 -19.06
N VAL A 375 18.84 -4.40 -20.31
CA VAL A 375 18.35 -3.44 -21.30
C VAL A 375 16.85 -3.33 -21.04
N GLY A 376 16.37 -2.11 -20.76
CA GLY A 376 15.00 -1.81 -20.42
C GLY A 376 14.23 -1.56 -21.64
N ILE A 377 13.04 -0.99 -21.48
CA ILE A 377 12.09 -0.82 -22.59
C ILE A 377 12.02 0.63 -23.13
N GLU A 378 13.03 1.43 -22.76
CA GLU A 378 13.16 2.82 -23.23
C GLU A 378 13.37 2.78 -24.71
N ASP A 379 13.30 3.96 -25.35
CA ASP A 379 13.48 4.07 -26.77
C ASP A 379 14.92 3.63 -27.17
N VAL A 380 15.02 2.65 -28.06
CA VAL A 380 16.36 2.01 -28.32
C VAL A 380 17.42 3.02 -28.78
N ALA A 381 16.99 3.94 -29.63
CA ALA A 381 17.87 5.04 -30.10
C ALA A 381 18.56 5.71 -28.93
N ASP A 382 17.76 6.10 -27.93
CA ASP A 382 18.29 6.67 -26.68
C ASP A 382 19.30 5.83 -26.01
N LEU A 383 19.04 4.54 -25.91
CA LEU A 383 19.95 3.65 -25.19
C LEU A 383 21.26 3.49 -25.94
N LEU A 384 21.17 3.36 -27.26
CA LEU A 384 22.38 3.36 -28.10
C LEU A 384 23.12 4.69 -28.01
N ASP A 385 22.42 5.84 -28.05
CA ASP A 385 23.07 7.12 -27.86
CA ASP A 385 23.09 7.12 -27.91
C ASP A 385 23.79 7.15 -26.52
N ASP A 386 23.12 6.67 -25.47
CA ASP A 386 23.69 6.64 -24.14
C ASP A 386 24.99 5.80 -24.01
N LEU A 387 25.02 4.59 -24.57
CA LEU A 387 26.26 3.80 -24.61
C LEU A 387 27.40 4.46 -25.42
N LYS A 388 27.01 5.01 -26.56
CA LYS A 388 27.87 5.71 -27.45
C LYS A 388 28.62 6.86 -26.76
N GLN A 389 27.91 7.68 -26.02
CA GLN A 389 28.52 8.87 -25.32
C GLN A 389 29.31 8.38 -24.09
N ALA A 390 28.81 7.33 -23.45
CA ALA A 390 29.46 6.79 -22.30
C ALA A 390 30.77 6.05 -22.61
N LEU A 391 30.85 5.43 -23.77
CA LEU A 391 32.05 4.73 -24.19
C LEU A 391 33.14 5.74 -24.63
N GLY A 392 32.72 6.79 -25.35
CA GLY A 392 33.67 7.75 -25.88
C GLY A 392 34.19 7.33 -27.24
N ARG B 14 13.52 8.78 20.56
CA ARG B 14 13.88 10.17 20.96
C ARG B 14 12.90 10.66 22.03
N PHE B 15 12.83 10.03 23.23
CA PHE B 15 13.82 9.08 23.71
C PHE B 15 13.58 8.45 25.08
N ALA B 16 12.83 9.07 26.01
CA ALA B 16 12.92 8.61 27.43
C ALA B 16 11.99 7.43 27.81
N GLY B 17 10.70 7.76 27.87
CA GLY B 17 9.68 6.76 28.12
C GLY B 17 9.49 5.86 26.93
N LEU B 18 8.96 4.68 27.16
CA LEU B 18 8.72 3.72 26.09
C LEU B 18 7.71 4.21 25.06
N ALA B 19 6.62 4.87 25.48
CA ALA B 19 5.65 5.35 24.50
C ALA B 19 6.34 6.46 23.56
N THR B 20 7.16 7.30 24.14
CA THR B 20 7.94 8.31 23.43
C THR B 20 8.85 7.63 22.42
N ARG B 21 9.62 6.65 22.86
CA ARG B 21 10.55 5.95 21.98
C ARG B 21 9.94 5.25 20.83
N ALA B 22 8.79 4.60 21.10
CA ALA B 22 8.12 3.86 20.11
C ALA B 22 7.65 4.81 18.97
N ILE B 23 7.35 6.08 19.33
CA ILE B 23 6.96 7.09 18.35
C ILE B 23 8.12 7.78 17.61
N HIS B 24 9.17 8.10 18.37
CA HIS B 24 10.22 9.00 17.95
C HIS B 24 11.55 8.31 17.65
N SER B 25 11.77 7.09 18.19
CA SER B 25 13.08 6.46 17.99
C SER B 25 13.27 5.71 16.62
N GLY B 26 12.27 5.41 15.80
CA GLY B 26 12.59 4.56 14.65
C GLY B 26 13.01 5.31 13.37
N TYR B 27 12.62 6.56 13.28
CA TYR B 27 12.88 7.31 12.08
C TYR B 27 12.83 8.71 12.56
N ARG B 28 13.86 9.52 12.23
CA ARG B 28 13.80 10.98 12.39
C ARG B 28 13.26 11.63 11.10
N PRO B 29 12.55 12.76 11.23
CA PRO B 29 11.91 13.24 10.05
C PRO B 29 12.94 13.51 9.04
N ASP B 30 12.59 13.27 7.79
CA ASP B 30 13.46 13.33 6.65
C ASP B 30 14.19 14.67 6.53
N PRO B 31 15.53 14.64 6.39
CA PRO B 31 16.20 15.92 6.15
C PRO B 31 15.78 16.60 4.81
N ALA B 32 15.60 15.84 3.74
CA ALA B 32 15.21 16.43 2.45
C ALA B 32 13.76 17.06 2.39
N THR B 33 12.78 16.38 2.99
CA THR B 33 11.39 16.77 2.87
C THR B 33 10.74 17.06 4.22
N GLY B 34 11.32 16.56 5.29
CA GLY B 34 10.73 16.68 6.66
C GLY B 34 9.55 15.75 6.92
N ALA B 35 9.33 14.83 5.98
CA ALA B 35 8.35 13.79 6.20
C ALA B 35 8.41 13.13 7.55
N VAL B 36 7.25 13.12 8.24
CA VAL B 36 7.22 12.79 9.67
CA VAL B 36 7.23 12.82 9.65
C VAL B 36 7.20 11.31 9.89
N ASN B 37 6.74 10.58 8.88
CA ASN B 37 6.76 9.09 8.91
C ASN B 37 7.76 8.51 7.97
N ALA B 38 8.23 7.31 8.29
CA ALA B 38 9.16 6.61 7.39
C ALA B 38 8.43 6.42 6.03
N PRO B 39 8.96 7.00 4.94
CA PRO B 39 8.44 6.74 3.62
C PRO B 39 8.43 5.24 3.35
N ILE B 40 7.46 4.82 2.56
CA ILE B 40 7.44 3.46 2.02
C ILE B 40 8.33 3.43 0.73
N TYR B 41 9.50 2.77 0.82
CA TYR B 41 10.40 2.74 -0.34
C TYR B 41 10.20 1.41 -1.09
N ALA B 42 9.28 1.47 -2.03
CA ALA B 42 9.03 0.36 -2.96
C ALA B 42 10.06 0.46 -4.14
N SER B 43 11.28 0.11 -3.79
CA SER B 43 12.39 -0.01 -4.71
C SER B 43 13.17 -1.23 -4.34
N SER B 44 13.51 -2.05 -5.30
CA SER B 44 14.25 -3.33 -5.00
C SER B 44 15.74 -2.98 -5.10
N THR B 45 16.06 -1.81 -5.66
CA THR B 45 17.43 -1.41 -5.91
C THR B 45 17.64 0.13 -5.82
N PHE B 46 18.91 0.51 -5.80
CA PHE B 46 19.39 1.76 -5.38
C PHE B 46 20.58 2.17 -6.28
N ALA B 47 20.42 3.34 -6.87
CA ALA B 47 21.45 3.95 -7.78
C ALA B 47 22.70 4.22 -6.99
N GLN B 48 23.85 4.05 -7.65
CA GLN B 48 25.19 4.22 -7.05
C GLN B 48 25.95 5.29 -7.82
N ASP B 49 26.91 5.93 -7.16
CA ASP B 49 27.72 6.98 -7.79
C ASP B 49 29.11 6.41 -8.09
N GLY B 50 29.30 5.91 -9.29
CA GLY B 50 30.48 5.08 -9.57
C GLY B 50 30.26 3.72 -8.91
N VAL B 51 31.00 2.67 -9.32
CA VAL B 51 30.72 1.31 -8.84
C VAL B 51 31.10 1.17 -7.33
N GLY B 52 30.16 0.71 -6.51
CA GLY B 52 30.32 0.67 -5.05
C GLY B 52 30.14 2.02 -4.39
N GLY B 53 29.81 3.05 -5.17
CA GLY B 53 29.62 4.38 -4.58
C GLY B 53 28.20 4.47 -3.97
N LEU B 54 28.00 3.89 -2.77
CA LEU B 54 26.60 3.68 -2.27
C LEU B 54 26.06 4.98 -1.73
N ARG B 55 24.73 5.12 -1.83
CA ARG B 55 24.01 6.23 -1.18
C ARG B 55 23.37 5.73 0.13
N GLY B 56 23.84 6.24 1.29
CA GLY B 56 23.28 5.85 2.59
C GLY B 56 23.54 4.36 2.86
N GLY B 57 24.55 3.79 2.18
CA GLY B 57 24.83 2.39 2.34
C GLY B 57 23.81 1.40 1.73
N TYR B 58 22.85 1.88 0.94
CA TYR B 58 21.84 1.01 0.36
C TYR B 58 22.34 0.48 -1.00
N GLU B 59 22.10 -0.79 -1.27
CA GLU B 59 22.41 -1.34 -2.60
C GLU B 59 21.38 -2.31 -3.20
N TYR B 60 20.76 -3.15 -2.36
CA TYR B 60 19.76 -4.12 -2.77
C TYR B 60 18.77 -4.35 -1.61
N ALA B 61 17.48 -4.21 -1.89
CA ALA B 61 16.46 -4.17 -0.85
C ALA B 61 16.44 -5.36 0.07
N ARG B 62 16.64 -6.58 -0.47
CA ARG B 62 16.68 -7.75 0.39
C ARG B 62 17.79 -7.53 1.43
N THR B 63 18.91 -6.97 1.01
CA THR B 63 20.03 -6.84 1.95
C THR B 63 19.78 -5.75 2.97
N GLY B 64 19.06 -4.73 2.55
CA GLY B 64 18.77 -3.60 3.38
C GLY B 64 17.98 -2.58 2.62
N ASN B 65 16.98 -2.02 3.28
CA ASN B 65 16.25 -0.97 2.66
C ASN B 65 15.72 0.01 3.65
N PRO B 66 15.41 1.22 3.16
CA PRO B 66 15.23 2.25 4.16
C PRO B 66 14.04 2.07 5.09
N THR B 67 12.91 1.55 4.57
CA THR B 67 11.74 1.34 5.41
C THR B 67 12.04 0.23 6.42
N ARG B 68 12.65 -0.88 5.99
CA ARG B 68 13.07 -1.88 6.95
C ARG B 68 14.05 -1.34 8.03
N THR B 69 15.01 -0.52 7.62
CA THR B 69 15.93 0.07 8.56
C THR B 69 15.18 0.83 9.59
N ALA B 70 14.18 1.62 9.18
CA ALA B 70 13.43 2.39 10.18
C ALA B 70 12.67 1.45 11.18
N LEU B 71 12.09 0.41 10.63
CA LEU B 71 11.35 -0.55 11.50
C LEU B 71 12.33 -1.23 12.50
N GLU B 72 13.47 -1.68 12.00
CA GLU B 72 14.45 -2.36 12.85
C GLU B 72 14.94 -1.37 13.98
N ALA B 73 15.17 -0.09 13.62
CA ALA B 73 15.53 0.92 14.65
C ALA B 73 14.40 1.03 15.73
N ALA B 74 13.17 1.09 15.29
CA ALA B 74 11.99 1.18 16.15
C ALA B 74 11.92 -0.05 17.09
N LEU B 75 12.17 -1.21 16.52
CA LEU B 75 12.00 -2.47 17.29
C LEU B 75 13.08 -2.58 18.34
N ALA B 76 14.32 -2.24 17.96
CA ALA B 76 15.47 -2.21 18.85
C ALA B 76 15.19 -1.23 20.02
N ALA B 77 14.90 0.03 19.68
CA ALA B 77 14.60 1.04 20.67
C ALA B 77 13.58 0.62 21.74
N VAL B 78 12.57 -0.19 21.36
CA VAL B 78 11.51 -0.42 22.29
C VAL B 78 11.88 -1.56 23.25
N GLU B 79 12.82 -2.42 22.83
CA GLU B 79 13.40 -3.45 23.73
C GLU B 79 14.75 -3.03 24.36
N ASP B 80 15.12 -1.76 24.22
CA ASP B 80 16.38 -1.21 24.69
C ASP B 80 17.56 -1.98 24.18
N ALA B 81 17.49 -2.35 22.89
CA ALA B 81 18.43 -3.21 22.21
C ALA B 81 19.31 -2.40 21.25
N ALA B 82 20.53 -2.86 21.10
CA ALA B 82 21.44 -2.20 20.19
C ALA B 82 21.14 -2.55 18.72
N PHE B 83 20.51 -3.70 18.52
CA PHE B 83 20.37 -4.31 17.18
C PHE B 83 18.99 -4.87 16.96
N GLY B 84 18.44 -4.61 15.78
CA GLY B 84 17.13 -5.12 15.38
C GLY B 84 17.16 -5.75 14.00
N ARG B 85 16.40 -6.84 13.81
CA ARG B 85 16.22 -7.44 12.51
C ARG B 85 14.76 -7.76 12.30
N ALA B 86 14.20 -7.39 11.16
CA ALA B 86 12.77 -7.72 10.87
C ALA B 86 12.72 -8.78 9.81
N PHE B 87 11.62 -9.55 9.81
CA PHE B 87 11.43 -10.73 9.00
C PHE B 87 9.96 -10.74 8.53
N SER B 88 9.70 -11.60 7.56
CA SER B 88 8.43 -11.68 6.90
C SER B 88 7.30 -12.33 7.79
N SER B 89 7.67 -12.88 8.95
CA SER B 89 6.77 -13.48 9.93
C SER B 89 7.50 -13.81 11.24
N GLY B 90 6.75 -14.09 12.32
CA GLY B 90 7.30 -14.59 13.60
C GLY B 90 8.09 -15.84 13.33
N MET B 91 7.52 -16.74 12.51
CA MET B 91 8.18 -18.01 12.25
C MET B 91 9.44 -17.86 11.45
N ALA B 92 9.53 -16.84 10.56
CA ALA B 92 10.81 -16.57 9.95
C ALA B 92 11.86 -16.02 10.89
N ALA B 93 11.44 -15.16 11.85
CA ALA B 93 12.31 -14.73 12.97
C ALA B 93 12.79 -16.00 13.71
N ALA B 94 11.86 -16.91 13.98
CA ALA B 94 12.23 -18.12 14.73
C ALA B 94 13.23 -18.99 13.92
N ASP B 95 12.91 -19.27 12.67
CA ASP B 95 13.76 -20.09 11.81
C ASP B 95 15.16 -19.49 11.71
N CYS B 96 15.24 -18.17 11.53
CA CYS B 96 16.53 -17.46 11.56
C CYS B 96 17.34 -17.69 12.88
N ALA B 97 16.66 -17.51 13.99
CA ALA B 97 17.30 -17.69 15.30
C ALA B 97 17.91 -19.07 15.49
N LEU B 98 17.12 -20.07 15.16
CA LEU B 98 17.53 -21.46 15.33
C LEU B 98 18.68 -21.76 14.36
N ARG B 99 18.65 -21.24 13.13
CA ARG B 99 19.69 -21.65 12.15
C ARG B 99 20.91 -20.91 12.44
N ALA B 100 20.75 -19.71 13.07
CA ALA B 100 21.88 -18.85 13.47
C ALA B 100 22.67 -19.41 14.68
N MET B 101 21.95 -20.04 15.60
CA MET B 101 22.51 -20.47 16.91
C MET B 101 22.76 -21.97 17.05
N LEU B 102 22.34 -22.76 16.04
CA LEU B 102 22.40 -24.23 16.13
C LEU B 102 23.03 -24.79 14.87
N ARG B 103 23.56 -26.02 14.97
CA ARG B 103 24.17 -26.77 13.86
C ARG B 103 23.86 -28.21 14.18
N PRO B 104 23.97 -29.11 13.21
CA PRO B 104 23.62 -30.50 13.40
C PRO B 104 24.40 -31.06 14.55
N GLY B 105 23.72 -31.82 15.37
CA GLY B 105 24.32 -32.35 16.63
C GLY B 105 24.05 -31.57 17.90
N ASP B 106 23.54 -30.38 17.71
CA ASP B 106 23.29 -29.46 18.82
C ASP B 106 21.93 -29.70 19.35
N HIS B 107 21.67 -29.12 20.52
CA HIS B 107 20.45 -29.45 21.27
C HIS B 107 19.79 -28.16 21.79
N VAL B 108 18.47 -28.13 21.87
CA VAL B 108 17.76 -26.95 22.37
C VAL B 108 16.78 -27.43 23.39
N VAL B 109 16.75 -26.74 24.51
CA VAL B 109 15.77 -26.96 25.57
C VAL B 109 14.57 -26.07 25.22
N ILE B 110 13.34 -26.62 25.23
CA ILE B 110 12.20 -25.81 24.87
C ILE B 110 11.06 -25.93 25.90
N PRO B 111 10.04 -25.06 25.80
CA PRO B 111 8.90 -25.14 26.76
C PRO B 111 8.12 -26.37 26.43
N ASP B 112 7.52 -26.97 27.44
CA ASP B 112 6.62 -28.16 27.22
C ASP B 112 5.28 -27.75 26.76
N ASP B 113 4.98 -26.46 26.79
CA ASP B 113 3.74 -25.92 26.17
C ASP B 113 4.00 -24.76 25.18
N ALA B 114 4.89 -25.00 24.21
CA ALA B 114 5.29 -23.96 23.29
C ALA B 114 4.19 -23.61 22.31
N TYR B 115 4.32 -22.39 21.79
CA TYR B 115 3.50 -21.94 20.66
C TYR B 115 3.52 -23.09 19.60
N GLY B 116 2.38 -23.48 19.03
CA GLY B 116 2.30 -24.64 18.17
C GLY B 116 3.23 -24.55 16.98
N GLY B 117 3.38 -23.37 16.29
CA GLY B 117 4.33 -23.21 15.17
C GLY B 117 5.80 -23.46 15.54
N THR B 118 6.15 -23.06 16.78
CA THR B 118 7.53 -23.18 17.21
C THR B 118 7.78 -24.64 17.38
N PHE B 119 6.87 -25.32 18.10
CA PHE B 119 7.03 -26.74 18.26
C PHE B 119 7.06 -27.45 16.90
N ARG B 120 6.12 -27.18 16.00
CA ARG B 120 6.12 -27.81 14.66
CA ARG B 120 6.13 -27.82 14.67
C ARG B 120 7.47 -27.61 13.91
N LEU B 121 7.98 -26.39 13.84
CA LEU B 121 9.25 -26.16 13.13
C LEU B 121 10.41 -26.93 13.75
N ILE B 122 10.42 -26.98 15.10
CA ILE B 122 11.52 -27.68 15.80
C ILE B 122 11.41 -29.22 15.67
N ASP B 123 10.23 -29.75 15.94
CA ASP B 123 9.99 -31.18 15.96
C ASP B 123 9.82 -31.83 14.60
N LYS B 124 9.26 -31.13 13.63
CA LYS B 124 8.97 -31.68 12.35
C LYS B 124 10.01 -31.27 11.32
N VAL B 125 10.63 -30.08 11.48
CA VAL B 125 11.65 -29.69 10.51
C VAL B 125 13.06 -29.93 11.06
N PHE B 126 13.38 -29.32 12.19
CA PHE B 126 14.76 -29.37 12.67
C PHE B 126 15.30 -30.69 13.20
N THR B 127 14.42 -31.53 13.73
CA THR B 127 14.87 -32.89 14.00
C THR B 127 15.43 -33.64 12.76
N GLY B 128 14.92 -33.37 11.56
CA GLY B 128 15.42 -34.00 10.34
C GLY B 128 16.77 -33.45 9.91
N TRP B 129 17.18 -32.31 10.48
CA TRP B 129 18.49 -31.76 10.25
C TRP B 129 19.43 -32.03 11.45
N ASN B 130 19.13 -33.10 12.22
CA ASN B 130 19.92 -33.64 13.33
C ASN B 130 20.14 -32.63 14.46
N VAL B 131 19.16 -31.77 14.69
CA VAL B 131 19.15 -30.97 15.90
C VAL B 131 18.19 -31.75 16.82
N GLU B 132 18.59 -31.92 18.08
CA GLU B 132 17.71 -32.54 19.08
C GLU B 132 17.10 -31.55 20.01
N TYR B 133 16.02 -31.94 20.68
CA TYR B 133 15.46 -31.07 21.73
C TYR B 133 14.93 -31.84 22.94
N THR B 134 14.73 -31.12 24.03
CA THR B 134 13.99 -31.59 25.21
C THR B 134 13.01 -30.50 25.65
N PRO B 135 11.73 -30.83 25.74
CA PRO B 135 10.67 -30.06 26.31
C PRO B 135 10.73 -30.16 27.85
N VAL B 136 10.52 -29.06 28.53
CA VAL B 136 10.56 -29.05 29.98
CA VAL B 136 10.57 -29.00 30.00
C VAL B 136 9.54 -28.03 30.54
N ALA B 137 9.13 -28.23 31.78
CA ALA B 137 8.29 -27.24 32.50
C ALA B 137 9.21 -26.08 32.87
N LEU B 138 9.13 -24.96 32.13
CA LEU B 138 10.10 -23.83 32.33
C LEU B 138 10.01 -23.21 33.73
N ALA B 139 8.83 -23.31 34.37
CA ALA B 139 8.64 -22.80 35.76
C ALA B 139 9.54 -23.50 36.85
N ASP B 140 10.07 -24.68 36.50
CA ASP B 140 10.81 -25.51 37.41
C ASP B 140 12.25 -25.45 36.97
N LEU B 141 13.01 -24.65 37.69
CA LEU B 141 14.29 -24.26 37.22
C LEU B 141 15.25 -25.47 37.35
N ASP B 142 14.96 -26.30 38.36
CA ASP B 142 15.70 -27.57 38.51
C ASP B 142 15.50 -28.45 37.31
N ALA B 143 14.29 -28.52 36.79
CA ALA B 143 14.03 -29.31 35.60
C ALA B 143 14.64 -28.73 34.32
N VAL B 144 14.64 -27.41 34.16
CA VAL B 144 15.29 -26.72 33.01
C VAL B 144 16.81 -27.09 33.08
N ARG B 145 17.40 -26.90 34.27
CA ARG B 145 18.82 -27.16 34.47
CA ARG B 145 18.82 -27.16 34.45
C ARG B 145 19.13 -28.60 34.03
N ALA B 146 18.32 -29.54 34.49
CA ALA B 146 18.56 -30.99 34.27
C ALA B 146 18.37 -31.37 32.82
N ALA B 147 17.72 -30.50 32.04
CA ALA B 147 17.51 -30.73 30.62
C ALA B 147 18.69 -30.32 29.72
N ILE B 148 19.64 -29.68 30.34
CA ILE B 148 20.70 -29.12 29.59
C ILE B 148 21.78 -30.20 29.43
N ARG B 149 22.20 -30.40 28.20
CA ARG B 149 23.27 -31.37 27.77
C ARG B 149 24.54 -30.63 27.51
N PRO B 150 25.71 -31.34 27.38
CA PRO B 150 26.91 -30.63 26.84
C PRO B 150 26.71 -30.01 25.42
N THR B 151 25.76 -30.54 24.68
CA THR B 151 25.46 -30.09 23.30
C THR B 151 24.36 -29.04 23.33
N THR B 152 23.84 -28.67 24.52
CA THR B 152 22.85 -27.65 24.57
C THR B 152 23.46 -26.25 24.32
N ARG B 153 23.06 -25.70 23.19
CA ARG B 153 23.51 -24.39 22.77
C ARG B 153 22.49 -23.35 22.91
N LEU B 154 21.22 -23.76 23.04
CA LEU B 154 20.05 -22.78 23.17
C LEU B 154 18.98 -23.25 24.11
N ILE B 155 18.43 -22.33 24.91
CA ILE B 155 17.26 -22.53 25.66
C ILE B 155 16.22 -21.56 25.10
N TRP B 156 15.04 -22.11 24.72
CA TRP B 156 13.96 -21.36 24.11
C TRP B 156 12.79 -21.11 25.11
N VAL B 157 12.64 -19.88 25.54
CA VAL B 157 11.68 -19.48 26.62
C VAL B 157 10.50 -18.68 26.02
N GLU B 158 9.24 -19.07 26.28
CA GLU B 158 8.09 -18.19 26.00
C GLU B 158 7.51 -17.90 27.37
N THR B 159 7.11 -16.66 27.64
CA THR B 159 6.43 -16.36 28.89
C THR B 159 5.65 -15.01 28.78
N PRO B 160 4.35 -15.02 29.00
CA PRO B 160 3.45 -16.16 29.11
C PRO B 160 3.35 -17.12 27.93
N THR B 161 3.14 -18.43 28.18
CA THR B 161 2.99 -19.41 27.14
C THR B 161 1.61 -19.43 26.53
N ASN B 162 1.55 -19.87 25.29
CA ASN B 162 0.31 -20.01 24.54
C ASN B 162 -0.07 -21.45 24.65
N PRO B 163 -1.28 -21.72 25.14
CA PRO B 163 -2.35 -20.79 25.49
C PRO B 163 -2.64 -20.87 26.98
N LEU B 164 -1.81 -21.60 27.73
CA LEU B 164 -2.10 -21.83 29.14
CA LEU B 164 -2.08 -21.83 29.15
C LEU B 164 -1.61 -20.65 29.97
N LEU B 165 -0.91 -19.73 29.35
CA LEU B 165 -0.39 -18.49 30.05
C LEU B 165 0.53 -18.79 31.23
N SER B 166 1.31 -19.88 31.13
CA SER B 166 2.20 -20.22 32.21
CA SER B 166 2.26 -20.28 32.19
C SER B 166 3.47 -19.35 32.14
N ILE B 167 4.12 -19.17 33.28
CA ILE B 167 5.20 -18.20 33.49
C ILE B 167 6.57 -18.83 33.69
N ALA B 168 7.56 -18.18 33.12
CA ALA B 168 8.96 -18.61 33.27
C ALA B 168 9.81 -17.43 33.73
N ASP B 169 10.76 -17.75 34.61
CA ASP B 169 11.58 -16.84 35.33
C ASP B 169 12.80 -16.56 34.48
N ILE B 170 12.74 -15.40 33.82
CA ILE B 170 13.59 -15.18 32.70
C ILE B 170 14.95 -15.07 33.21
N ALA B 171 15.11 -14.27 34.26
CA ALA B 171 16.41 -14.10 34.92
C ALA B 171 17.04 -15.37 35.45
N GLY B 172 16.24 -16.19 36.11
CA GLY B 172 16.70 -17.48 36.58
C GLY B 172 17.15 -18.43 35.44
N ILE B 173 16.39 -18.42 34.32
CA ILE B 173 16.79 -19.23 33.13
C ILE B 173 17.96 -18.58 32.45
N ALA B 174 18.04 -17.22 32.44
CA ALA B 174 19.27 -16.59 31.95
C ALA B 174 20.58 -17.10 32.69
N GLN B 175 20.53 -17.14 34.02
CA GLN B 175 21.66 -17.67 34.76
C GLN B 175 21.94 -19.14 34.50
N LEU B 176 20.92 -19.97 34.28
CA LEU B 176 21.21 -21.38 33.86
C LEU B 176 21.99 -21.43 32.52
N GLY B 177 21.57 -20.63 31.53
CA GLY B 177 22.27 -20.47 30.24
C GLY B 177 23.74 -19.99 30.36
N ALA B 178 23.98 -19.01 31.18
CA ALA B 178 25.31 -18.50 31.42
C ALA B 178 26.15 -19.61 32.07
N ASP B 179 25.63 -20.25 33.11
CA ASP B 179 26.33 -21.42 33.71
C ASP B 179 26.76 -22.48 32.68
N SER B 180 25.99 -22.73 31.64
CA SER B 180 26.29 -23.85 30.73
C SER B 180 26.65 -23.37 29.34
N SER B 181 27.05 -22.11 29.17
CA SER B 181 27.39 -21.59 27.85
C SER B 181 26.29 -21.91 26.81
N ALA B 182 25.03 -21.55 27.13
CA ALA B 182 23.86 -21.71 26.26
C ALA B 182 23.14 -20.38 26.17
N LYS B 183 22.84 -19.93 24.93
CA LYS B 183 22.20 -18.66 24.70
C LYS B 183 20.77 -18.83 25.12
N VAL B 184 20.12 -17.73 25.49
CA VAL B 184 18.73 -17.80 25.96
C VAL B 184 17.97 -16.90 25.04
N LEU B 185 16.95 -17.42 24.41
CA LEU B 185 16.03 -16.54 23.62
C LEU B 185 14.68 -16.49 24.30
N VAL B 186 14.04 -15.32 24.33
CA VAL B 186 12.68 -15.18 24.85
C VAL B 186 11.80 -14.74 23.71
N ASP B 187 10.78 -15.53 23.47
CA ASP B 187 9.67 -15.17 22.60
C ASP B 187 8.86 -14.29 23.48
N ASN B 188 8.99 -12.97 23.24
CA ASN B 188 8.24 -12.00 23.99
C ASN B 188 6.92 -11.50 23.31
N THR B 189 6.33 -12.32 22.46
CA THR B 189 5.17 -11.95 21.66
C THR B 189 4.00 -11.54 22.54
N PHE B 190 3.71 -12.38 23.57
CA PHE B 190 2.51 -12.18 24.38
C PHE B 190 2.60 -10.96 25.25
N ALA B 191 3.76 -10.78 25.89
CA ALA B 191 3.92 -9.68 26.86
C ALA B 191 4.15 -8.33 26.14
N SER B 192 4.85 -8.36 24.99
CA SER B 192 5.28 -7.28 24.17
C SER B 192 6.32 -6.40 24.96
N PRO B 193 6.99 -5.50 24.27
CA PRO B 193 7.96 -4.63 24.86
C PRO B 193 7.33 -3.72 25.90
N ALA B 194 6.02 -3.48 25.76
CA ALA B 194 5.32 -2.60 26.64
C ALA B 194 5.17 -3.20 28.02
N LEU B 195 5.34 -4.51 28.21
CA LEU B 195 5.15 -5.07 29.55
C LEU B 195 6.30 -5.87 30.08
N GLN B 196 7.20 -6.25 29.17
CA GLN B 196 8.31 -7.15 29.53
C GLN B 196 9.53 -6.86 28.69
N GLN B 197 10.68 -6.73 29.37
CA GLN B 197 11.91 -6.38 28.68
C GLN B 197 12.99 -7.41 28.87
N PRO B 198 12.94 -8.52 28.10
CA PRO B 198 13.80 -9.64 28.54
C PRO B 198 15.28 -9.47 28.44
N LEU B 199 15.76 -8.60 27.56
CA LEU B 199 17.19 -8.31 27.52
C LEU B 199 17.63 -7.74 28.91
N SER B 200 16.79 -6.93 29.55
CA SER B 200 17.12 -6.39 30.89
C SER B 200 17.27 -7.48 31.97
N LEU B 201 16.75 -8.64 31.70
CA LEU B 201 16.72 -9.72 32.65
C LEU B 201 17.70 -10.83 32.25
N GLY B 202 18.56 -10.57 31.28
CA GLY B 202 19.66 -11.51 30.93
C GLY B 202 19.46 -12.38 29.71
N ALA B 203 18.35 -12.19 29.04
CA ALA B 203 18.15 -12.88 27.74
C ALA B 203 19.27 -12.41 26.75
N ASP B 204 19.73 -13.28 25.88
CA ASP B 204 20.68 -12.92 24.78
C ASP B 204 19.93 -12.39 23.57
N VAL B 205 18.69 -12.83 23.39
CA VAL B 205 17.92 -12.42 22.23
C VAL B 205 16.43 -12.47 22.54
N VAL B 206 15.71 -11.58 21.91
CA VAL B 206 14.27 -11.50 21.98
C VAL B 206 13.62 -11.62 20.64
N LEU B 207 12.57 -12.42 20.58
CA LEU B 207 11.84 -12.61 19.41
C LEU B 207 10.39 -12.13 19.56
N HIS B 208 9.85 -11.60 18.46
CA HIS B 208 8.39 -11.35 18.39
C HIS B 208 7.83 -11.85 17.07
N SER B 209 6.61 -12.37 17.12
CA SER B 209 5.69 -12.23 16.04
C SER B 209 5.12 -10.78 16.09
N THR B 210 5.54 -9.87 15.23
CA THR B 210 4.94 -8.53 15.20
C THR B 210 3.49 -8.60 14.62
N THR B 211 3.13 -9.74 14.03
CA THR B 211 1.72 -9.97 13.65
C THR B 211 0.71 -9.71 14.82
N1 LLP B 212 5.23 -16.95 18.83
C2 LLP B 212 3.98 -16.73 19.46
C2' LLP B 212 3.77 -16.70 20.98
C3 LLP B 212 2.89 -16.47 18.60
O3 LLP B 212 1.80 -16.28 19.17
C4 LLP B 212 3.00 -16.51 17.18
C4' LLP B 212 1.74 -16.19 16.29
C5 LLP B 212 4.23 -16.75 16.60
C6 LLP B 212 5.35 -16.96 17.43
C5' LLP B 212 4.40 -16.79 15.10
OP4 LLP B 212 4.40 -15.57 14.35
P LLP B 212 3.86 -15.50 12.79
OP1 LLP B 212 2.55 -16.07 12.96
OP2 LLP B 212 3.98 -13.99 12.67
OP3 LLP B 212 4.78 -16.31 12.02
N LLP B 212 1.19 -9.89 16.05
CA LLP B 212 0.27 -9.91 17.17
CB LLP B 212 0.65 -10.99 18.19
CG LLP B 212 0.23 -12.45 17.80
CD LLP B 212 0.26 -12.81 16.33
CE LLP B 212 0.03 -14.34 16.15
NZ LLP B 212 0.90 -15.33 16.97
C LLP B 212 0.23 -8.43 17.68
O LLP B 212 -0.25 -7.54 16.93
N TYR B 213 0.57 -8.18 18.94
CA TYR B 213 0.41 -6.90 19.54
C TYR B 213 1.11 -5.71 18.88
N ILE B 214 2.28 -5.98 18.28
CA ILE B 214 3.17 -4.88 17.92
C ILE B 214 2.44 -4.21 16.76
N GLY B 215 2.02 -4.96 15.76
CA GLY B 215 1.19 -4.41 14.66
C GLY B 215 -0.20 -3.98 15.15
N GLY B 216 -0.87 -4.85 15.92
CA GLY B 216 -2.06 -4.54 16.73
C GLY B 216 -3.45 -4.66 16.10
N HIS B 217 -3.46 -4.87 14.78
CA HIS B 217 -4.61 -4.64 14.02
C HIS B 217 -4.89 -5.78 13.04
N SER B 218 -4.16 -6.90 13.19
CA SER B 218 -4.42 -8.13 12.45
C SER B 218 -4.38 -7.81 10.98
N ASP B 219 -3.42 -7.00 10.58
CA ASP B 219 -3.35 -6.60 9.16
C ASP B 219 -2.00 -6.64 8.55
N VAL B 220 -1.00 -7.18 9.28
CA VAL B 220 0.38 -7.34 8.85
C VAL B 220 1.10 -8.56 9.51
N VAL B 221 1.57 -9.52 8.72
CA VAL B 221 2.31 -10.64 9.23
C VAL B 221 3.79 -10.18 9.22
N GLY B 222 4.44 -10.42 10.38
CA GLY B 222 5.84 -10.13 10.54
C GLY B 222 6.48 -10.56 11.83
N GLY B 223 7.84 -10.62 11.86
CA GLY B 223 8.55 -10.97 13.05
C GLY B 223 9.77 -10.14 13.27
N ALA B 224 10.47 -10.42 14.34
CA ALA B 224 11.63 -9.58 14.74
C ALA B 224 12.51 -10.42 15.64
N LEU B 225 13.82 -10.11 15.57
CA LEU B 225 14.77 -10.53 16.55
C LEU B 225 15.58 -9.26 16.92
N VAL B 226 15.73 -9.01 18.21
CA VAL B 226 16.56 -7.94 18.70
C VAL B 226 17.59 -8.56 19.66
N THR B 227 18.75 -7.90 19.79
CA THR B 227 19.84 -8.37 20.66
C THR B 227 20.83 -7.18 20.93
N ASN B 228 21.69 -7.35 21.92
CA ASN B 228 22.80 -6.46 22.18
C ASN B 228 24.07 -7.06 21.68
N ASP B 229 24.00 -8.31 21.30
CA ASP B 229 25.19 -9.00 20.86
C ASP B 229 25.43 -8.72 19.38
N GLU B 230 26.46 -7.94 19.06
N GLU B 230 26.46 -7.94 19.05
CA GLU B 230 26.74 -7.58 17.71
CA GLU B 230 26.76 -7.60 17.67
C GLU B 230 27.07 -8.82 16.83
C GLU B 230 27.03 -8.85 16.84
N GLU B 231 27.74 -9.80 17.44
CA GLU B 231 28.09 -11.03 16.73
C GLU B 231 26.82 -11.79 16.32
N LEU B 232 25.94 -12.03 17.29
CA LEU B 232 24.64 -12.64 17.04
C LEU B 232 23.86 -11.88 15.97
N ASP B 233 23.78 -10.56 16.06
CA ASP B 233 23.12 -9.81 15.03
C ASP B 233 23.70 -10.11 13.63
N GLN B 234 24.99 -10.14 13.51
CA GLN B 234 25.66 -10.44 12.24
C GLN B 234 25.32 -11.88 11.69
N SER B 235 25.17 -12.86 12.59
CA SER B 235 24.69 -14.19 12.22
CA SER B 235 24.71 -14.18 12.16
C SER B 235 23.20 -14.15 11.77
N PHE B 236 22.38 -13.33 12.42
CA PHE B 236 21.03 -13.17 11.94
C PHE B 236 21.00 -12.41 10.55
N ALA B 237 21.79 -11.35 10.41
CA ALA B 237 21.88 -10.56 9.18
C ALA B 237 22.23 -11.47 8.01
N PHE B 238 23.15 -12.37 8.28
CA PHE B 238 23.59 -13.24 7.21
C PHE B 238 22.43 -14.04 6.66
N LEU B 239 21.60 -14.51 7.53
CA LEU B 239 20.51 -15.40 7.08
C LEU B 239 19.28 -14.60 6.65
N GLN B 240 19.09 -13.43 7.24
CA GLN B 240 18.09 -12.47 6.73
C GLN B 240 18.29 -12.21 5.25
N ASN B 241 19.54 -11.93 4.92
CA ASN B 241 19.89 -11.61 3.57
C ASN B 241 20.03 -12.89 2.72
N GLY B 242 20.56 -13.94 3.34
CA GLY B 242 20.98 -15.17 2.61
C GLY B 242 19.77 -15.99 2.22
N ALA B 243 18.81 -16.09 3.16
CA ALA B 243 17.58 -16.85 2.97
C ALA B 243 16.42 -15.99 2.54
N GLY B 244 16.48 -14.71 2.85
CA GLY B 244 15.51 -13.77 2.36
C GLY B 244 14.07 -13.80 2.81
N ALA B 245 13.82 -14.13 4.07
CA ALA B 245 12.50 -14.06 4.67
C ALA B 245 12.32 -12.64 5.15
N VAL B 246 12.19 -11.70 4.18
CA VAL B 246 12.28 -10.28 4.49
C VAL B 246 10.89 -9.62 4.35
N PRO B 247 10.57 -8.63 5.18
CA PRO B 247 9.29 -7.94 4.98
C PRO B 247 9.27 -6.89 3.84
N GLY B 248 8.10 -6.75 3.21
CA GLY B 248 7.91 -5.71 2.26
C GLY B 248 7.72 -4.39 2.98
N PRO B 249 7.89 -3.27 2.24
CA PRO B 249 7.96 -1.98 2.93
C PRO B 249 6.59 -1.43 3.35
N PHE B 250 5.52 -1.81 2.65
CA PHE B 250 4.19 -1.44 3.15
C PHE B 250 3.92 -2.13 4.52
N ASP B 251 4.28 -3.41 4.58
CA ASP B 251 4.05 -4.26 5.79
CA ASP B 251 4.05 -4.26 5.77
C ASP B 251 4.92 -3.72 6.91
N ALA B 252 6.16 -3.37 6.60
CA ALA B 252 7.10 -2.78 7.57
C ALA B 252 6.46 -1.51 8.16
N TYR B 253 5.79 -0.72 7.31
CA TYR B 253 5.22 0.58 7.64
C TYR B 253 4.09 0.30 8.61
N LEU B 254 3.21 -0.66 8.31
CA LEU B 254 2.03 -0.92 9.15
C LEU B 254 2.48 -1.39 10.52
N THR B 255 3.58 -2.12 10.54
CA THR B 255 4.13 -2.64 11.80
C THR B 255 4.63 -1.43 12.61
N MET B 256 5.39 -0.53 11.98
CA MET B 256 5.82 0.66 12.70
C MET B 256 4.68 1.55 13.20
N ARG B 257 3.63 1.70 12.38
CA ARG B 257 2.45 2.48 12.78
C ARG B 257 1.73 1.81 13.92
N GLY B 258 1.41 0.54 13.79
CA GLY B 258 0.89 -0.23 14.95
C GLY B 258 1.74 0.02 16.26
N LEU B 259 3.09 -0.09 16.15
CA LEU B 259 3.93 0.03 17.33
C LEU B 259 3.77 1.34 18.01
N LYS B 260 3.43 2.40 17.24
CA LYS B 260 3.28 3.72 17.77
C LYS B 260 2.15 3.76 18.87
N THR B 261 1.16 2.86 18.90
CA THR B 261 0.15 2.87 19.94
C THR B 261 0.23 1.63 20.88
N LEU B 262 1.34 0.90 20.80
CA LEU B 262 1.45 -0.34 21.55
C LEU B 262 1.26 -0.08 23.05
N VAL B 263 1.95 0.93 23.58
CA VAL B 263 2.00 1.07 25.05
C VAL B 263 0.55 1.39 25.53
N LEU B 264 -0.09 2.27 24.74
CA LEU B 264 -1.48 2.71 25.01
C LEU B 264 -2.49 1.57 24.91
N ARG B 265 -2.40 0.81 23.84
CA ARG B 265 -3.25 -0.36 23.64
C ARG B 265 -2.99 -1.40 24.70
N MET B 266 -1.72 -1.70 25.05
CA MET B 266 -1.44 -2.74 26.06
CA MET B 266 -1.46 -2.75 26.05
C MET B 266 -2.08 -2.42 27.41
N GLN B 267 -2.01 -1.16 27.83
CA GLN B 267 -2.70 -0.74 29.05
C GLN B 267 -4.16 -1.06 29.06
N ARG B 268 -4.86 -0.80 27.98
CA ARG B 268 -6.26 -1.14 27.89
C ARG B 268 -6.51 -2.62 27.81
N HIS B 269 -5.77 -3.31 26.97
CA HIS B 269 -5.88 -4.77 26.86
C HIS B 269 -5.78 -5.44 28.27
N SER B 270 -4.82 -5.00 29.08
CA SER B 270 -4.65 -5.52 30.42
C SER B 270 -5.82 -5.26 31.35
N GLU B 271 -6.30 -3.99 31.35
CA GLU B 271 -7.47 -3.56 32.15
C GLU B 271 -8.68 -4.39 31.71
N ASN B 272 -8.95 -4.45 30.42
CA ASN B 272 -10.08 -5.27 29.86
C ASN B 272 -10.00 -6.76 30.19
N ALA B 273 -8.79 -7.31 30.13
CA ALA B 273 -8.61 -8.72 30.31
C ALA B 273 -8.81 -9.05 31.82
N ALA B 274 -8.43 -8.14 32.71
CA ALA B 274 -8.44 -8.41 34.16
C ALA B 274 -9.92 -8.45 34.52
N ALA B 275 -10.70 -7.56 33.87
CA ALA B 275 -12.10 -7.57 34.11
C ALA B 275 -12.79 -8.75 33.51
N VAL B 276 -12.28 -9.27 32.39
CA VAL B 276 -12.91 -10.38 31.78
C VAL B 276 -12.54 -11.59 32.72
N ALA B 277 -11.32 -11.59 33.24
CA ALA B 277 -10.93 -12.73 34.10
C ALA B 277 -11.85 -12.78 35.34
N GLU B 278 -12.09 -11.60 35.97
CA GLU B 278 -12.93 -11.42 37.19
C GLU B 278 -14.32 -11.93 36.93
N PHE B 279 -14.85 -11.53 35.78
CA PHE B 279 -16.22 -11.91 35.45
C PHE B 279 -16.29 -13.39 35.31
N LEU B 280 -15.42 -13.94 34.46
CA LEU B 280 -15.38 -15.40 34.25
C LEU B 280 -15.16 -16.29 35.51
N ALA B 281 -14.32 -15.83 36.41
CA ALA B 281 -14.04 -16.49 37.66
C ALA B 281 -15.30 -16.63 38.55
N GLU B 282 -16.29 -15.76 38.40
CA GLU B 282 -17.53 -15.74 39.19
C GLU B 282 -18.63 -16.52 38.48
N HIS B 283 -18.37 -16.97 37.24
CA HIS B 283 -19.44 -17.46 36.36
C HIS B 283 -19.50 -18.96 36.46
N PRO B 284 -20.68 -19.52 36.70
CA PRO B 284 -20.66 -20.94 37.05
C PRO B 284 -20.40 -21.91 35.88
N ALA B 285 -20.37 -21.40 34.64
CA ALA B 285 -20.01 -22.20 33.48
C ALA B 285 -18.51 -22.46 33.37
N ILE B 286 -17.71 -21.74 34.15
CA ILE B 286 -16.23 -21.78 34.13
C ILE B 286 -15.68 -22.46 35.35
N SER B 287 -14.79 -23.43 35.13
CA SER B 287 -14.14 -24.16 36.23
C SER B 287 -12.80 -23.56 36.63
N THR B 288 -12.06 -23.01 35.65
CA THR B 288 -10.70 -22.51 35.89
C THR B 288 -10.50 -21.25 35.03
N VAL B 289 -9.86 -20.21 35.55
CA VAL B 289 -9.50 -19.00 34.82
C VAL B 289 -7.98 -18.96 34.93
N LEU B 290 -7.34 -18.82 33.78
CA LEU B 290 -5.91 -18.64 33.65
C LEU B 290 -5.65 -17.18 33.20
N TYR B 291 -5.01 -16.41 34.08
CA TYR B 291 -4.70 -14.98 33.83
C TYR B 291 -3.53 -14.69 34.76
N PRO B 292 -2.41 -14.21 34.18
CA PRO B 292 -1.24 -13.96 35.03
C PRO B 292 -1.45 -13.01 36.21
N GLY B 293 -2.41 -12.13 36.08
CA GLY B 293 -2.72 -11.16 37.14
C GLY B 293 -3.44 -11.69 38.39
N LEU B 294 -4.11 -12.84 38.29
CA LEU B 294 -4.78 -13.48 39.43
C LEU B 294 -3.75 -13.99 40.42
N PRO B 295 -3.91 -13.64 41.72
CA PRO B 295 -3.00 -14.06 42.76
C PRO B 295 -2.77 -15.55 42.81
N SER B 296 -3.78 -16.35 42.45
CA SER B 296 -3.72 -17.80 42.56
C SER B 296 -3.18 -18.45 41.29
N HIS B 297 -2.90 -17.66 40.25
CA HIS B 297 -2.31 -18.20 39.00
C HIS B 297 -0.91 -18.75 39.30
N PRO B 298 -0.66 -20.00 38.90
CA PRO B 298 0.72 -20.47 39.08
C PRO B 298 1.75 -19.53 38.40
N GLY B 299 2.76 -19.11 39.17
CA GLY B 299 3.77 -18.20 38.62
C GLY B 299 3.45 -16.72 38.72
N HIS B 300 2.31 -16.37 39.32
CA HIS B 300 1.90 -14.96 39.48
C HIS B 300 2.99 -14.10 40.09
N ALA B 301 3.62 -14.58 41.15
CA ALA B 301 4.66 -13.68 41.73
C ALA B 301 5.89 -13.54 40.84
N VAL B 302 6.24 -14.56 40.07
CA VAL B 302 7.30 -14.38 39.01
C VAL B 302 6.85 -13.37 37.97
N ALA B 303 5.61 -13.48 37.52
CA ALA B 303 4.98 -12.53 36.53
C ALA B 303 4.96 -11.07 37.05
N ALA B 304 4.56 -10.90 38.33
CA ALA B 304 4.57 -9.60 39.01
C ALA B 304 5.98 -8.94 39.11
N ARG B 305 6.96 -9.80 39.23
CA ARG B 305 8.38 -9.43 39.28
C ARG B 305 8.93 -8.91 37.90
N GLN B 306 8.49 -9.45 36.76
CA GLN B 306 9.16 -9.24 35.48
C GLN B 306 8.32 -8.58 34.45
N MET B 307 7.01 -8.43 34.68
CA MET B 307 6.06 -7.88 33.75
C MET B 307 5.57 -6.60 34.45
N ARG B 308 5.39 -5.53 33.65
CA ARG B 308 4.84 -4.25 34.13
C ARG B 308 3.29 -4.28 34.28
N GLY B 309 2.66 -5.26 33.62
CA GLY B 309 1.18 -5.51 33.61
C GLY B 309 0.95 -6.96 33.10
N PHE B 310 -0.29 -7.45 33.23
CA PHE B 310 -0.46 -8.85 33.09
C PHE B 310 -1.09 -9.32 31.78
N GLY B 311 -1.39 -8.38 30.90
CA GLY B 311 -1.56 -8.69 29.50
C GLY B 311 -3.01 -8.80 29.08
N GLY B 312 -3.14 -8.95 27.78
CA GLY B 312 -4.45 -9.10 27.20
C GLY B 312 -5.08 -10.46 27.01
N MET B 313 -4.42 -11.57 27.41
CA MET B 313 -4.89 -12.95 27.08
C MET B 313 -5.45 -13.55 28.34
N VAL B 314 -6.59 -14.18 28.19
CA VAL B 314 -7.22 -14.96 29.23
C VAL B 314 -7.60 -16.29 28.62
N SER B 315 -7.35 -17.36 29.34
CA SER B 315 -7.85 -18.67 28.91
C SER B 315 -8.75 -19.21 30.04
N VAL B 316 -9.73 -20.00 29.70
CA VAL B 316 -10.65 -20.51 30.70
C VAL B 316 -10.94 -21.99 30.31
N ARG B 317 -11.29 -22.77 31.33
CA ARG B 317 -11.77 -24.12 31.09
C ARG B 317 -13.26 -24.20 31.41
N MET B 318 -13.98 -24.93 30.56
CA MET B 318 -15.40 -24.95 30.58
C MET B 318 -15.91 -26.15 31.43
N ARG B 319 -16.74 -25.90 32.44
CA ARG B 319 -17.25 -26.99 33.32
C ARG B 319 -17.84 -28.07 32.50
N ALA B 320 -18.53 -27.70 31.40
CA ALA B 320 -19.40 -28.66 30.67
C ALA B 320 -18.66 -29.26 29.49
N GLY B 321 -17.35 -28.92 29.40
CA GLY B 321 -16.41 -29.67 28.56
C GLY B 321 -16.24 -29.14 27.15
N ARG B 322 -15.71 -29.98 26.26
CA ARG B 322 -15.44 -29.64 24.84
C ARG B 322 -16.64 -29.02 24.15
N THR B 323 -17.83 -29.61 24.27
CA THR B 323 -19.02 -29.00 23.65
C THR B 323 -19.40 -27.54 24.06
N ALA B 324 -19.37 -27.25 25.36
CA ALA B 324 -19.56 -25.88 25.88
C ALA B 324 -18.46 -24.95 25.39
N ALA B 325 -17.22 -25.45 25.30
CA ALA B 325 -16.14 -24.65 24.73
C ALA B 325 -16.50 -24.25 23.28
N GLU B 326 -16.90 -25.23 22.49
CA GLU B 326 -17.31 -25.04 21.08
C GLU B 326 -18.48 -24.08 21.04
N GLN B 327 -19.41 -24.20 21.99
CA GLN B 327 -20.61 -23.36 21.94
C GLN B 327 -20.34 -21.89 22.27
N LEU B 328 -19.54 -21.68 23.31
CA LEU B 328 -19.12 -20.33 23.62
C LEU B 328 -18.40 -19.61 22.43
N CYS B 329 -17.48 -20.32 21.76
CA CYS B 329 -16.71 -19.84 20.60
C CYS B 329 -17.68 -19.55 19.47
N ALA B 330 -18.72 -20.37 19.33
CA ALA B 330 -19.73 -20.12 18.32
C ALA B 330 -20.67 -18.96 18.57
N LYS B 331 -20.94 -18.63 19.83
CA LYS B 331 -22.06 -17.75 20.14
C LYS B 331 -21.71 -16.32 20.45
N THR B 332 -20.42 -15.98 20.57
CA THR B 332 -20.03 -14.59 20.74
C THR B 332 -20.27 -13.80 19.45
N ASN B 333 -20.61 -12.53 19.64
CA ASN B 333 -20.96 -11.60 18.61
C ASN B 333 -19.99 -10.41 18.54
N ILE B 334 -19.19 -10.23 19.60
CA ILE B 334 -18.15 -9.26 19.61
C ILE B 334 -16.75 -9.91 19.50
N PHE B 335 -16.37 -10.77 20.44
CA PHE B 335 -15.20 -11.68 20.23
C PHE B 335 -15.47 -12.40 18.89
N ILE B 336 -14.51 -12.31 18.00
CA ILE B 336 -14.55 -12.93 16.70
C ILE B 336 -13.82 -14.30 16.79
N LEU B 337 -14.49 -15.33 16.31
CA LEU B 337 -13.92 -16.66 16.25
C LEU B 337 -12.91 -16.75 15.08
N ALA B 338 -11.64 -16.72 15.44
CA ALA B 338 -10.58 -16.65 14.48
C ALA B 338 -9.30 -16.95 15.21
N GLU B 339 -8.29 -17.39 14.47
CA GLU B 339 -6.95 -17.53 15.08
C GLU B 339 -6.23 -16.16 15.28
N SER B 340 -5.01 -16.17 15.76
CA SER B 340 -4.28 -14.98 16.03
C SER B 340 -4.72 -14.25 17.31
N LEU B 341 -3.96 -13.21 17.66
CA LEU B 341 -4.23 -12.54 18.89
C LEU B 341 -3.59 -11.21 18.86
N GLY B 342 -3.85 -10.41 19.88
CA GLY B 342 -3.14 -9.15 20.01
C GLY B 342 -3.63 -8.10 19.09
N SER B 343 -4.92 -8.18 18.79
CA SER B 343 -5.60 -7.20 17.93
C SER B 343 -6.52 -6.25 18.73
N VAL B 344 -6.65 -5.02 18.23
CA VAL B 344 -7.68 -4.14 18.81
C VAL B 344 -9.12 -4.81 18.88
N GLU B 345 -9.53 -5.56 17.88
CA GLU B 345 -10.76 -6.43 18.02
C GLU B 345 -10.48 -7.73 18.81
N SER B 346 -11.27 -7.96 19.85
CA SER B 346 -11.32 -9.19 20.56
C SER B 346 -11.44 -10.47 19.73
N LEU B 347 -10.61 -11.43 20.02
CA LEU B 347 -10.65 -12.72 19.32
C LEU B 347 -10.83 -13.83 20.36
N ILE B 348 -11.51 -14.91 19.87
CA ILE B 348 -11.76 -16.12 20.63
C ILE B 348 -11.46 -17.41 19.78
N GLU B 349 -10.97 -18.43 20.45
CA GLU B 349 -10.59 -19.70 19.75
C GLU B 349 -10.57 -20.86 20.71
N HIS B 350 -10.56 -22.07 20.18
CA HIS B 350 -10.62 -23.35 20.90
C HIS B 350 -9.36 -24.08 20.51
N PRO B 351 -8.24 -23.88 21.24
CA PRO B 351 -6.94 -24.22 20.75
C PRO B 351 -6.78 -25.70 20.38
N SER B 352 -7.52 -26.54 21.08
CA SER B 352 -7.36 -27.98 20.88
C SER B 352 -7.75 -28.38 19.49
N ALA B 353 -8.65 -27.63 18.87
CA ALA B 353 -9.10 -27.84 17.49
C ALA B 353 -8.34 -26.97 16.49
N MET B 354 -7.86 -25.78 16.94
CA MET B 354 -7.36 -24.65 16.07
C MET B 354 -5.80 -24.52 16.30
N THR B 355 -5.30 -23.44 16.90
CA THR B 355 -4.07 -23.54 17.78
C THR B 355 -3.71 -22.19 18.44
N GLY B 361 3.08 -36.81 23.23
CA GLY B 361 3.95 -37.04 24.39
C GLY B 361 5.26 -36.23 24.39
N SER B 362 5.34 -35.26 23.50
CA SER B 362 6.48 -34.38 23.48
C SER B 362 6.08 -33.00 23.94
N GLN B 363 4.75 -32.70 23.96
CA GLN B 363 4.14 -31.46 24.44
C GLN B 363 2.93 -31.77 25.29
N LEU B 364 2.70 -30.88 26.27
CA LEU B 364 1.47 -30.83 27.04
C LEU B 364 0.22 -30.80 26.14
N GLU B 365 -0.74 -31.65 26.52
CA GLU B 365 -2.03 -31.66 25.84
C GLU B 365 -2.73 -30.37 26.24
N VAL B 366 -3.23 -29.62 25.27
CA VAL B 366 -4.13 -28.53 25.65
C VAL B 366 -5.51 -29.06 25.88
N PRO B 367 -6.07 -28.85 27.05
CA PRO B 367 -7.33 -29.54 27.28
C PRO B 367 -8.44 -29.17 26.29
N ASP B 368 -9.23 -30.15 25.87
CA ASP B 368 -10.23 -29.87 24.88
C ASP B 368 -11.40 -29.03 25.48
N ASP B 369 -11.38 -28.75 26.79
CA ASP B 369 -12.38 -27.85 27.34
C ASP B 369 -11.93 -26.39 27.40
N LEU B 370 -10.85 -26.07 26.78
CA LEU B 370 -10.21 -24.78 27.06
C LEU B 370 -10.57 -23.81 25.92
N VAL B 371 -10.83 -22.55 26.28
CA VAL B 371 -11.18 -21.48 25.31
C VAL B 371 -10.15 -20.42 25.56
N ARG B 372 -9.51 -19.91 24.50
CA ARG B 372 -8.49 -18.86 24.67
C ARG B 372 -9.13 -17.58 24.19
N LEU B 373 -9.07 -16.57 25.05
CA LEU B 373 -9.58 -15.26 24.72
C LEU B 373 -8.46 -14.23 24.57
N SER B 374 -8.44 -13.56 23.45
CA SER B 374 -7.60 -12.42 23.27
C SER B 374 -8.49 -11.19 23.43
N VAL B 375 -8.41 -10.55 24.58
CA VAL B 375 -9.31 -9.51 24.94
C VAL B 375 -8.85 -8.17 24.25
N GLY B 376 -9.70 -7.56 23.42
CA GLY B 376 -9.30 -6.34 22.72
C GLY B 376 -9.63 -5.07 23.45
N ILE B 377 -9.77 -3.99 22.72
CA ILE B 377 -9.86 -2.66 23.34
C ILE B 377 -11.24 -2.01 23.30
N GLU B 378 -12.22 -2.81 22.91
CA GLU B 378 -13.63 -2.47 23.00
C GLU B 378 -13.95 -2.13 24.46
N ASP B 379 -15.13 -1.53 24.55
CA ASP B 379 -15.72 -1.05 25.78
C ASP B 379 -15.99 -2.30 26.54
N VAL B 380 -15.48 -2.30 27.79
CA VAL B 380 -15.50 -3.47 28.65
C VAL B 380 -16.88 -3.99 28.90
N ALA B 381 -17.82 -3.11 29.18
CA ALA B 381 -19.20 -3.50 29.42
C ALA B 381 -19.80 -4.30 28.22
N ASP B 382 -19.53 -3.90 26.97
CA ASP B 382 -19.92 -4.70 25.77
C ASP B 382 -19.26 -6.10 25.74
N LEU B 383 -18.01 -6.23 26.19
CA LEU B 383 -17.33 -7.53 26.15
C LEU B 383 -17.92 -8.47 27.21
N LEU B 384 -18.22 -7.91 28.39
CA LEU B 384 -18.82 -8.74 29.47
C LEU B 384 -20.23 -9.20 29.06
N ASP B 385 -21.07 -8.24 28.62
CA ASP B 385 -22.40 -8.59 28.06
CA ASP B 385 -22.40 -8.59 28.05
C ASP B 385 -22.31 -9.64 26.95
N ASP B 386 -21.32 -9.48 26.05
CA ASP B 386 -21.10 -10.51 25.02
C ASP B 386 -20.85 -11.91 25.59
N LEU B 387 -19.93 -12.01 26.53
CA LEU B 387 -19.63 -13.30 27.17
C LEU B 387 -20.84 -13.87 27.94
N LYS B 388 -21.50 -13.00 28.74
CA LYS B 388 -22.69 -13.37 29.48
C LYS B 388 -23.80 -13.93 28.58
N GLN B 389 -24.11 -13.28 27.45
CA GLN B 389 -25.12 -13.83 26.51
C GLN B 389 -24.65 -15.11 25.81
N ALA B 390 -23.38 -15.16 25.44
CA ALA B 390 -22.80 -16.36 24.81
C ALA B 390 -22.69 -17.57 25.76
N LEU B 391 -22.62 -17.33 27.06
CA LEU B 391 -22.49 -18.40 28.04
C LEU B 391 -23.86 -18.98 28.41
N GLY B 392 -24.88 -18.15 28.24
CA GLY B 392 -26.27 -18.47 28.55
C GLY B 392 -26.46 -18.97 29.97
N ALA C 16 15.01 11.91 -24.20
CA ALA C 16 14.53 12.20 -25.61
C ALA C 16 13.26 11.50 -25.96
N GLY C 17 13.29 10.21 -26.33
CA GLY C 17 12.05 9.46 -26.75
C GLY C 17 10.96 9.45 -25.70
N LEU C 18 9.66 9.29 -26.07
CA LEU C 18 8.65 9.37 -25.02
C LEU C 18 8.68 8.21 -24.02
N ALA C 19 9.03 7.01 -24.46
CA ALA C 19 9.14 5.85 -23.55
C ALA C 19 10.20 6.03 -22.54
N THR C 20 11.36 6.56 -23.00
CA THR C 20 12.48 6.96 -22.11
C THR C 20 12.08 8.01 -21.08
N ARG C 21 11.35 9.04 -21.53
CA ARG C 21 10.81 10.11 -20.64
C ARG C 21 9.83 9.62 -19.61
N ALA C 22 8.91 8.71 -19.98
CA ALA C 22 7.90 8.16 -19.08
C ALA C 22 8.59 7.38 -17.92
N ILE C 23 9.78 6.83 -18.21
CA ILE C 23 10.57 6.06 -17.26
C ILE C 23 11.54 6.89 -16.40
N HIS C 24 12.10 7.97 -16.93
CA HIS C 24 13.24 8.62 -16.30
C HIS C 24 12.96 10.12 -15.91
N SER C 25 12.02 10.79 -16.59
CA SER C 25 11.94 12.26 -16.52
C SER C 25 11.46 12.85 -15.22
N GLY C 26 10.52 12.20 -14.56
CA GLY C 26 9.86 12.85 -13.42
C GLY C 26 10.28 12.49 -11.99
N TYR C 27 11.08 11.51 -11.82
CA TYR C 27 11.64 11.23 -10.49
C TYR C 27 13.06 10.83 -10.79
N ARG C 28 13.98 11.41 -10.09
CA ARG C 28 15.39 11.07 -10.21
C ARG C 28 15.76 10.27 -8.96
N PRO C 29 16.56 9.21 -9.14
CA PRO C 29 16.91 8.41 -8.00
C PRO C 29 17.37 9.30 -6.81
N ASP C 30 16.77 9.06 -5.65
CA ASP C 30 16.99 9.88 -4.49
C ASP C 30 18.49 10.13 -4.13
N PRO C 31 18.85 11.38 -3.70
CA PRO C 31 20.26 11.56 -3.32
C PRO C 31 20.66 10.81 -2.06
N ALA C 32 19.74 10.71 -1.11
CA ALA C 32 20.03 10.10 0.20
C ALA C 32 20.15 8.54 0.16
N THR C 33 19.27 7.89 -0.60
CA THR C 33 19.33 6.42 -0.72
C THR C 33 19.57 5.87 -2.14
N GLY C 34 19.37 6.66 -3.22
CA GLY C 34 19.42 6.09 -4.56
C GLY C 34 18.16 5.35 -5.00
N ALA C 35 17.14 5.32 -4.16
CA ALA C 35 15.92 4.54 -4.42
C ALA C 35 15.51 4.79 -5.90
N VAL C 36 15.44 3.78 -6.73
CA VAL C 36 15.18 4.05 -8.18
C VAL C 36 13.76 4.51 -8.51
N ASN C 37 12.83 4.21 -7.60
CA ASN C 37 11.39 4.51 -7.68
C ASN C 37 11.07 5.63 -6.68
N ALA C 38 10.11 6.50 -7.07
CA ALA C 38 9.56 7.52 -6.14
C ALA C 38 8.98 6.80 -4.89
N PRO C 39 9.52 7.10 -3.74
CA PRO C 39 8.96 6.55 -2.54
C PRO C 39 7.51 7.01 -2.32
N ILE C 40 6.81 6.20 -1.58
CA ILE C 40 5.42 6.48 -1.19
C ILE C 40 5.45 7.21 0.16
N TYR C 41 5.27 8.52 0.12
CA TYR C 41 5.44 9.32 1.31
C TYR C 41 4.06 9.41 2.00
N ALA C 42 3.77 8.43 2.86
CA ALA C 42 2.54 8.41 3.66
C ALA C 42 2.77 9.26 4.88
N SER C 43 2.89 10.56 4.59
CA SER C 43 2.96 11.67 5.50
C SER C 43 2.03 12.84 5.01
N SER C 44 1.23 13.32 5.97
CA SER C 44 0.40 14.41 5.80
C SER C 44 1.02 15.72 6.14
N THR C 45 2.15 15.64 6.84
CA THR C 45 2.85 16.85 7.33
C THR C 45 4.33 16.58 7.42
N PHE C 46 5.05 17.68 7.59
CA PHE C 46 6.50 17.68 7.35
C PHE C 46 7.22 18.53 8.33
N ALA C 47 8.25 18.01 8.98
CA ALA C 47 9.02 18.78 9.98
C ALA C 47 9.61 20.00 9.28
N GLN C 48 9.66 21.13 9.99
CA GLN C 48 10.28 22.36 9.52
C GLN C 48 11.45 22.71 10.43
N ASP C 49 12.27 23.64 9.99
CA ASP C 49 13.39 24.11 10.81
C ASP C 49 13.03 25.50 11.29
N GLY C 50 13.06 25.69 12.60
CA GLY C 50 12.74 26.98 13.23
C GLY C 50 13.43 28.21 12.64
N VAL C 51 14.70 28.08 12.21
CA VAL C 51 15.44 29.16 11.49
C VAL C 51 15.10 29.23 9.97
N GLY C 52 15.43 28.14 9.24
CA GLY C 52 15.25 28.04 7.76
C GLY C 52 13.86 27.70 7.15
N GLY C 53 12.88 27.31 7.99
CA GLY C 53 11.50 27.07 7.50
C GLY C 53 11.37 25.71 6.83
N LEU C 54 10.67 25.67 5.69
CA LEU C 54 10.42 24.40 5.01
C LEU C 54 11.64 23.59 4.49
N ARG C 55 11.53 22.27 4.53
CA ARG C 55 12.45 21.37 3.81
C ARG C 55 11.92 20.95 2.45
N GLY C 56 12.66 21.33 1.41
CA GLY C 56 12.29 20.99 0.06
C GLY C 56 10.96 21.62 -0.34
N GLY C 57 10.55 22.68 0.33
CA GLY C 57 9.28 23.38 0.04
C GLY C 57 8.04 22.67 0.58
N TYR C 58 8.23 21.60 1.35
CA TYR C 58 7.07 20.78 1.83
C TYR C 58 6.55 21.22 3.21
N GLU C 59 5.25 21.35 3.33
CA GLU C 59 4.59 21.76 4.59
C GLU C 59 3.34 21.00 4.94
N TYR C 60 2.58 20.62 3.92
CA TYR C 60 1.31 19.94 4.20
C TYR C 60 0.85 19.21 2.96
N ALA C 61 0.57 17.94 3.10
CA ALA C 61 0.38 17.06 1.96
C ALA C 61 -0.63 17.49 0.91
N ARG C 62 -1.79 17.98 1.31
CA ARG C 62 -2.79 18.53 0.39
C ARG C 62 -2.22 19.53 -0.62
N THR C 63 -1.47 20.48 -0.05
CA THR C 63 -0.77 21.58 -0.79
C THR C 63 0.33 21.02 -1.73
N GLY C 64 1.07 20.06 -1.23
CA GLY C 64 2.15 19.46 -2.01
C GLY C 64 2.77 18.34 -1.23
N ASN C 65 3.17 17.24 -1.90
CA ASN C 65 3.90 16.16 -1.24
C ASN C 65 4.86 15.48 -2.21
N PRO C 66 5.95 14.83 -1.73
CA PRO C 66 6.91 14.30 -2.68
C PRO C 66 6.42 13.31 -3.72
N THR C 67 5.58 12.36 -3.35
CA THR C 67 5.13 11.42 -4.33
C THR C 67 4.28 12.09 -5.44
N ARG C 68 3.36 12.96 -5.01
CA ARG C 68 2.59 13.73 -5.96
C ARG C 68 3.42 14.62 -6.85
N THR C 69 4.47 15.22 -6.30
CA THR C 69 5.42 15.99 -7.14
C THR C 69 6.06 15.18 -8.26
N ALA C 70 6.53 13.97 -7.91
CA ALA C 70 7.04 13.04 -8.90
C ALA C 70 6.00 12.74 -10.00
N LEU C 71 4.76 12.44 -9.61
CA LEU C 71 3.73 12.13 -10.57
C LEU C 71 3.48 13.28 -11.52
N GLU C 72 3.35 14.47 -10.95
CA GLU C 72 3.10 15.68 -11.70
C GLU C 72 4.21 16.00 -12.69
N ALA C 73 5.44 15.68 -12.32
CA ALA C 73 6.64 15.89 -13.11
C ALA C 73 6.65 14.93 -14.29
N ALA C 74 6.22 13.68 -14.07
CA ALA C 74 6.12 12.72 -15.14
C ALA C 74 4.96 12.99 -16.08
N LEU C 75 3.79 13.31 -15.52
CA LEU C 75 2.61 13.69 -16.35
C LEU C 75 2.97 14.86 -17.29
N ALA C 76 3.62 15.89 -16.72
CA ALA C 76 4.00 17.06 -17.55
C ALA C 76 5.00 16.64 -18.65
N ALA C 77 5.99 15.84 -18.23
CA ALA C 77 7.04 15.35 -19.16
C ALA C 77 6.51 14.65 -20.39
N VAL C 78 5.62 13.69 -20.21
CA VAL C 78 5.05 12.94 -21.35
C VAL C 78 4.09 13.78 -22.27
N GLU C 79 3.63 14.94 -21.84
CA GLU C 79 2.87 15.84 -22.71
C GLU C 79 3.73 17.05 -23.18
N ASP C 80 5.03 16.96 -22.95
CA ASP C 80 5.99 18.08 -23.15
C ASP C 80 5.47 19.46 -22.58
N ALA C 81 4.87 19.36 -21.38
CA ALA C 81 4.32 20.51 -20.67
C ALA C 81 5.29 20.99 -19.58
N ALA C 82 5.21 22.28 -19.31
CA ALA C 82 6.03 22.97 -18.28
C ALA C 82 5.42 22.63 -16.92
N PHE C 83 4.12 22.37 -16.89
CA PHE C 83 3.40 22.22 -15.62
C PHE C 83 2.41 21.05 -15.63
N GLY C 84 2.33 20.34 -14.52
CA GLY C 84 1.31 19.29 -14.32
C GLY C 84 0.71 19.28 -12.91
N ARG C 85 -0.57 18.83 -12.82
CA ARG C 85 -1.30 18.82 -11.54
C ARG C 85 -2.05 17.52 -11.51
N ALA C 86 -1.96 16.82 -10.38
CA ALA C 86 -2.67 15.55 -10.25
C ALA C 86 -3.79 15.62 -9.22
N PHE C 87 -4.86 14.88 -9.51
CA PHE C 87 -6.09 15.01 -8.82
C PHE C 87 -6.60 13.63 -8.51
N SER C 88 -7.63 13.54 -7.67
CA SER C 88 -8.11 12.23 -7.20
C SER C 88 -8.93 11.49 -8.27
N SER C 89 -9.25 12.10 -9.42
CA SER C 89 -10.09 11.42 -10.40
C SER C 89 -10.02 12.31 -11.65
N GLY C 90 -10.27 11.72 -12.81
CA GLY C 90 -10.42 12.58 -13.97
C GLY C 90 -11.50 13.63 -13.85
N MET C 91 -12.61 13.29 -13.19
CA MET C 91 -13.68 14.31 -12.94
C MET C 91 -13.26 15.45 -12.06
N ALA C 92 -12.37 15.17 -11.07
CA ALA C 92 -11.83 16.22 -10.24
C ALA C 92 -10.92 17.19 -11.03
N ALA C 93 -10.20 16.69 -12.03
CA ALA C 93 -9.43 17.51 -12.91
C ALA C 93 -10.36 18.36 -13.78
N ALA C 94 -11.48 17.81 -14.20
CA ALA C 94 -12.42 18.55 -15.04
C ALA C 94 -13.07 19.65 -14.22
N ASP C 95 -13.54 19.30 -13.01
CA ASP C 95 -14.06 20.25 -12.05
C ASP C 95 -13.07 21.39 -11.78
N CYS C 96 -11.79 21.06 -11.67
CA CYS C 96 -10.80 22.12 -11.35
C CYS C 96 -10.66 22.98 -12.56
N ALA C 97 -10.57 22.36 -13.73
CA ALA C 97 -10.44 23.16 -14.97
C ALA C 97 -11.65 24.12 -15.18
N LEU C 98 -12.85 23.58 -15.05
CA LEU C 98 -14.08 24.41 -15.18
C LEU C 98 -14.11 25.54 -14.23
N ARG C 99 -13.82 25.26 -12.95
CA ARG C 99 -13.81 26.28 -11.98
C ARG C 99 -12.63 27.32 -12.11
N ALA C 100 -11.48 26.91 -12.59
CA ALA C 100 -10.41 27.83 -12.83
C ALA C 100 -10.68 28.79 -13.95
N MET C 101 -11.36 28.33 -15.02
CA MET C 101 -11.42 29.06 -16.26
C MET C 101 -12.82 29.68 -16.49
N LEU C 102 -13.83 29.28 -15.73
CA LEU C 102 -15.15 29.89 -15.85
C LEU C 102 -15.58 30.62 -14.58
N ARG C 103 -16.47 31.57 -14.76
CA ARG C 103 -17.21 32.17 -13.67
C ARG C 103 -18.69 32.31 -14.03
N PRO C 104 -19.57 32.62 -13.03
CA PRO C 104 -20.96 32.91 -13.43
C PRO C 104 -21.06 33.92 -14.54
N GLY C 105 -21.98 33.65 -15.45
CA GLY C 105 -22.08 34.47 -16.60
C GLY C 105 -21.28 34.06 -17.80
N ASP C 106 -20.32 33.16 -17.64
CA ASP C 106 -19.57 32.60 -18.74
C ASP C 106 -20.21 31.39 -19.46
N HIS C 107 -19.68 31.11 -20.63
CA HIS C 107 -20.19 30.06 -21.53
C HIS C 107 -19.02 29.22 -21.93
N VAL C 108 -19.32 27.92 -22.12
CA VAL C 108 -18.40 26.87 -22.61
C VAL C 108 -19.03 26.10 -23.82
N VAL C 109 -18.22 25.90 -24.86
CA VAL C 109 -18.68 25.15 -25.99
C VAL C 109 -18.25 23.71 -25.61
N ILE C 110 -19.10 22.75 -25.82
CA ILE C 110 -18.77 21.38 -25.53
C ILE C 110 -18.99 20.43 -26.71
N PRO C 111 -18.47 19.22 -26.59
CA PRO C 111 -18.71 18.33 -27.74
C PRO C 111 -20.19 17.84 -27.70
N ASP C 112 -20.82 17.61 -28.85
CA ASP C 112 -22.17 16.99 -28.82
C ASP C 112 -22.25 15.49 -28.37
N ASP C 113 -21.10 14.80 -28.40
CA ASP C 113 -20.99 13.45 -27.78
CA ASP C 113 -20.92 13.42 -27.88
C ASP C 113 -19.82 13.38 -26.81
N ALA C 114 -19.89 14.10 -25.70
CA ALA C 114 -18.74 14.01 -24.75
C ALA C 114 -18.88 12.85 -23.74
N TYR C 115 -17.83 12.62 -22.94
CA TYR C 115 -17.90 11.67 -21.85
C TYR C 115 -19.08 11.99 -20.90
N GLY C 116 -19.82 10.97 -20.56
CA GLY C 116 -21.08 11.20 -19.79
C GLY C 116 -20.87 11.98 -18.48
N GLY C 117 -19.72 11.76 -17.85
CA GLY C 117 -19.42 12.39 -16.58
C GLY C 117 -19.18 13.88 -16.74
N THR C 118 -18.53 14.26 -17.81
CA THR C 118 -18.34 15.67 -18.17
C THR C 118 -19.61 16.32 -18.45
N PHE C 119 -20.44 15.72 -19.30
CA PHE C 119 -21.77 16.27 -19.58
C PHE C 119 -22.63 16.43 -18.34
N ARG C 120 -22.68 15.40 -17.48
CA ARG C 120 -23.42 15.49 -16.23
C ARG C 120 -22.93 16.65 -15.39
N LEU C 121 -21.63 16.81 -15.31
CA LEU C 121 -21.07 17.85 -14.45
C LEU C 121 -21.50 19.25 -14.94
N ILE C 122 -21.34 19.52 -16.23
CA ILE C 122 -21.64 20.80 -16.81
C ILE C 122 -23.18 21.05 -16.85
N ASP C 123 -23.97 20.09 -17.35
CA ASP C 123 -25.41 20.25 -17.46
C ASP C 123 -26.14 20.20 -16.10
N LYS C 124 -25.76 19.29 -15.21
CA LYS C 124 -26.44 19.13 -13.92
C LYS C 124 -25.87 19.95 -12.76
N VAL C 125 -24.62 20.36 -12.82
CA VAL C 125 -24.01 21.16 -11.73
C VAL C 125 -23.79 22.59 -12.14
N PHE C 126 -22.94 22.79 -13.17
CA PHE C 126 -22.51 24.14 -13.49
C PHE C 126 -23.63 25.03 -14.00
N THR C 127 -24.65 24.47 -14.62
CA THR C 127 -25.73 25.29 -15.06
C THR C 127 -26.45 25.88 -13.83
N GLY C 128 -26.37 25.17 -12.68
CA GLY C 128 -26.93 25.72 -11.41
C GLY C 128 -26.09 26.86 -10.84
N TRP C 129 -24.88 27.03 -11.37
CA TRP C 129 -23.96 28.09 -10.95
C TRP C 129 -23.79 29.10 -12.08
N ASN C 130 -24.84 29.23 -12.89
CA ASN C 130 -24.95 30.28 -13.96
C ASN C 130 -23.87 30.28 -15.04
N VAL C 131 -23.34 29.09 -15.29
CA VAL C 131 -22.53 28.79 -16.46
C VAL C 131 -23.41 28.22 -17.56
N GLU C 132 -23.16 28.66 -18.76
CA GLU C 132 -24.02 28.25 -19.91
C GLU C 132 -23.13 27.43 -20.84
N TYR C 133 -23.73 26.59 -21.66
CA TYR C 133 -22.91 25.74 -22.54
C TYR C 133 -23.64 25.49 -23.83
N THR C 134 -22.92 25.31 -24.90
CA THR C 134 -23.57 24.82 -26.16
C THR C 134 -22.82 23.59 -26.70
N PRO C 135 -23.51 22.46 -26.91
CA PRO C 135 -22.81 21.34 -27.58
C PRO C 135 -22.81 21.50 -29.06
N VAL C 136 -21.73 21.04 -29.71
CA VAL C 136 -21.58 21.18 -31.14
CA VAL C 136 -21.57 21.18 -31.15
C VAL C 136 -20.78 19.99 -31.71
N ALA C 137 -21.04 19.64 -32.94
CA ALA C 137 -20.28 18.60 -33.61
C ALA C 137 -18.93 19.20 -33.88
N LEU C 138 -17.91 18.84 -33.09
CA LEU C 138 -16.58 19.47 -33.17
C LEU C 138 -15.87 19.30 -34.51
N ALA C 139 -16.27 18.28 -35.28
CA ALA C 139 -15.72 18.00 -36.60
C ALA C 139 -16.08 19.13 -37.55
N ASP C 140 -17.13 19.86 -37.23
CA ASP C 140 -17.57 20.96 -38.11
C ASP C 140 -17.05 22.32 -37.61
N LEU C 141 -15.93 22.79 -38.16
CA LEU C 141 -15.28 23.98 -37.61
C LEU C 141 -16.16 25.21 -37.76
N ASP C 142 -17.06 25.28 -38.76
CA ASP C 142 -17.92 26.48 -38.86
C ASP C 142 -18.98 26.46 -37.80
N ALA C 143 -19.46 25.25 -37.51
CA ALA C 143 -20.37 25.01 -36.39
C ALA C 143 -19.73 25.36 -35.03
N VAL C 144 -18.52 24.86 -34.77
CA VAL C 144 -17.81 25.30 -33.56
C VAL C 144 -17.69 26.83 -33.45
N ARG C 145 -17.31 27.50 -34.52
CA ARG C 145 -17.17 28.96 -34.47
C ARG C 145 -18.52 29.66 -34.23
N ALA C 146 -19.60 29.19 -34.89
CA ALA C 146 -20.89 29.80 -34.69
C ALA C 146 -21.36 29.69 -33.20
N ALA C 147 -20.86 28.68 -32.51
CA ALA C 147 -21.35 28.37 -31.10
C ALA C 147 -20.67 29.26 -30.05
N ILE C 148 -19.58 29.91 -30.47
CA ILE C 148 -18.83 30.92 -29.71
C ILE C 148 -19.61 32.28 -29.62
N ARG C 149 -19.87 32.69 -28.39
CA ARG C 149 -20.57 33.89 -27.96
C ARG C 149 -19.53 34.83 -27.36
N PRO C 150 -19.94 36.08 -27.08
CA PRO C 150 -19.06 36.99 -26.45
C PRO C 150 -18.63 36.53 -25.07
N THR C 151 -19.40 35.60 -24.48
CA THR C 151 -19.16 35.15 -23.13
C THR C 151 -18.44 33.82 -23.06
N THR C 152 -18.09 33.25 -24.21
CA THR C 152 -17.43 31.95 -24.31
C THR C 152 -15.99 32.11 -23.87
N ARG C 153 -15.60 31.46 -22.76
CA ARG C 153 -14.20 31.52 -22.25
C ARG C 153 -13.42 30.17 -22.46
N LEU C 154 -14.10 29.15 -22.93
CA LEU C 154 -13.59 27.87 -22.87
C LEU C 154 -14.20 27.03 -23.97
N ILE C 155 -13.33 26.28 -24.66
CA ILE C 155 -13.80 25.33 -25.65
C ILE C 155 -13.34 23.95 -25.18
N TRP C 156 -14.31 23.07 -24.94
CA TRP C 156 -14.01 21.76 -24.40
C TRP C 156 -13.90 20.71 -25.52
N VAL C 157 -12.64 20.21 -25.74
CA VAL C 157 -12.41 19.30 -26.81
C VAL C 157 -12.16 17.88 -26.29
N GLU C 158 -12.87 16.95 -26.90
CA GLU C 158 -12.57 15.55 -26.76
C GLU C 158 -12.36 14.94 -28.12
N THR C 159 -11.26 14.19 -28.23
CA THR C 159 -10.89 13.46 -29.43
C THR C 159 -9.86 12.36 -29.27
N PRO C 160 -10.22 11.13 -29.74
CA PRO C 160 -11.52 10.71 -30.24
C PRO C 160 -12.50 10.76 -29.09
N THR C 161 -13.78 10.86 -29.44
CA THR C 161 -14.82 10.89 -28.41
C THR C 161 -15.25 9.57 -27.88
N ASN C 162 -15.85 9.67 -26.68
CA ASN C 162 -16.32 8.53 -25.94
C ASN C 162 -17.85 8.52 -25.94
N PRO C 163 -18.51 7.59 -26.68
CA PRO C 163 -17.97 6.37 -27.24
C PRO C 163 -17.86 6.29 -28.72
N LEU C 164 -18.19 7.35 -29.44
CA LEU C 164 -18.34 7.28 -30.88
C LEU C 164 -17.01 7.31 -31.67
N LEU C 165 -15.95 7.73 -31.01
CA LEU C 165 -14.63 7.91 -31.54
C LEU C 165 -14.64 8.93 -32.72
N SER C 166 -15.53 9.95 -32.61
CA SER C 166 -15.54 11.06 -33.54
CA SER C 166 -15.53 11.06 -33.54
C SER C 166 -14.26 11.87 -33.31
N ILE C 167 -13.81 12.61 -34.37
CA ILE C 167 -12.52 13.35 -34.36
C ILE C 167 -12.74 14.89 -34.45
N ALA C 168 -11.99 15.62 -33.61
CA ALA C 168 -11.89 17.06 -33.64
C ALA C 168 -10.50 17.45 -34.09
N ASP C 169 -10.44 18.40 -35.01
CA ASP C 169 -9.19 19.02 -35.40
C ASP C 169 -8.72 19.96 -34.31
N ILE C 170 -7.95 19.42 -33.36
CA ILE C 170 -7.32 20.27 -32.32
C ILE C 170 -6.72 21.61 -32.84
N ALA C 171 -5.80 21.57 -33.84
CA ALA C 171 -5.22 22.79 -34.39
C ALA C 171 -6.32 23.81 -34.87
N GLY C 172 -7.28 23.30 -35.64
CA GLY C 172 -8.46 24.05 -36.12
C GLY C 172 -9.16 24.78 -35.02
N ILE C 173 -9.39 24.10 -33.91
CA ILE C 173 -10.18 24.64 -32.83
C ILE C 173 -9.37 25.68 -32.00
N ALA C 174 -8.07 25.42 -31.81
CA ALA C 174 -7.15 26.31 -31.15
C ALA C 174 -7.07 27.62 -31.84
N GLN C 175 -7.10 27.61 -33.15
CA GLN C 175 -7.18 28.82 -33.93
C GLN C 175 -8.51 29.53 -33.59
N LEU C 176 -9.61 28.80 -33.58
CA LEU C 176 -10.84 29.50 -33.26
C LEU C 176 -10.81 30.09 -31.85
N GLY C 177 -10.22 29.35 -30.93
CA GLY C 177 -10.08 29.83 -29.57
C GLY C 177 -9.32 31.14 -29.52
N ALA C 178 -8.11 31.15 -30.13
CA ALA C 178 -7.25 32.36 -30.27
C ALA C 178 -7.99 33.55 -30.85
N ASP C 179 -8.79 33.32 -31.90
CA ASP C 179 -9.56 34.35 -32.59
C ASP C 179 -10.65 35.01 -31.71
N SER C 180 -11.17 34.32 -30.70
CA SER C 180 -12.22 34.91 -29.87
C SER C 180 -11.86 34.96 -28.38
N SER C 181 -10.59 34.79 -28.08
CA SER C 181 -10.06 34.70 -26.70
C SER C 181 -10.81 33.68 -25.86
N ALA C 182 -11.02 32.50 -26.39
CA ALA C 182 -11.49 31.43 -25.59
C ALA C 182 -10.31 30.41 -25.44
N LYS C 183 -10.15 29.85 -24.24
CA LYS C 183 -9.13 28.85 -24.01
C LYS C 183 -9.70 27.56 -24.52
N VAL C 184 -8.76 26.70 -24.92
CA VAL C 184 -9.04 25.41 -25.45
C VAL C 184 -8.44 24.35 -24.57
N LEU C 185 -9.32 23.48 -24.05
CA LEU C 185 -8.91 22.32 -23.21
C LEU C 185 -9.08 21.10 -24.06
N VAL C 186 -8.11 20.23 -24.06
CA VAL C 186 -8.31 18.96 -24.75
C VAL C 186 -8.26 17.78 -23.79
N ASP C 187 -9.33 17.02 -23.73
CA ASP C 187 -9.38 15.78 -22.93
C ASP C 187 -8.76 14.63 -23.80
N ASN C 188 -7.54 14.29 -23.45
CA ASN C 188 -6.65 13.39 -24.19
C ASN C 188 -6.65 12.01 -23.56
N THR C 189 -7.72 11.65 -22.80
CA THR C 189 -7.78 10.34 -22.12
C THR C 189 -7.63 9.14 -23.08
N PHE C 190 -8.47 9.09 -24.14
CA PHE C 190 -8.52 7.96 -25.07
C PHE C 190 -7.28 7.70 -25.85
N ALA C 191 -6.71 8.78 -26.34
CA ALA C 191 -5.53 8.76 -27.18
C ALA C 191 -4.34 8.52 -26.30
N SER C 192 -4.31 9.30 -25.22
CA SER C 192 -3.12 9.24 -24.25
C SER C 192 -1.94 10.03 -24.77
N PRO C 193 -0.92 10.32 -23.88
CA PRO C 193 0.20 11.08 -24.33
C PRO C 193 0.95 10.29 -25.45
N ALA C 194 0.79 8.96 -25.46
CA ALA C 194 1.55 8.13 -26.43
C ALA C 194 1.15 8.33 -27.88
N LEU C 195 -0.12 8.74 -28.07
CA LEU C 195 -0.74 8.85 -29.38
C LEU C 195 -1.02 10.34 -29.79
N GLN C 196 -1.04 11.27 -28.87
CA GLN C 196 -1.45 12.65 -29.18
C GLN C 196 -0.84 13.58 -28.16
N GLN C 197 -0.45 14.77 -28.65
CA GLN C 197 0.15 15.80 -27.85
C GLN C 197 -0.64 17.11 -28.05
N PRO C 198 -1.77 17.27 -27.34
CA PRO C 198 -2.56 18.46 -27.77
C PRO C 198 -1.90 19.86 -27.62
N LEU C 199 -1.00 19.99 -26.66
CA LEU C 199 -0.26 21.26 -26.50
C LEU C 199 0.61 21.68 -27.72
N SER C 200 1.19 20.72 -28.39
CA SER C 200 1.99 21.00 -29.55
C SER C 200 1.08 21.36 -30.72
N LEU C 201 -0.21 21.07 -30.62
CA LEU C 201 -1.24 21.48 -31.60
C LEU C 201 -2.02 22.75 -31.27
N GLY C 202 -1.72 23.40 -30.17
CA GLY C 202 -2.35 24.63 -29.84
C GLY C 202 -3.24 24.68 -28.61
N ALA C 203 -3.63 23.52 -28.05
CA ALA C 203 -4.39 23.51 -26.81
C ALA C 203 -3.71 24.33 -25.75
N ASP C 204 -4.55 24.94 -24.89
CA ASP C 204 -4.02 25.58 -23.74
C ASP C 204 -3.76 24.62 -22.59
N VAL C 205 -4.65 23.69 -22.39
CA VAL C 205 -4.66 22.79 -21.22
C VAL C 205 -4.96 21.38 -21.73
N VAL C 206 -4.32 20.37 -21.15
CA VAL C 206 -4.71 18.97 -21.48
C VAL C 206 -5.21 18.30 -20.23
N LEU C 207 -6.31 17.55 -20.31
CA LEU C 207 -6.87 16.80 -19.21
C LEU C 207 -6.72 15.32 -19.56
N HIS C 208 -6.38 14.53 -18.52
CA HIS C 208 -6.45 13.11 -18.45
C HIS C 208 -7.23 12.52 -17.27
N SER C 209 -8.08 11.50 -17.55
CA SER C 209 -8.40 10.49 -16.54
C SER C 209 -7.32 9.41 -16.58
N THR C 210 -6.46 9.40 -15.53
CA THR C 210 -5.36 8.48 -15.45
C THR C 210 -5.86 7.09 -15.01
N THR C 211 -7.08 7.04 -14.56
CA THR C 211 -7.80 5.84 -14.36
C THR C 211 -7.72 4.86 -15.53
N1 LLP C 212 -12.85 11.81 -19.65
C2 LLP C 212 -12.87 10.67 -20.33
C2' LLP C 212 -12.63 10.78 -21.84
C3 LLP C 212 -13.10 9.45 -19.73
O3 LLP C 212 -13.13 8.35 -20.41
C4 LLP C 212 -13.27 9.44 -18.33
C4' LLP C 212 -13.43 8.14 -17.62
C5 LLP C 212 -13.30 10.65 -17.60
C6 LLP C 212 -13.07 11.82 -18.29
C5' LLP C 212 -13.52 10.77 -16.08
OP4 LLP C 212 -12.45 10.33 -15.24
P LLP C 212 -12.65 9.58 -13.84
OP1 LLP C 212 -13.55 8.41 -13.97
OP2 LLP C 212 -11.22 9.22 -13.52
OP3 LLP C 212 -13.21 10.68 -12.91
N LLP C 212 -7.76 5.41 -16.73
CA LLP C 212 -7.81 4.66 -18.00
CB LLP C 212 -8.62 5.51 -19.03
CG LLP C 212 -10.03 5.55 -18.48
CD LLP C 212 -10.92 6.56 -18.85
CE LLP C 212 -12.23 6.16 -18.01
NZ LLP C 212 -13.37 7.02 -18.36
C LLP C 212 -6.41 4.23 -18.43
O LLP C 212 -5.74 3.56 -17.67
N TYR C 213 -5.93 4.71 -19.58
CA TYR C 213 -4.69 4.20 -20.19
C TYR C 213 -3.43 4.47 -19.41
N ILE C 214 -3.26 5.66 -18.86
CA ILE C 214 -2.02 5.94 -18.11
C ILE C 214 -1.73 4.98 -16.90
N GLY C 215 -2.71 4.87 -15.99
CA GLY C 215 -2.71 3.79 -14.99
C GLY C 215 -2.65 2.43 -15.62
N GLY C 216 -3.56 2.20 -16.57
CA GLY C 216 -3.43 1.06 -17.48
C GLY C 216 -3.83 -0.27 -16.92
N HIS C 217 -4.15 -0.31 -15.62
CA HIS C 217 -4.44 -1.62 -14.90
C HIS C 217 -5.75 -1.69 -14.06
N SER C 218 -6.65 -0.80 -14.33
CA SER C 218 -7.91 -0.65 -13.60
C SER C 218 -7.78 -0.74 -12.09
N ASP C 219 -6.78 -0.08 -11.51
CA ASP C 219 -6.53 -0.14 -10.08
C ASP C 219 -6.29 1.20 -9.39
N VAL C 220 -6.43 2.28 -10.12
CA VAL C 220 -6.26 3.58 -9.51
C VAL C 220 -7.15 4.58 -10.25
N VAL C 221 -8.02 5.24 -9.49
CA VAL C 221 -8.72 6.39 -9.96
C VAL C 221 -7.88 7.63 -9.81
N GLY C 222 -7.68 8.38 -10.86
CA GLY C 222 -6.91 9.61 -10.72
C GLY C 222 -7.13 10.50 -11.93
N GLY C 223 -6.59 11.69 -11.87
CA GLY C 223 -6.77 12.70 -12.95
C GLY C 223 -5.56 13.60 -13.04
N ALA C 224 -5.48 14.36 -14.15
CA ALA C 224 -4.40 15.26 -14.36
C ALA C 224 -4.82 16.41 -15.24
N LEU C 225 -4.16 17.50 -15.02
CA LEU C 225 -4.17 18.69 -15.83
C LEU C 225 -2.74 19.08 -16.12
N VAL C 226 -2.45 19.30 -17.43
CA VAL C 226 -1.14 19.79 -17.82
C VAL C 226 -1.21 20.98 -18.75
N THR C 227 -0.23 21.88 -18.66
CA THR C 227 -0.30 23.11 -19.40
C THR C 227 1.08 23.69 -19.49
N ASN C 228 1.27 24.56 -20.47
CA ASN C 228 2.47 25.39 -20.53
C ASN C 228 2.27 26.81 -19.95
N ASP C 229 1.04 27.14 -19.56
CA ASP C 229 0.69 28.53 -19.18
C ASP C 229 0.83 28.59 -17.67
N GLU C 230 1.82 29.30 -17.17
CA GLU C 230 2.05 29.35 -15.73
C GLU C 230 0.89 29.97 -14.91
N GLU C 231 0.17 30.98 -15.43
CA GLU C 231 -0.99 31.59 -14.70
C GLU C 231 -2.11 30.57 -14.56
N LEU C 232 -2.32 29.79 -15.61
CA LEU C 232 -3.30 28.75 -15.56
C LEU C 232 -2.92 27.70 -14.57
N ASP C 233 -1.66 27.25 -14.61
CA ASP C 233 -1.20 26.30 -13.60
C ASP C 233 -1.42 26.84 -12.19
N GLN C 234 -1.22 28.13 -11.98
CA GLN C 234 -1.36 28.62 -10.60
C GLN C 234 -2.84 28.63 -10.23
N SER C 235 -3.72 28.88 -11.20
CA SER C 235 -5.17 28.85 -10.97
CA SER C 235 -5.18 28.82 -11.02
C SER C 235 -5.69 27.44 -10.66
N PHE C 236 -5.09 26.43 -11.32
CA PHE C 236 -5.33 25.01 -11.00
C PHE C 236 -4.85 24.67 -9.59
N ALA C 237 -3.66 25.17 -9.26
CA ALA C 237 -3.03 24.87 -7.97
C ALA C 237 -3.85 25.42 -6.85
N PHE C 238 -4.41 26.61 -7.06
CA PHE C 238 -5.27 27.23 -6.05
C PHE C 238 -6.49 26.40 -5.67
N LEU C 239 -7.12 25.79 -6.66
CA LEU C 239 -8.26 24.89 -6.48
C LEU C 239 -7.85 23.49 -6.03
N GLN C 240 -6.67 23.03 -6.49
CA GLN C 240 -6.10 21.80 -6.03
C GLN C 240 -5.86 21.83 -4.48
N ASN C 241 -5.18 22.84 -3.99
CA ASN C 241 -4.96 23.02 -2.56
C ASN C 241 -6.29 23.38 -1.82
N GLY C 242 -7.10 24.19 -2.47
CA GLY C 242 -8.17 24.87 -1.81
C GLY C 242 -9.36 23.97 -1.68
N ALA C 243 -9.69 23.27 -2.75
CA ALA C 243 -10.79 22.27 -2.68
C ALA C 243 -10.35 20.76 -2.53
N GLY C 244 -9.04 20.51 -2.58
CA GLY C 244 -8.38 19.32 -2.00
C GLY C 244 -8.78 18.05 -2.68
N ALA C 245 -9.05 18.10 -3.98
CA ALA C 245 -9.39 16.84 -4.73
C ALA C 245 -8.10 16.16 -5.22
N VAL C 246 -7.33 15.66 -4.24
CA VAL C 246 -5.95 15.27 -4.43
C VAL C 246 -5.75 13.76 -4.23
N PRO C 247 -4.80 13.19 -4.98
CA PRO C 247 -4.61 11.71 -4.92
C PRO C 247 -3.76 11.38 -3.70
N GLY C 248 -4.01 10.24 -3.09
CA GLY C 248 -3.05 9.66 -2.10
C GLY C 248 -1.74 9.17 -2.72
N PRO C 249 -0.76 8.87 -1.87
CA PRO C 249 0.56 8.59 -2.44
C PRO C 249 0.66 7.18 -3.04
N PHE C 250 -0.12 6.21 -2.53
CA PHE C 250 -0.03 4.83 -3.05
C PHE C 250 -0.61 4.89 -4.45
N ASP C 251 -1.70 5.64 -4.62
CA ASP C 251 -2.33 5.77 -5.90
C ASP C 251 -1.43 6.56 -6.89
N ALA C 252 -0.87 7.67 -6.45
CA ALA C 252 0.03 8.40 -7.30
C ALA C 252 1.14 7.45 -7.69
N TYR C 253 1.65 6.66 -6.74
CA TYR C 253 2.72 5.70 -7.18
C TYR C 253 2.27 4.68 -8.29
N LEU C 254 1.12 4.05 -8.06
CA LEU C 254 0.50 3.16 -9.07
C LEU C 254 0.35 3.85 -10.48
N THR C 255 -0.04 5.13 -10.47
CA THR C 255 -0.23 5.88 -11.71
C THR C 255 1.10 6.03 -12.45
N MET C 256 2.13 6.39 -11.70
CA MET C 256 3.45 6.54 -12.24
C MET C 256 3.95 5.19 -12.73
N ARG C 257 3.68 4.16 -11.96
CA ARG C 257 4.06 2.84 -12.38
C ARG C 257 3.46 2.50 -13.75
N GLY C 258 2.16 2.75 -13.95
CA GLY C 258 1.51 2.45 -15.17
C GLY C 258 2.09 3.24 -16.29
N LEU C 259 2.37 4.49 -16.04
CA LEU C 259 2.89 5.39 -17.07
C LEU C 259 4.23 4.85 -17.73
N LYS C 260 5.03 4.19 -16.95
CA LYS C 260 6.29 3.60 -17.46
C LYS C 260 6.14 2.55 -18.54
N THR C 261 4.94 1.99 -18.64
CA THR C 261 4.69 1.08 -19.76
C THR C 261 3.69 1.63 -20.75
N LEU C 262 3.18 2.85 -20.60
CA LEU C 262 2.14 3.37 -21.57
C LEU C 262 2.47 3.20 -23.08
N VAL C 263 3.65 3.67 -23.50
CA VAL C 263 4.01 3.63 -24.89
C VAL C 263 4.01 2.19 -25.45
N LEU C 264 4.49 1.27 -24.66
CA LEU C 264 4.58 -0.13 -25.08
C LEU C 264 3.15 -0.64 -25.17
N ARG C 265 2.42 -0.33 -24.14
CA ARG C 265 1.03 -0.83 -24.06
C ARG C 265 0.14 -0.28 -25.23
N MET C 266 0.21 1.01 -25.51
CA MET C 266 -0.72 1.65 -26.47
CA MET C 266 -0.71 1.61 -26.45
C MET C 266 -0.38 1.13 -27.88
N GLN C 267 0.89 0.80 -28.13
CA GLN C 267 1.24 0.18 -29.37
C GLN C 267 0.44 -1.19 -29.53
N ARG C 268 0.43 -2.00 -28.52
CA ARG C 268 -0.19 -3.30 -28.65
CA ARG C 268 -0.19 -3.30 -28.65
C ARG C 268 -1.73 -3.15 -28.57
N HIS C 269 -2.21 -2.13 -27.82
CA HIS C 269 -3.64 -1.83 -27.89
C HIS C 269 -4.07 -1.50 -29.31
N SER C 270 -3.32 -0.60 -29.95
CA SER C 270 -3.62 -0.16 -31.30
C SER C 270 -3.54 -1.31 -32.32
N GLU C 271 -2.52 -2.16 -32.22
CA GLU C 271 -2.40 -3.31 -33.11
C GLU C 271 -3.58 -4.34 -32.91
N ASN C 272 -3.92 -4.63 -31.67
CA ASN C 272 -5.04 -5.50 -31.39
C ASN C 272 -6.39 -4.93 -31.85
N ALA C 273 -6.61 -3.65 -31.58
CA ALA C 273 -7.78 -2.90 -32.00
C ALA C 273 -7.94 -2.83 -33.52
N ALA C 274 -6.86 -2.58 -34.29
CA ALA C 274 -7.01 -2.76 -35.74
C ALA C 274 -7.50 -4.17 -36.19
N ALA C 275 -6.94 -5.17 -35.55
CA ALA C 275 -7.27 -6.59 -35.89
C ALA C 275 -8.74 -6.89 -35.56
N VAL C 276 -9.18 -6.45 -34.37
CA VAL C 276 -10.63 -6.52 -33.96
C VAL C 276 -11.57 -5.77 -34.91
N ALA C 277 -11.23 -4.52 -35.24
CA ALA C 277 -12.05 -3.71 -36.14
C ALA C 277 -12.15 -4.39 -37.49
N GLU C 278 -11.03 -4.90 -37.98
CA GLU C 278 -11.03 -5.63 -39.31
C GLU C 278 -11.94 -6.85 -39.26
N PHE C 279 -11.86 -7.63 -38.16
CA PHE C 279 -12.69 -8.86 -37.99
C PHE C 279 -14.20 -8.46 -37.97
N LEU C 280 -14.53 -7.41 -37.23
CA LEU C 280 -15.91 -7.01 -37.05
C LEU C 280 -16.44 -6.27 -38.26
N ALA C 281 -15.56 -5.60 -39.04
CA ALA C 281 -15.88 -5.09 -40.38
C ALA C 281 -16.41 -6.19 -41.31
N GLU C 282 -15.91 -7.40 -41.16
CA GLU C 282 -16.32 -8.51 -42.05
C GLU C 282 -17.43 -9.38 -41.49
N HIS C 283 -17.85 -9.13 -40.25
CA HIS C 283 -18.75 -10.02 -39.59
C HIS C 283 -20.21 -9.52 -39.81
N PRO C 284 -21.07 -10.41 -40.29
CA PRO C 284 -22.40 -9.97 -40.69
C PRO C 284 -23.34 -9.51 -39.55
N ALA C 285 -23.04 -9.80 -38.27
CA ALA C 285 -23.86 -9.25 -37.19
C ALA C 285 -23.61 -7.82 -36.94
N ILE C 286 -22.55 -7.27 -37.53
CA ILE C 286 -22.15 -5.91 -37.22
C ILE C 286 -22.53 -5.04 -38.40
N SER C 287 -23.30 -3.97 -38.20
CA SER C 287 -23.59 -3.08 -39.30
C SER C 287 -22.48 -2.05 -39.55
N THR C 288 -21.93 -1.45 -38.50
CA THR C 288 -20.99 -0.35 -38.68
C THR C 288 -19.88 -0.51 -37.64
N VAL C 289 -18.63 -0.31 -38.05
CA VAL C 289 -17.52 -0.30 -37.12
C VAL C 289 -16.96 1.10 -37.05
N LEU C 290 -16.74 1.54 -35.81
CA LEU C 290 -16.27 2.85 -35.50
C LEU C 290 -14.89 2.64 -34.91
N TYR C 291 -13.90 3.07 -35.69
CA TYR C 291 -12.49 2.98 -35.37
C TYR C 291 -11.74 4.00 -36.24
N PRO C 292 -10.99 4.93 -35.64
CA PRO C 292 -10.28 6.01 -36.29
C PRO C 292 -9.23 5.62 -37.35
N GLY C 293 -8.70 4.38 -37.25
CA GLY C 293 -7.84 3.78 -38.23
C GLY C 293 -8.40 3.44 -39.58
N LEU C 294 -9.73 3.31 -39.67
CA LEU C 294 -10.40 2.88 -40.88
C LEU C 294 -10.57 4.07 -41.80
N PRO C 295 -10.05 4.01 -43.03
CA PRO C 295 -10.26 5.10 -44.01
C PRO C 295 -11.68 5.56 -44.18
N SER C 296 -12.68 4.69 -44.03
CA SER C 296 -14.08 5.08 -44.13
C SER C 296 -14.59 5.74 -42.85
N HIS C 297 -13.84 5.72 -41.77
CA HIS C 297 -14.31 6.37 -40.55
C HIS C 297 -14.35 7.87 -40.70
N PRO C 298 -15.48 8.52 -40.36
CA PRO C 298 -15.42 10.00 -40.53
C PRO C 298 -14.40 10.63 -39.58
N GLY C 299 -13.56 11.53 -40.08
CA GLY C 299 -12.47 12.04 -39.31
C GLY C 299 -11.17 11.23 -39.45
N HIS C 300 -11.14 10.21 -40.31
CA HIS C 300 -9.95 9.41 -40.41
C HIS C 300 -8.78 10.32 -40.74
N ALA C 301 -8.94 11.19 -41.74
CA ALA C 301 -7.82 12.01 -42.19
C ALA C 301 -7.35 12.92 -41.09
N VAL C 302 -8.28 13.56 -40.40
CA VAL C 302 -7.84 14.38 -39.29
C VAL C 302 -7.11 13.53 -38.26
N ALA C 303 -7.68 12.37 -37.90
CA ALA C 303 -6.98 11.56 -36.93
C ALA C 303 -5.54 11.29 -37.41
N ALA C 304 -5.34 10.95 -38.66
CA ALA C 304 -4.03 10.53 -39.19
C ALA C 304 -2.98 11.62 -39.09
N ARG C 305 -3.43 12.85 -39.15
CA ARG C 305 -2.55 14.00 -39.10
C ARG C 305 -2.14 14.32 -37.66
N GLN C 306 -3.07 14.23 -36.70
CA GLN C 306 -2.81 14.58 -35.29
C GLN C 306 -2.50 13.43 -34.25
N MET C 307 -2.61 12.17 -34.66
CA MET C 307 -2.40 11.02 -33.84
C MET C 307 -1.29 10.19 -34.43
N ARG C 308 -0.45 9.69 -33.55
CA ARG C 308 0.68 8.82 -33.88
C ARG C 308 0.22 7.37 -34.14
N GLY C 309 -0.93 7.00 -33.60
CA GLY C 309 -1.52 5.74 -33.82
C GLY C 309 -2.99 5.88 -33.46
N PHE C 310 -3.82 4.85 -33.75
CA PHE C 310 -5.26 5.00 -33.72
C PHE C 310 -6.04 4.53 -32.44
N GLY C 311 -5.33 4.05 -31.42
CA GLY C 311 -5.92 3.73 -30.16
C GLY C 311 -6.48 2.30 -30.08
N GLY C 312 -6.87 1.90 -28.84
CA GLY C 312 -7.31 0.56 -28.53
C GLY C 312 -8.81 0.47 -28.39
N MET C 313 -9.49 1.59 -28.63
CA MET C 313 -10.95 1.60 -28.59
C MET C 313 -11.59 1.26 -29.95
N VAL C 314 -12.64 0.44 -29.94
CA VAL C 314 -13.45 0.14 -31.13
C VAL C 314 -14.92 0.09 -30.69
N SER C 315 -15.81 0.77 -31.40
CA SER C 315 -17.20 0.67 -31.11
C SER C 315 -17.90 0.19 -32.33
N VAL C 316 -18.91 -0.66 -32.15
CA VAL C 316 -19.67 -1.20 -33.27
C VAL C 316 -21.15 -1.07 -33.01
N ARG C 317 -21.91 -0.95 -34.09
CA ARG C 317 -23.33 -0.85 -34.05
C ARG C 317 -23.82 -2.17 -34.57
N MET C 318 -24.69 -2.80 -33.81
CA MET C 318 -25.11 -4.16 -34.11
C MET C 318 -26.28 -4.10 -35.06
N ARG C 319 -26.29 -5.05 -35.98
CA ARG C 319 -27.20 -5.04 -37.13
C ARG C 319 -28.59 -5.19 -36.59
N ALA C 320 -28.76 -6.24 -35.77
CA ALA C 320 -30.04 -6.59 -35.16
C ALA C 320 -30.42 -5.83 -33.87
N GLY C 321 -29.79 -4.70 -33.56
CA GLY C 321 -30.28 -3.79 -32.52
C GLY C 321 -29.88 -4.02 -31.04
N ARG C 322 -30.57 -3.37 -30.12
CA ARG C 322 -30.27 -3.44 -28.68
C ARG C 322 -30.06 -4.82 -28.11
N THR C 323 -30.93 -5.75 -28.45
CA THR C 323 -30.92 -7.09 -27.86
C THR C 323 -29.65 -7.83 -28.27
N ALA C 324 -29.28 -7.76 -29.56
CA ALA C 324 -27.96 -8.27 -30.05
C ALA C 324 -26.76 -7.69 -29.32
N ALA C 325 -26.77 -6.37 -29.13
CA ALA C 325 -25.82 -5.64 -28.28
C ALA C 325 -25.72 -6.20 -26.84
N GLU C 326 -26.85 -6.39 -26.17
CA GLU C 326 -26.88 -6.92 -24.78
C GLU C 326 -26.30 -8.33 -24.74
N GLN C 327 -26.62 -9.11 -25.78
CA GLN C 327 -26.21 -10.51 -25.79
C GLN C 327 -24.73 -10.62 -26.10
N LEU C 328 -24.21 -9.80 -26.99
CA LEU C 328 -22.73 -9.79 -27.20
C LEU C 328 -22.04 -9.49 -25.85
N CYS C 329 -22.55 -8.47 -25.14
CA CYS C 329 -21.90 -8.00 -23.91
C CYS C 329 -21.90 -9.09 -22.87
N ALA C 330 -22.95 -9.93 -22.86
CA ALA C 330 -23.08 -10.93 -21.83
C ALA C 330 -22.34 -12.19 -22.14
N LYS C 331 -22.10 -12.49 -23.43
CA LYS C 331 -21.53 -13.77 -23.90
C LYS C 331 -19.99 -13.84 -23.98
N THR C 332 -19.29 -12.70 -23.91
CA THR C 332 -17.81 -12.71 -24.01
C THR C 332 -17.24 -13.33 -22.76
N ASN C 333 -16.15 -14.11 -22.91
CA ASN C 333 -15.46 -14.80 -21.76
C ASN C 333 -14.07 -14.23 -21.52
N ILE C 334 -13.64 -13.32 -22.37
CA ILE C 334 -12.31 -12.68 -22.18
C ILE C 334 -12.53 -11.21 -22.00
N PHE C 335 -13.27 -10.60 -22.93
CA PHE C 335 -13.69 -9.25 -22.76
C PHE C 335 -14.58 -9.24 -21.49
N ILE C 336 -14.19 -8.41 -20.53
CA ILE C 336 -14.97 -8.31 -19.33
C ILE C 336 -16.05 -7.23 -19.41
N LEU C 337 -17.31 -7.61 -19.09
CA LEU C 337 -18.41 -6.68 -19.11
C LEU C 337 -18.33 -5.80 -17.85
N ALA C 338 -17.94 -4.55 -18.06
CA ALA C 338 -17.63 -3.62 -17.00
C ALA C 338 -17.51 -2.22 -17.63
N GLU C 339 -17.69 -1.20 -16.80
CA GLU C 339 -17.41 0.16 -17.18
C GLU C 339 -15.88 0.32 -17.20
N SER C 340 -15.44 1.52 -17.62
CA SER C 340 -14.07 1.94 -17.72
C SER C 340 -13.45 1.38 -19.03
N LEU C 341 -12.13 1.59 -19.21
CA LEU C 341 -11.44 1.32 -20.50
C LEU C 341 -9.98 1.59 -20.23
N GLY C 342 -9.14 1.23 -21.20
CA GLY C 342 -7.73 1.60 -21.07
C GLY C 342 -6.94 0.62 -20.22
N SER C 343 -7.49 -0.60 -20.00
CA SER C 343 -6.82 -1.57 -19.15
CA SER C 343 -6.72 -1.54 -19.18
C SER C 343 -6.15 -2.63 -20.03
N VAL C 344 -5.19 -3.34 -19.41
CA VAL C 344 -4.51 -4.44 -20.01
C VAL C 344 -5.53 -5.55 -20.35
N GLU C 345 -6.64 -5.67 -19.55
CA GLU C 345 -7.73 -6.67 -19.74
C GLU C 345 -8.73 -5.97 -20.59
N SER C 346 -9.19 -6.66 -21.61
CA SER C 346 -10.24 -6.18 -22.48
C SER C 346 -11.53 -6.07 -21.69
N LEU C 347 -12.23 -4.97 -22.02
CA LEU C 347 -13.48 -4.58 -21.37
C LEU C 347 -14.51 -4.35 -22.49
N ILE C 348 -15.78 -4.55 -22.19
CA ILE C 348 -16.86 -4.38 -23.13
C ILE C 348 -18.07 -3.80 -22.35
N GLU C 349 -18.82 -2.91 -23.02
CA GLU C 349 -20.01 -2.35 -22.43
C GLU C 349 -21.01 -1.91 -23.50
N HIS C 350 -22.21 -1.65 -22.99
CA HIS C 350 -23.34 -1.19 -23.73
C HIS C 350 -23.65 0.25 -23.27
N PRO C 351 -23.06 1.25 -23.94
CA PRO C 351 -23.10 2.59 -23.38
C PRO C 351 -24.46 3.19 -23.22
N SER C 352 -25.40 2.89 -24.09
CA SER C 352 -26.73 3.51 -23.95
C SER C 352 -27.30 3.23 -22.55
N ALA C 353 -26.92 2.09 -21.98
CA ALA C 353 -27.48 1.63 -20.71
C ALA C 353 -26.61 2.07 -19.53
N MET C 354 -25.28 1.96 -19.70
CA MET C 354 -24.23 1.93 -18.64
C MET C 354 -23.49 3.27 -18.55
N VAL C 366 -26.62 8.18 -27.21
CA VAL C 366 -25.92 7.10 -27.91
C VAL C 366 -26.87 6.05 -28.47
N PRO C 367 -26.69 5.59 -29.73
CA PRO C 367 -27.68 4.58 -30.19
C PRO C 367 -27.64 3.28 -29.40
N ASP C 368 -28.83 2.69 -29.20
CA ASP C 368 -28.95 1.52 -28.31
C ASP C 368 -28.41 0.19 -28.86
N ASP C 369 -28.00 0.20 -30.12
CA ASP C 369 -27.41 -0.95 -30.77
C ASP C 369 -25.88 -0.90 -30.73
N LEU C 370 -25.30 0.11 -30.15
CA LEU C 370 -23.84 0.31 -30.04
C LEU C 370 -23.19 -0.43 -28.86
N VAL C 371 -22.15 -1.16 -29.15
CA VAL C 371 -21.31 -1.80 -28.16
C VAL C 371 -19.89 -1.17 -28.21
N ARG C 372 -19.34 -0.87 -27.07
CA ARG C 372 -18.00 -0.22 -27.02
C ARG C 372 -17.01 -1.28 -26.48
N LEU C 373 -15.88 -1.46 -27.16
CA LEU C 373 -14.84 -2.42 -26.81
C LEU C 373 -13.55 -1.67 -26.51
N SER C 374 -13.02 -1.89 -25.31
CA SER C 374 -11.66 -1.46 -24.91
C SER C 374 -10.82 -2.70 -25.08
N VAL C 375 -9.98 -2.70 -26.13
CA VAL C 375 -9.28 -3.88 -26.51
C VAL C 375 -7.99 -3.82 -25.80
N GLY C 376 -7.71 -4.91 -25.11
CA GLY C 376 -6.61 -4.98 -24.21
C GLY C 376 -5.40 -5.52 -24.99
N ILE C 377 -4.46 -6.02 -24.22
CA ILE C 377 -3.18 -6.49 -24.71
C ILE C 377 -3.13 -8.02 -24.71
N GLU C 378 -4.26 -8.69 -24.60
CA GLU C 378 -4.24 -10.20 -24.62
C GLU C 378 -3.73 -10.73 -25.96
N ASP C 379 -3.51 -12.05 -26.09
CA ASP C 379 -3.24 -12.52 -27.45
C ASP C 379 -4.46 -12.26 -28.37
N VAL C 380 -4.20 -11.58 -29.48
CA VAL C 380 -5.24 -11.31 -30.44
C VAL C 380 -6.11 -12.47 -30.92
N ALA C 381 -5.49 -13.65 -31.16
CA ALA C 381 -6.24 -14.83 -31.62
C ALA C 381 -7.32 -15.18 -30.60
N ASP C 382 -6.99 -14.96 -29.34
CA ASP C 382 -7.95 -15.19 -28.27
C ASP C 382 -9.12 -14.24 -28.24
N LEU C 383 -8.82 -12.97 -28.45
CA LEU C 383 -9.80 -11.87 -28.54
C LEU C 383 -10.71 -12.04 -29.74
N LEU C 384 -10.14 -12.44 -30.88
CA LEU C 384 -10.94 -12.66 -32.07
C LEU C 384 -11.81 -13.93 -31.93
N ASP C 385 -11.29 -14.97 -31.29
CA ASP C 385 -12.08 -16.16 -31.03
CA ASP C 385 -12.05 -16.18 -31.00
C ASP C 385 -13.21 -15.88 -30.03
N ASP C 386 -12.95 -15.02 -29.04
CA ASP C 386 -13.94 -14.69 -28.03
C ASP C 386 -15.09 -13.96 -28.66
N LEU C 387 -14.78 -13.02 -29.54
CA LEU C 387 -15.80 -12.30 -30.27
C LEU C 387 -16.62 -13.23 -31.20
N LYS C 388 -15.94 -14.09 -31.96
CA LYS C 388 -16.62 -15.05 -32.84
C LYS C 388 -17.63 -15.89 -32.07
N GLN C 389 -17.21 -16.48 -30.95
CA GLN C 389 -18.11 -17.38 -30.21
C GLN C 389 -19.24 -16.58 -29.59
N ALA C 390 -18.95 -15.36 -29.12
CA ALA C 390 -19.95 -14.52 -28.44
C ALA C 390 -21.04 -14.09 -29.41
N LEU C 391 -20.63 -13.78 -30.65
CA LEU C 391 -21.53 -13.39 -31.71
C LEU C 391 -22.41 -14.56 -32.20
N GLY C 392 -21.93 -15.80 -32.15
CA GLY C 392 -22.71 -16.92 -32.69
C GLY C 392 -23.09 -16.80 -34.16
N PHE D 15 -21.57 -3.69 19.50
CA PHE D 15 -22.20 -2.52 18.80
C PHE D 15 -22.72 -1.38 19.70
N ALA D 16 -22.58 -1.46 21.03
CA ALA D 16 -23.24 -0.44 21.90
C ALA D 16 -22.33 0.72 22.23
N GLY D 17 -21.20 0.49 22.89
CA GLY D 17 -20.22 1.59 23.15
C GLY D 17 -19.47 2.15 21.95
N LEU D 18 -18.87 3.33 22.09
CA LEU D 18 -18.29 3.98 20.89
C LEU D 18 -16.98 3.28 20.41
N ALA D 19 -16.07 2.91 21.35
CA ALA D 19 -14.89 2.08 21.02
C ALA D 19 -15.29 0.79 20.29
N THR D 20 -16.34 0.14 20.78
CA THR D 20 -16.85 -1.14 20.15
C THR D 20 -17.30 -0.95 18.71
N ARG D 21 -18.06 0.09 18.50
CA ARG D 21 -18.59 0.48 17.17
C ARG D 21 -17.54 0.88 16.20
N ALA D 22 -16.55 1.62 16.69
CA ALA D 22 -15.46 2.10 15.91
C ALA D 22 -14.65 0.95 15.31
N ILE D 23 -14.68 -0.22 15.97
CA ILE D 23 -13.92 -1.42 15.57
C ILE D 23 -14.80 -2.40 14.73
N HIS D 24 -16.08 -2.50 15.08
CA HIS D 24 -16.98 -3.59 14.65
C HIS D 24 -18.04 -3.11 13.72
N SER D 25 -18.47 -1.84 13.85
CA SER D 25 -19.61 -1.35 13.01
C SER D 25 -19.41 -1.13 11.49
N GLY D 26 -18.19 -1.02 10.98
CA GLY D 26 -17.98 -0.47 9.65
C GLY D 26 -17.78 -1.55 8.58
N TYR D 27 -17.34 -2.71 9.03
CA TYR D 27 -17.13 -3.79 8.12
C TYR D 27 -17.33 -5.05 8.91
N ARG D 28 -18.19 -5.96 8.43
CA ARG D 28 -18.32 -7.32 9.00
C ARG D 28 -17.38 -8.23 8.24
N PRO D 29 -16.82 -9.22 8.93
CA PRO D 29 -15.86 -10.08 8.27
C PRO D 29 -16.47 -10.69 7.02
N ASP D 30 -15.69 -10.68 5.98
CA ASP D 30 -16.14 -11.12 4.70
C ASP D 30 -16.84 -12.49 4.71
N PRO D 31 -17.97 -12.60 4.02
CA PRO D 31 -18.56 -13.96 3.88
C PRO D 31 -17.71 -15.02 3.15
N ALA D 32 -17.03 -14.62 2.09
CA ALA D 32 -16.31 -15.57 1.24
C ALA D 32 -14.98 -16.02 1.90
N THR D 33 -14.31 -15.11 2.63
CA THR D 33 -13.05 -15.48 3.26
C THR D 33 -12.99 -15.39 4.78
N GLY D 34 -13.90 -14.62 5.39
CA GLY D 34 -13.76 -14.31 6.81
C GLY D 34 -12.74 -13.21 7.12
N ALA D 35 -12.15 -12.58 6.09
CA ALA D 35 -11.20 -11.50 6.33
C ALA D 35 -11.73 -10.51 7.40
N VAL D 36 -10.96 -10.25 8.44
CA VAL D 36 -11.43 -9.44 9.61
C VAL D 36 -11.37 -7.94 9.36
N ASN D 37 -10.46 -7.55 8.50
CA ASN D 37 -10.30 -6.20 7.96
C ASN D 37 -10.90 -6.05 6.57
N ALA D 38 -11.47 -4.90 6.35
CA ALA D 38 -11.87 -4.54 5.03
C ALA D 38 -10.71 -4.71 4.06
N PRO D 39 -10.89 -5.49 3.01
CA PRO D 39 -9.87 -5.56 2.00
C PRO D 39 -9.64 -4.19 1.28
N ILE D 40 -8.47 -4.06 0.68
CA ILE D 40 -8.16 -2.90 -0.11
C ILE D 40 -8.50 -3.24 -1.53
N TYR D 41 -9.66 -2.76 -1.99
CA TYR D 41 -10.12 -3.01 -3.35
C TYR D 41 -9.47 -1.99 -4.37
N ALA D 42 -8.28 -2.35 -4.84
CA ALA D 42 -7.57 -1.57 -5.88
C ALA D 42 -8.07 -2.08 -7.23
N SER D 43 -9.36 -1.82 -7.45
CA SER D 43 -10.14 -2.03 -8.69
C SER D 43 -10.93 -0.74 -8.98
N SER D 44 -10.72 -0.17 -10.18
CA SER D 44 -11.50 0.95 -10.65
C SER D 44 -12.85 0.56 -11.23
N THR D 45 -13.02 -0.70 -11.56
CA THR D 45 -14.26 -1.14 -12.18
C THR D 45 -14.60 -2.59 -11.77
N PHE D 46 -15.79 -3.09 -12.19
CA PHE D 46 -16.43 -4.24 -11.53
C PHE D 46 -17.25 -4.94 -12.53
N ALA D 47 -16.99 -6.25 -12.65
CA ALA D 47 -17.60 -7.12 -13.64
C ALA D 47 -19.08 -7.17 -13.33
N GLN D 48 -19.88 -7.23 -14.40
CA GLN D 48 -21.34 -7.33 -14.34
C GLN D 48 -21.81 -8.66 -14.98
N ASP D 49 -23.01 -9.12 -14.60
CA ASP D 49 -23.61 -10.31 -15.17
C ASP D 49 -24.76 -9.83 -16.03
N GLY D 50 -24.52 -9.71 -17.32
CA GLY D 50 -25.49 -9.02 -18.16
C GLY D 50 -25.33 -7.52 -17.89
N VAL D 51 -25.77 -6.73 -18.86
CA VAL D 51 -25.71 -5.29 -18.78
C VAL D 51 -26.56 -4.76 -17.60
N GLY D 52 -25.92 -4.05 -16.70
CA GLY D 52 -26.57 -3.54 -15.47
C GLY D 52 -26.86 -4.62 -14.42
N GLY D 53 -26.33 -5.83 -14.56
CA GLY D 53 -26.46 -6.89 -13.55
C GLY D 53 -25.32 -6.77 -12.52
N LEU D 54 -25.42 -5.77 -11.68
CA LEU D 54 -24.33 -5.41 -10.78
C LEU D 54 -24.11 -6.44 -9.74
N ARG D 55 -22.87 -6.57 -9.32
CA ARG D 55 -22.51 -7.34 -8.13
C ARG D 55 -22.44 -6.41 -6.93
N GLY D 56 -23.36 -6.63 -5.98
CA GLY D 56 -23.33 -5.88 -4.73
C GLY D 56 -23.50 -4.37 -4.93
N GLY D 57 -24.16 -3.99 -6.04
CA GLY D 57 -24.35 -2.58 -6.38
C GLY D 57 -23.14 -1.88 -6.91
N TYR D 58 -22.03 -2.58 -7.16
CA TYR D 58 -20.78 -1.91 -7.59
C TYR D 58 -20.72 -1.80 -9.09
N GLU D 59 -20.31 -0.65 -9.58
CA GLU D 59 -20.13 -0.48 -11.02
C GLU D 59 -18.90 0.33 -11.41
N TYR D 60 -18.57 1.39 -10.67
CA TYR D 60 -17.41 2.19 -11.02
C TYR D 60 -16.84 2.83 -9.76
N ALA D 61 -15.54 2.69 -9.55
CA ALA D 61 -15.03 2.99 -8.23
C ALA D 61 -15.25 4.45 -7.73
N ARG D 62 -15.18 5.43 -8.60
CA ARG D 62 -15.51 6.79 -8.21
C ARG D 62 -16.92 6.89 -7.58
N THR D 63 -17.90 6.25 -8.24
CA THR D 63 -19.29 6.26 -7.82
C THR D 63 -19.48 5.54 -6.48
N GLY D 64 -18.84 4.37 -6.34
CA GLY D 64 -18.81 3.63 -5.11
C GLY D 64 -17.84 2.49 -5.19
N ASN D 65 -17.21 2.15 -4.07
CA ASN D 65 -16.32 0.99 -4.00
C ASN D 65 -16.28 0.37 -2.63
N PRO D 66 -15.88 -0.94 -2.52
CA PRO D 66 -16.14 -1.65 -1.31
C PRO D 66 -15.29 -1.17 -0.11
N THR D 67 -14.02 -0.80 -0.34
CA THR D 67 -13.27 -0.25 0.72
C THR D 67 -13.85 1.10 1.21
N ARG D 68 -14.17 2.01 0.30
CA ARG D 68 -14.80 3.25 0.73
C ARG D 68 -16.22 3.05 1.37
N THR D 69 -16.98 2.04 0.94
CA THR D 69 -18.25 1.79 1.61
C THR D 69 -18.01 1.40 3.05
N ALA D 70 -16.99 0.60 3.27
CA ALA D 70 -16.67 0.16 4.63
C ALA D 70 -16.33 1.44 5.43
N LEU D 71 -15.62 2.33 4.79
CA LEU D 71 -15.13 3.49 5.57
C LEU D 71 -16.28 4.42 5.94
N GLU D 72 -17.14 4.63 4.93
CA GLU D 72 -18.31 5.41 5.14
C GLU D 72 -19.24 4.81 6.21
N ALA D 73 -19.35 3.49 6.30
CA ALA D 73 -20.13 2.85 7.38
C ALA D 73 -19.53 3.17 8.76
N ALA D 74 -18.20 3.06 8.86
CA ALA D 74 -17.50 3.21 10.13
C ALA D 74 -17.73 4.67 10.56
N LEU D 75 -17.46 5.60 9.67
CA LEU D 75 -17.67 7.05 9.97
C LEU D 75 -19.08 7.43 10.39
N ALA D 76 -20.12 6.91 9.72
CA ALA D 76 -21.53 7.15 10.08
C ALA D 76 -21.82 6.58 11.50
N ALA D 77 -21.35 5.37 11.76
CA ALA D 77 -21.53 4.68 13.04
C ALA D 77 -20.95 5.43 14.22
N VAL D 78 -19.77 6.03 14.12
CA VAL D 78 -19.17 6.63 15.30
C VAL D 78 -19.76 8.06 15.64
N GLU D 79 -20.54 8.63 14.72
CA GLU D 79 -21.33 9.86 14.85
C GLU D 79 -22.86 9.54 15.04
N ASP D 80 -23.12 8.27 15.25
CA ASP D 80 -24.49 7.71 15.29
C ASP D 80 -25.35 8.28 14.14
N ALA D 81 -24.82 8.23 12.93
CA ALA D 81 -25.47 8.84 11.79
C ALA D 81 -26.01 7.78 10.79
N ALA D 82 -27.10 8.08 10.10
CA ALA D 82 -27.60 7.12 9.14
C ALA D 82 -26.72 7.06 7.87
N PHE D 83 -25.97 8.14 7.59
CA PHE D 83 -25.30 8.28 6.28
C PHE D 83 -23.93 8.85 6.47
N GLY D 84 -22.97 8.28 5.76
CA GLY D 84 -21.60 8.79 5.67
C GLY D 84 -21.03 8.85 4.26
N ARG D 85 -20.18 9.87 4.01
CA ARG D 85 -19.51 10.09 2.72
C ARG D 85 -18.09 10.44 2.99
N ALA D 86 -17.20 9.73 2.31
CA ALA D 86 -15.77 10.01 2.43
C ALA D 86 -15.21 10.71 1.20
N PHE D 87 -14.19 11.53 1.43
CA PHE D 87 -13.63 12.44 0.40
C PHE D 87 -12.12 12.39 0.49
N SER D 88 -11.48 12.89 -0.57
CA SER D 88 -10.10 12.94 -0.64
C SER D 88 -9.36 13.81 0.40
N SER D 89 -10.09 14.68 1.12
CA SER D 89 -9.50 15.58 2.09
C SER D 89 -10.63 16.25 2.89
N GLY D 90 -10.25 16.87 4.01
CA GLY D 90 -11.25 17.68 4.79
C GLY D 90 -11.82 18.79 3.88
N MET D 91 -10.94 19.44 3.12
CA MET D 91 -11.39 20.58 2.29
C MET D 91 -12.27 20.08 1.17
N ALA D 92 -12.03 18.85 0.68
CA ALA D 92 -13.00 18.33 -0.30
C ALA D 92 -14.36 18.06 0.25
N ALA D 93 -14.43 17.57 1.47
CA ALA D 93 -15.68 17.46 2.25
C ALA D 93 -16.33 18.85 2.45
N ALA D 94 -15.57 19.91 2.63
CA ALA D 94 -16.13 21.27 2.89
C ALA D 94 -16.71 21.76 1.61
N ASP D 95 -15.94 21.57 0.50
CA ASP D 95 -16.34 21.96 -0.84
C ASP D 95 -17.64 21.32 -1.26
N CYS D 96 -17.74 20.01 -1.04
CA CYS D 96 -18.96 19.29 -1.34
C CYS D 96 -20.10 19.87 -0.54
N ALA D 97 -19.95 20.04 0.76
CA ALA D 97 -21.09 20.60 1.61
C ALA D 97 -21.54 21.97 1.08
N LEU D 98 -20.58 22.86 0.91
CA LEU D 98 -20.91 24.20 0.42
C LEU D 98 -21.72 24.12 -0.88
N ARG D 99 -21.21 23.35 -1.82
CA ARG D 99 -21.85 23.30 -3.12
C ARG D 99 -23.15 22.55 -3.10
N ALA D 100 -23.33 21.63 -2.15
CA ALA D 100 -24.57 20.86 -2.00
C ALA D 100 -25.74 21.74 -1.47
N MET D 101 -25.39 22.65 -0.57
CA MET D 101 -26.35 23.44 0.26
C MET D 101 -26.48 24.89 -0.12
N LEU D 102 -25.57 25.41 -0.98
CA LEU D 102 -25.54 26.81 -1.45
C LEU D 102 -25.65 26.83 -2.99
N ARG D 103 -26.24 27.92 -3.49
CA ARG D 103 -26.28 28.33 -4.89
C ARG D 103 -25.96 29.83 -4.93
N PRO D 104 -25.46 30.35 -6.08
CA PRO D 104 -25.38 31.83 -6.16
C PRO D 104 -26.57 32.62 -5.59
N GLY D 105 -26.28 33.73 -4.94
CA GLY D 105 -27.33 34.47 -4.28
C GLY D 105 -27.51 34.18 -2.82
N ASP D 106 -27.07 33.01 -2.40
CA ASP D 106 -27.18 32.54 -1.04
C ASP D 106 -26.08 33.01 -0.14
N HIS D 107 -26.36 32.83 1.15
CA HIS D 107 -25.49 33.32 2.19
C HIS D 107 -25.24 32.26 3.25
N VAL D 108 -24.06 32.36 3.88
CA VAL D 108 -23.58 31.41 4.86
C VAL D 108 -23.02 32.19 6.01
N VAL D 109 -23.42 31.80 7.23
CA VAL D 109 -22.86 32.51 8.39
C VAL D 109 -21.64 31.67 8.75
N ILE D 110 -20.48 32.27 8.96
CA ILE D 110 -19.31 31.50 9.37
C ILE D 110 -18.66 31.98 10.65
N PRO D 111 -17.70 31.21 11.20
CA PRO D 111 -17.02 31.71 12.42
C PRO D 111 -16.10 32.85 12.09
N ASP D 112 -15.90 33.74 13.07
CA ASP D 112 -14.92 34.84 12.84
C ASP D 112 -13.45 34.39 13.00
N ASP D 113 -13.25 33.21 13.62
CA ASP D 113 -11.92 32.57 13.73
C ASP D 113 -11.87 31.17 13.08
N ALA D 114 -12.37 31.08 11.86
CA ALA D 114 -12.56 29.74 11.21
C ALA D 114 -11.23 29.12 10.87
N TYR D 115 -11.27 27.82 10.60
CA TYR D 115 -10.14 27.15 10.04
C TYR D 115 -9.73 27.91 8.76
N GLY D 116 -8.42 28.10 8.59
CA GLY D 116 -7.89 28.98 7.55
C GLY D 116 -8.30 28.51 6.15
N GLY D 117 -8.25 27.20 5.89
CA GLY D 117 -8.55 26.63 4.55
C GLY D 117 -10.04 26.81 4.23
N THR D 118 -10.87 26.73 5.24
CA THR D 118 -12.27 26.97 5.08
C THR D 118 -12.51 28.41 4.76
N PHE D 119 -11.86 29.30 5.51
CA PHE D 119 -12.00 30.75 5.29
C PHE D 119 -11.47 31.09 3.87
N ARG D 120 -10.33 30.54 3.48
N ARG D 120 -10.31 30.55 3.49
CA ARG D 120 -9.82 30.76 2.13
CA ARG D 120 -9.78 30.71 2.12
C ARG D 120 -10.79 30.26 1.02
C ARG D 120 -10.78 30.26 1.03
N LEU D 121 -11.36 29.08 1.18
CA LEU D 121 -12.30 28.58 0.19
C LEU D 121 -13.58 29.42 0.02
N ILE D 122 -14.19 29.78 1.14
CA ILE D 122 -15.38 30.58 1.07
C ILE D 122 -15.08 31.97 0.52
N ASP D 123 -14.05 32.62 1.05
CA ASP D 123 -13.75 33.98 0.72
C ASP D 123 -13.07 34.23 -0.61
N LYS D 124 -12.13 33.37 -0.98
CA LYS D 124 -11.36 33.55 -2.19
C LYS D 124 -11.92 32.75 -3.34
N VAL D 125 -12.68 31.66 -3.08
CA VAL D 125 -13.36 30.94 -4.19
C VAL D 125 -14.87 31.28 -4.33
N PHE D 126 -15.60 31.00 -3.25
CA PHE D 126 -17.05 31.08 -3.37
C PHE D 126 -17.63 32.46 -3.53
N THR D 127 -16.98 33.45 -2.98
CA THR D 127 -17.38 34.83 -3.26
C THR D 127 -17.38 35.13 -4.79
N GLY D 128 -16.51 34.50 -5.59
CA GLY D 128 -16.53 34.76 -7.05
C GLY D 128 -17.62 33.92 -7.78
N TRP D 129 -18.35 33.12 -7.01
CA TRP D 129 -19.50 32.33 -7.51
C TRP D 129 -20.81 32.90 -6.89
N ASN D 130 -20.76 34.18 -6.53
CA ASN D 130 -21.86 34.97 -5.95
C ASN D 130 -22.49 34.35 -4.69
N VAL D 131 -21.67 33.65 -3.93
CA VAL D 131 -22.00 33.34 -2.56
C VAL D 131 -21.47 34.43 -1.62
N GLU D 132 -22.30 34.81 -0.64
CA GLU D 132 -21.92 35.86 0.32
C GLU D 132 -21.78 35.23 1.69
N TYR D 133 -20.97 35.85 2.54
CA TYR D 133 -20.84 35.36 3.91
C TYR D 133 -20.70 36.49 4.89
N THR D 134 -20.94 36.12 6.13
CA THR D 134 -20.77 37.01 7.29
C THR D 134 -20.07 36.17 8.42
N PRO D 135 -18.93 36.62 8.89
CA PRO D 135 -18.25 36.05 10.00
C PRO D 135 -18.84 36.61 11.32
N VAL D 136 -18.95 35.76 12.32
CA VAL D 136 -19.50 36.13 13.62
C VAL D 136 -18.75 35.41 14.72
N ALA D 137 -18.72 35.99 15.91
CA ALA D 137 -18.38 35.29 17.19
C ALA D 137 -19.48 34.34 17.53
N LEU D 138 -19.23 33.09 17.25
CA LEU D 138 -20.26 32.03 17.39
C LEU D 138 -20.65 31.87 18.85
N ALA D 139 -19.75 32.24 19.76
CA ALA D 139 -20.04 32.14 21.17
C ALA D 139 -21.22 33.05 21.54
N ASP D 140 -21.48 34.09 20.73
CA ASP D 140 -22.52 35.05 21.02
C ASP D 140 -23.77 34.78 20.17
N LEU D 141 -24.80 34.20 20.78
CA LEU D 141 -25.90 33.69 20.01
C LEU D 141 -26.71 34.81 19.45
N ASP D 142 -26.77 35.97 20.13
CA ASP D 142 -27.48 37.11 19.54
C ASP D 142 -26.80 37.63 18.28
N ALA D 143 -25.48 37.69 18.30
CA ALA D 143 -24.68 37.98 17.12
C ALA D 143 -24.85 36.98 15.99
N VAL D 144 -24.91 35.70 16.31
CA VAL D 144 -25.17 34.69 15.29
C VAL D 144 -26.53 34.91 14.63
N ARG D 145 -27.57 35.00 15.44
CA ARG D 145 -28.89 35.34 14.99
CA ARG D 145 -28.88 35.36 14.99
C ARG D 145 -28.91 36.61 14.08
N ALA D 146 -28.27 37.70 14.52
CA ALA D 146 -28.27 38.92 13.78
C ALA D 146 -27.57 38.80 12.41
N ALA D 147 -26.67 37.80 12.24
CA ALA D 147 -25.98 37.50 10.92
C ALA D 147 -26.84 36.79 9.86
N ILE D 148 -27.99 36.26 10.26
CA ILE D 148 -28.84 35.48 9.38
C ILE D 148 -29.68 36.45 8.54
N ARG D 149 -29.61 36.27 7.21
CA ARG D 149 -30.37 37.02 6.25
C ARG D 149 -31.48 36.17 5.70
N PRO D 150 -32.32 36.77 4.83
CA PRO D 150 -33.32 35.95 4.13
C PRO D 150 -32.69 34.90 3.21
N THR D 151 -31.43 35.15 2.83
CA THR D 151 -30.70 34.36 1.89
C THR D 151 -29.77 33.36 2.59
N THR D 152 -29.69 33.39 3.92
CA THR D 152 -28.84 32.52 4.69
C THR D 152 -29.39 31.09 4.53
N ARG D 153 -28.65 30.21 3.88
CA ARG D 153 -29.04 28.78 3.85
C ARG D 153 -28.21 27.86 4.75
N LEU D 154 -27.16 28.41 5.36
CA LEU D 154 -26.17 27.64 6.04
C LEU D 154 -25.47 28.44 7.12
N ILE D 155 -25.34 27.79 8.29
CA ILE D 155 -24.53 28.27 9.40
C ILE D 155 -23.38 27.26 9.65
N TRP D 156 -22.13 27.72 9.50
CA TRP D 156 -20.93 26.89 9.56
C TRP D 156 -20.26 27.05 10.95
N VAL D 157 -20.32 25.97 11.69
CA VAL D 157 -19.92 25.98 13.09
C VAL D 157 -18.62 25.16 13.22
N GLU D 158 -17.64 25.72 13.90
CA GLU D 158 -16.48 24.93 14.39
C GLU D 158 -16.39 25.22 15.87
N THR D 159 -16.16 24.17 16.66
CA THR D 159 -15.97 24.16 18.06
C THR D 159 -15.23 22.87 18.54
N PRO D 160 -14.05 22.99 19.23
CA PRO D 160 -13.31 24.24 19.51
C PRO D 160 -12.78 24.75 18.20
N THR D 161 -12.52 26.03 18.11
CA THR D 161 -11.91 26.61 16.90
C THR D 161 -10.38 26.60 16.92
N ASN D 162 -9.78 26.75 15.73
CA ASN D 162 -8.34 26.68 15.58
C ASN D 162 -7.79 28.05 15.40
N PRO D 163 -6.78 28.49 16.18
CA PRO D 163 -6.01 27.99 17.29
C PRO D 163 -6.43 28.52 18.66
N LEU D 164 -7.45 29.38 18.80
CA LEU D 164 -7.80 29.99 20.09
CA LEU D 164 -7.79 29.98 20.09
C LEU D 164 -8.62 29.02 20.94
N LEU D 165 -9.12 27.95 20.33
CA LEU D 165 -10.00 26.96 21.00
C LEU D 165 -11.26 27.59 21.61
N SER D 166 -11.92 28.48 20.83
CA SER D 166 -13.11 29.17 21.32
C SER D 166 -14.24 28.20 21.16
N ILE D 167 -15.35 28.37 21.87
CA ILE D 167 -16.37 27.31 21.96
C ILE D 167 -17.66 27.91 21.39
N ALA D 168 -18.42 27.11 20.67
CA ALA D 168 -19.75 27.39 20.26
C ALA D 168 -20.79 26.36 20.78
N ASP D 169 -21.96 26.88 21.14
CA ASP D 169 -23.10 26.13 21.58
C ASP D 169 -23.84 25.54 20.41
N ILE D 170 -23.48 24.30 20.05
CA ILE D 170 -23.98 23.67 18.94
C ILE D 170 -25.52 23.56 19.05
N ALA D 171 -26.13 23.21 20.21
CA ALA D 171 -27.65 23.20 20.34
C ALA D 171 -28.36 24.56 20.15
N GLY D 172 -27.77 25.57 20.77
CA GLY D 172 -28.25 26.93 20.69
C GLY D 172 -28.20 27.37 19.20
N ILE D 173 -27.12 27.03 18.51
CA ILE D 173 -27.02 27.44 17.08
C ILE D 173 -27.96 26.59 16.21
N ALA D 174 -28.16 25.29 16.59
CA ALA D 174 -29.17 24.46 15.83
C ALA D 174 -30.51 25.11 15.85
N GLN D 175 -30.93 25.57 17.03
CA GLN D 175 -32.19 26.23 17.16
C GLN D 175 -32.32 27.53 16.31
N LEU D 176 -31.29 28.33 16.24
CA LEU D 176 -31.32 29.54 15.41
C LEU D 176 -31.46 29.12 13.91
N GLY D 177 -30.79 28.05 13.50
CA GLY D 177 -30.98 27.46 12.16
C GLY D 177 -32.38 26.97 11.80
N ALA D 178 -32.99 26.18 12.72
CA ALA D 178 -34.34 25.75 12.61
C ALA D 178 -35.26 26.94 12.49
N ASP D 179 -35.07 27.95 13.31
CA ASP D 179 -35.93 29.10 13.27
C ASP D 179 -35.86 29.91 11.97
N SER D 180 -34.78 29.83 11.21
CA SER D 180 -34.71 30.61 9.97
C SER D 180 -34.50 29.71 8.78
N SER D 181 -34.87 28.44 8.95
CA SER D 181 -34.76 27.43 7.91
C SER D 181 -33.41 27.53 7.24
N ALA D 182 -32.34 27.54 8.05
CA ALA D 182 -30.96 27.37 7.61
C ALA D 182 -30.41 26.07 8.17
N LYS D 183 -29.66 25.35 7.36
CA LYS D 183 -28.97 24.14 7.82
C LYS D 183 -27.76 24.58 8.66
N VAL D 184 -27.40 23.69 9.60
CA VAL D 184 -26.25 23.87 10.48
C VAL D 184 -25.25 22.73 10.29
N LEU D 185 -24.01 23.09 9.89
CA LEU D 185 -22.95 22.10 9.68
C LEU D 185 -22.01 22.31 10.85
N VAL D 186 -21.53 21.22 11.44
CA VAL D 186 -20.50 21.40 12.47
C VAL D 186 -19.25 20.69 12.01
N ASP D 187 -18.18 21.40 11.97
CA ASP D 187 -16.85 20.83 11.63
C ASP D 187 -16.30 20.32 12.96
N ASN D 188 -16.34 19.00 13.12
CA ASN D 188 -16.02 18.31 14.44
C ASN D 188 -14.61 17.66 14.45
N THR D 189 -13.71 18.20 13.61
CA THR D 189 -12.39 17.70 13.44
C THR D 189 -11.67 17.70 14.82
N PHE D 190 -11.64 18.85 15.53
CA PHE D 190 -10.89 19.01 16.79
C PHE D 190 -11.37 18.15 17.95
N ALA D 191 -12.66 18.06 18.16
CA ALA D 191 -13.17 17.24 19.25
C ALA D 191 -13.20 15.73 18.87
N SER D 192 -13.54 15.45 17.62
CA SER D 192 -13.72 14.10 17.06
C SER D 192 -15.00 13.51 17.60
N PRO D 193 -15.49 12.41 16.91
CA PRO D 193 -16.57 11.61 17.37
C PRO D 193 -16.39 11.15 18.83
N ALA D 194 -15.15 11.02 19.29
CA ALA D 194 -14.86 10.53 20.66
C ALA D 194 -15.28 11.47 21.78
N LEU D 195 -15.25 12.76 21.47
CA LEU D 195 -15.52 13.80 22.44
C LEU D 195 -16.85 14.53 22.20
N GLN D 196 -17.37 14.50 20.97
CA GLN D 196 -18.47 15.37 20.67
C GLN D 196 -19.29 14.82 19.51
N GLN D 197 -20.63 14.84 19.69
CA GLN D 197 -21.56 14.25 18.74
C GLN D 197 -22.53 15.24 18.29
N PRO D 198 -22.22 15.99 17.22
CA PRO D 198 -23.05 17.14 17.01
C PRO D 198 -24.45 16.87 16.40
N LEU D 199 -24.64 15.74 15.76
CA LEU D 199 -26.01 15.33 15.34
C LEU D 199 -26.92 15.18 16.54
N SER D 200 -26.38 14.85 17.70
CA SER D 200 -27.30 14.61 18.84
C SER D 200 -27.77 15.96 19.38
N LEU D 201 -27.02 17.00 19.06
CA LEU D 201 -27.27 18.32 19.55
C LEU D 201 -28.05 19.17 18.51
N GLY D 202 -28.47 18.54 17.41
CA GLY D 202 -29.32 19.18 16.43
C GLY D 202 -28.65 19.66 15.15
N ALA D 203 -27.34 19.46 14.97
CA ALA D 203 -26.69 19.75 13.70
C ALA D 203 -27.32 18.91 12.60
N ASP D 204 -27.40 19.49 11.40
CA ASP D 204 -27.81 18.80 10.25
C ASP D 204 -26.73 17.91 9.62
N VAL D 205 -25.48 18.30 9.76
CA VAL D 205 -24.37 17.64 9.03
C VAL D 205 -23.17 17.84 9.90
N VAL D 206 -22.39 16.79 9.95
CA VAL D 206 -21.05 16.91 10.55
C VAL D 206 -19.96 16.69 9.55
N LEU D 207 -18.96 17.57 9.52
CA LEU D 207 -17.73 17.44 8.77
C LEU D 207 -16.52 17.11 9.65
N HIS D 208 -15.72 16.19 9.14
CA HIS D 208 -14.38 15.96 9.59
C HIS D 208 -13.31 16.09 8.49
N SER D 209 -12.16 16.63 8.87
CA SER D 209 -10.88 16.22 8.32
C SER D 209 -10.40 14.95 9.01
N THR D 210 -10.39 13.85 8.27
CA THR D 210 -9.99 12.56 8.87
C THR D 210 -8.47 12.51 8.87
N THR D 211 -7.85 13.55 8.37
CA THR D 211 -6.43 13.76 8.39
C THR D 211 -5.83 13.84 9.79
N1 LLP D 212 -11.19 21.65 9.37
C2 LLP D 212 -10.36 21.64 10.44
C2' LLP D 212 -10.88 22.15 11.82
C3 LLP D 212 -9.04 21.27 10.18
O3 LLP D 212 -8.21 21.25 11.14
C4 LLP D 212 -8.61 20.87 8.91
C4' LLP D 212 -7.21 20.27 8.69
C5 LLP D 212 -9.52 20.89 7.88
C6 LLP D 212 -10.79 21.32 8.09
C5' LLP D 212 -9.21 20.52 6.45
OP4 LLP D 212 -8.78 19.18 6.18
P LLP D 212 -7.66 18.72 5.11
OP1 LLP D 212 -6.48 19.43 5.58
OP2 LLP D 212 -7.88 17.30 5.47
OP3 LLP D 212 -8.17 19.11 3.81
N LLP D 212 -6.64 14.38 10.70
CA LLP D 212 -6.22 14.78 12.00
CB LLP D 212 -7.00 16.06 12.39
CG LLP D 212 -6.93 17.34 11.44
CD LLP D 212 -5.59 17.64 10.90
CE LLP D 212 -5.44 18.95 9.91
NZ LLP D 212 -6.59 19.93 9.84
C LLP D 212 -6.50 13.57 12.87
O LLP D 212 -5.93 12.53 12.59
N TYR D 213 -7.35 13.67 13.89
CA TYR D 213 -7.49 12.62 14.94
C TYR D 213 -8.02 11.26 14.45
N ILE D 214 -8.97 11.27 13.52
CA ILE D 214 -9.57 10.01 13.11
C ILE D 214 -8.49 9.08 12.49
N GLY D 215 -7.76 9.51 11.48
CA GLY D 215 -6.55 8.78 11.05
C GLY D 215 -5.45 8.65 12.13
N GLY D 216 -5.15 9.78 12.79
CA GLY D 216 -4.32 9.83 14.03
C GLY D 216 -2.81 9.66 13.96
N HIS D 217 -2.30 9.45 12.78
CA HIS D 217 -0.90 9.04 12.55
C HIS D 217 -0.20 9.88 11.42
N SER D 218 -0.88 10.94 11.00
CA SER D 218 -0.34 11.92 10.06
C SER D 218 0.17 11.21 8.82
N ASP D 219 -0.60 10.24 8.32
CA ASP D 219 -0.26 9.53 7.11
C ASP D 219 -1.32 9.30 6.08
N VAL D 220 -2.50 9.90 6.24
CA VAL D 220 -3.58 9.84 5.26
C VAL D 220 -4.41 11.13 5.26
N VAL D 221 -4.46 11.81 4.09
CA VAL D 221 -5.33 12.94 3.95
C VAL D 221 -6.68 12.42 3.51
N GLY D 222 -7.68 12.94 4.20
CA GLY D 222 -9.07 12.61 3.90
C GLY D 222 -10.12 13.42 4.63
N GLY D 223 -11.35 13.41 4.14
CA GLY D 223 -12.44 14.06 4.85
C GLY D 223 -13.69 13.16 4.88
N ALA D 224 -14.70 13.65 5.59
CA ALA D 224 -15.96 13.00 5.73
C ALA D 224 -17.07 14.04 5.92
N LEU D 225 -18.25 13.62 5.47
CA LEU D 225 -19.53 14.16 5.85
C LEU D 225 -20.43 13.08 6.34
N VAL D 226 -21.06 13.38 7.46
CA VAL D 226 -22.15 12.50 7.90
C VAL D 226 -23.44 13.21 8.19
N THR D 227 -24.55 12.51 8.09
CA THR D 227 -25.84 13.14 8.28
C THR D 227 -26.90 12.03 8.57
N ASN D 228 -28.03 12.45 9.12
CA ASN D 228 -29.19 11.59 9.21
C ASN D 228 -30.20 11.96 8.09
N ASP D 229 -29.90 13.04 7.33
CA ASP D 229 -30.89 13.54 6.29
C ASP D 229 -30.62 12.83 4.97
N GLU D 230 -31.52 11.96 4.54
CA GLU D 230 -31.35 11.20 3.32
CA GLU D 230 -31.27 11.20 3.34
C GLU D 230 -31.21 12.08 2.11
N GLU D 231 -32.05 13.15 2.04
CA GLU D 231 -31.96 14.07 0.93
C GLU D 231 -30.59 14.72 0.86
N LEU D 232 -30.11 15.24 2.00
CA LEU D 232 -28.80 15.88 2.02
C LEU D 232 -27.72 14.92 1.62
N ASP D 233 -27.79 13.67 2.09
CA ASP D 233 -26.81 12.66 1.70
C ASP D 233 -26.79 12.44 0.20
N GLN D 234 -27.98 12.41 -0.40
CA GLN D 234 -28.13 12.26 -1.83
C GLN D 234 -27.46 13.44 -2.63
N SER D 235 -27.59 14.67 -2.10
CA SER D 235 -26.97 15.84 -2.68
CA SER D 235 -26.97 15.87 -2.66
C SER D 235 -25.44 15.84 -2.55
N PHE D 236 -24.91 15.30 -1.43
CA PHE D 236 -23.49 15.11 -1.33
C PHE D 236 -23.00 14.00 -2.28
N ALA D 237 -23.74 12.88 -2.39
CA ALA D 237 -23.40 11.78 -3.23
C ALA D 237 -23.26 12.28 -4.65
N PHE D 238 -24.16 13.19 -5.06
CA PHE D 238 -24.15 13.67 -6.40
C PHE D 238 -22.86 14.35 -6.80
N LEU D 239 -22.29 15.08 -5.85
CA LEU D 239 -21.04 15.87 -6.06
C LEU D 239 -19.82 15.01 -5.74
N GLN D 240 -19.98 14.07 -4.81
CA GLN D 240 -18.98 13.03 -4.61
C GLN D 240 -18.65 12.30 -5.91
N ASN D 241 -19.68 11.80 -6.58
CA ASN D 241 -19.53 11.14 -7.86
C ASN D 241 -19.18 12.10 -8.97
N GLY D 242 -19.84 13.26 -8.95
CA GLY D 242 -19.80 14.15 -10.06
C GLY D 242 -18.53 14.92 -10.20
N ALA D 243 -18.02 15.40 -9.08
CA ALA D 243 -16.76 16.09 -9.03
C ALA D 243 -15.58 15.17 -8.65
N GLY D 244 -15.90 14.01 -8.06
CA GLY D 244 -14.90 12.95 -7.89
C GLY D 244 -13.74 13.27 -6.97
N ALA D 245 -13.99 14.06 -5.92
CA ALA D 245 -12.95 14.34 -4.88
C ALA D 245 -12.93 13.14 -3.88
N VAL D 246 -12.61 11.94 -4.37
CA VAL D 246 -12.85 10.68 -3.67
C VAL D 246 -11.51 10.10 -3.17
N PRO D 247 -11.53 9.44 -2.01
CA PRO D 247 -10.32 8.79 -1.55
C PRO D 247 -9.93 7.47 -2.24
N GLY D 248 -8.64 7.17 -2.28
CA GLY D 248 -8.22 5.87 -2.70
C GLY D 248 -8.36 4.82 -1.61
N PRO D 249 -8.32 3.55 -1.99
CA PRO D 249 -8.67 2.50 -1.01
C PRO D 249 -7.57 2.21 0.02
N PHE D 250 -6.30 2.48 -0.34
CA PHE D 250 -5.25 2.37 0.69
C PHE D 250 -5.46 3.39 1.77
N ASP D 251 -5.65 4.63 1.37
CA ASP D 251 -5.93 5.70 2.32
C ASP D 251 -7.24 5.42 3.11
N ALA D 252 -8.27 4.89 2.47
CA ALA D 252 -9.53 4.65 3.14
C ALA D 252 -9.34 3.62 4.19
N TYR D 253 -8.46 2.65 3.86
CA TYR D 253 -8.08 1.63 4.80
C TYR D 253 -7.33 2.25 6.00
N LEU D 254 -6.33 3.13 5.73
CA LEU D 254 -5.55 3.76 6.83
C LEU D 254 -6.44 4.54 7.77
N THR D 255 -7.36 5.29 7.18
CA THR D 255 -8.35 6.04 7.93
C THR D 255 -9.20 5.12 8.80
N MET D 256 -9.77 4.08 8.20
CA MET D 256 -10.43 3.10 9.09
C MET D 256 -9.61 2.48 10.27
N ARG D 257 -8.37 2.09 9.95
CA ARG D 257 -7.46 1.54 10.94
C ARG D 257 -7.18 2.56 12.02
N GLY D 258 -6.94 3.79 11.60
CA GLY D 258 -6.77 4.92 12.49
C GLY D 258 -7.97 4.99 13.47
N LEU D 259 -9.17 4.98 12.93
CA LEU D 259 -10.41 5.16 13.71
C LEU D 259 -10.60 4.03 14.81
N LYS D 260 -10.13 2.87 14.54
CA LYS D 260 -10.21 1.80 15.57
C LYS D 260 -9.54 2.06 17.00
N THR D 261 -8.63 3.02 17.07
CA THR D 261 -7.96 3.46 18.31
C THR D 261 -8.38 4.88 18.70
N LEU D 262 -9.41 5.45 18.00
CA LEU D 262 -9.75 6.88 18.21
C LEU D 262 -10.06 7.14 19.68
N VAL D 263 -10.91 6.30 20.21
CA VAL D 263 -11.39 6.51 21.55
C VAL D 263 -10.27 6.40 22.59
N LEU D 264 -9.43 5.41 22.39
CA LEU D 264 -8.34 5.19 23.31
C LEU D 264 -7.35 6.33 23.25
N ARG D 265 -7.01 6.66 22.02
CA ARG D 265 -6.02 7.79 21.75
C ARG D 265 -6.48 9.13 22.29
N MET D 266 -7.78 9.45 22.12
CA MET D 266 -8.32 10.73 22.55
CA MET D 266 -8.30 10.75 22.54
C MET D 266 -8.30 10.90 24.06
N GLN D 267 -8.61 9.79 24.79
CA GLN D 267 -8.51 9.80 26.22
C GLN D 267 -7.12 10.15 26.69
N ARG D 268 -6.05 9.60 26.06
CA ARG D 268 -4.68 9.88 26.50
C ARG D 268 -4.35 11.29 26.01
N HIS D 269 -4.82 11.66 24.77
CA HIS D 269 -4.63 13.00 24.30
C HIS D 269 -5.16 14.12 25.28
N SER D 270 -6.38 13.98 25.73
CA SER D 270 -7.00 14.88 26.75
C SER D 270 -6.22 14.97 28.11
N GLU D 271 -5.75 13.81 28.61
CA GLU D 271 -5.02 13.64 29.91
C GLU D 271 -3.71 14.31 29.78
N ASN D 272 -2.98 14.02 28.72
CA ASN D 272 -1.72 14.76 28.41
C ASN D 272 -1.87 16.33 28.18
N ALA D 273 -2.88 16.73 27.41
CA ALA D 273 -3.14 18.13 27.18
C ALA D 273 -3.46 18.86 28.50
N ALA D 274 -4.31 18.24 29.36
CA ALA D 274 -4.63 18.84 30.66
C ALA D 274 -3.33 19.03 31.48
N ALA D 275 -2.42 18.02 31.47
CA ALA D 275 -1.11 18.16 32.18
C ALA D 275 -0.25 19.23 31.54
N VAL D 276 -0.21 19.35 30.23
CA VAL D 276 0.56 20.39 29.59
C VAL D 276 -0.04 21.80 29.96
N ALA D 277 -1.36 21.87 29.97
CA ALA D 277 -2.07 23.15 30.19
C ALA D 277 -1.76 23.66 31.61
N GLU D 278 -1.73 22.68 32.53
CA GLU D 278 -1.41 22.89 33.95
C GLU D 278 -0.01 23.40 34.14
N PHE D 279 0.95 22.80 33.40
CA PHE D 279 2.37 23.17 33.57
C PHE D 279 2.56 24.55 33.02
N LEU D 280 1.92 24.81 31.86
CA LEU D 280 2.17 26.08 31.17
C LEU D 280 1.46 27.21 31.90
N ALA D 281 0.41 26.88 32.64
CA ALA D 281 -0.33 27.85 33.44
C ALA D 281 0.54 28.32 34.62
N GLU D 282 1.43 27.47 35.13
CA GLU D 282 2.42 27.84 36.21
C GLU D 282 3.74 28.47 35.69
N HIS D 283 3.94 28.56 34.38
CA HIS D 283 5.26 28.87 33.87
C HIS D 283 5.40 30.39 33.56
N PRO D 284 6.45 31.04 34.11
CA PRO D 284 6.65 32.49 34.00
C PRO D 284 6.61 33.07 32.62
N ALA D 285 6.99 32.26 31.62
CA ALA D 285 7.10 32.73 30.24
C ALA D 285 5.78 32.74 29.52
N ILE D 286 4.72 32.15 30.10
CA ILE D 286 3.37 32.11 29.50
C ILE D 286 2.44 33.07 30.12
N SER D 287 1.73 33.91 29.33
CA SER D 287 0.69 34.84 29.89
C SER D 287 -0.69 34.25 29.94
N THR D 288 -1.02 33.47 28.93
CA THR D 288 -2.34 33.02 28.74
C THR D 288 -2.25 31.54 28.29
N VAL D 289 -3.02 30.67 28.91
CA VAL D 289 -3.21 29.29 28.40
C VAL D 289 -4.66 29.14 27.90
N LEU D 290 -4.80 28.66 26.66
CA LEU D 290 -6.11 28.39 26.00
C LEU D 290 -6.29 26.91 25.99
N TYR D 291 -7.22 26.48 26.82
CA TYR D 291 -7.60 25.07 26.86
C TYR D 291 -9.02 24.98 27.38
N PRO D 292 -9.91 24.24 26.66
CA PRO D 292 -11.34 24.06 26.99
C PRO D 292 -11.68 23.47 28.38
N GLY D 293 -10.73 22.72 28.94
CA GLY D 293 -10.90 22.17 30.28
C GLY D 293 -10.67 23.11 31.46
N LEU D 294 -10.10 24.26 31.26
CA LEU D 294 -9.80 25.16 32.38
C LEU D 294 -11.10 25.93 32.68
N PRO D 295 -11.47 26.05 33.96
CA PRO D 295 -12.64 26.78 34.36
C PRO D 295 -12.58 28.19 33.88
N SER D 296 -11.39 28.76 33.76
CA SER D 296 -11.30 30.16 33.30
C SER D 296 -11.33 30.35 31.78
N HIS D 297 -11.31 29.29 30.99
CA HIS D 297 -11.35 29.39 29.53
C HIS D 297 -12.72 29.90 29.10
N PRO D 298 -12.77 30.89 28.20
CA PRO D 298 -14.13 31.36 27.86
C PRO D 298 -14.92 30.25 27.14
N GLY D 299 -16.14 29.98 27.57
CA GLY D 299 -16.90 28.93 26.98
C GLY D 299 -16.65 27.62 27.70
N HIS D 300 -15.96 27.61 28.82
CA HIS D 300 -15.61 26.31 29.45
C HIS D 300 -16.92 25.62 29.81
N ALA D 301 -17.85 26.33 30.35
CA ALA D 301 -19.09 25.67 30.81
C ALA D 301 -19.85 25.14 29.61
N VAL D 302 -19.90 25.87 28.48
CA VAL D 302 -20.50 25.23 27.28
C VAL D 302 -19.77 23.99 26.89
N ALA D 303 -18.46 24.09 26.92
CA ALA D 303 -17.65 22.97 26.45
C ALA D 303 -18.00 21.73 27.31
N ALA D 304 -18.05 21.94 28.64
CA ALA D 304 -18.38 20.90 29.61
C ALA D 304 -19.74 20.19 29.36
N ARG D 305 -20.72 20.96 28.85
CA ARG D 305 -22.06 20.46 28.59
CA ARG D 305 -22.08 20.52 28.58
C ARG D 305 -22.11 19.62 27.32
N GLN D 306 -21.36 20.00 26.30
CA GLN D 306 -21.42 19.34 24.96
C GLN D 306 -20.28 18.38 24.52
N MET D 307 -19.16 18.43 25.22
CA MET D 307 -17.99 17.59 25.06
C MET D 307 -17.87 16.59 26.22
N ARG D 308 -17.43 15.38 25.85
CA ARG D 308 -17.11 14.31 26.79
C ARG D 308 -15.77 14.50 27.44
N GLY D 309 -14.83 15.16 26.77
CA GLY D 309 -13.51 15.51 27.38
C GLY D 309 -13.01 16.70 26.60
N PHE D 310 -11.93 17.32 27.06
CA PHE D 310 -11.58 18.57 26.47
C PHE D 310 -10.49 18.64 25.41
N GLY D 311 -10.05 17.49 24.94
CA GLY D 311 -9.23 17.44 23.75
C GLY D 311 -7.73 17.51 23.98
N GLY D 312 -7.01 17.33 22.86
CA GLY D 312 -5.56 17.32 22.90
C GLY D 312 -4.88 18.60 22.44
N MET D 313 -5.67 19.64 22.09
CA MET D 313 -5.11 20.95 21.67
C MET D 313 -4.95 21.95 22.82
N VAL D 314 -3.79 22.58 22.88
CA VAL D 314 -3.52 23.62 23.82
C VAL D 314 -2.79 24.71 23.06
N SER D 315 -3.25 25.94 23.25
CA SER D 315 -2.53 27.10 22.76
C SER D 315 -2.15 28.03 23.94
N VAL D 316 -1.07 28.78 23.75
CA VAL D 316 -0.55 29.69 24.79
C VAL D 316 -0.03 30.96 24.11
N ARG D 317 -0.04 32.02 24.87
CA ARG D 317 0.55 33.25 24.44
C ARG D 317 1.76 33.47 25.30
N MET D 318 2.85 33.85 24.66
CA MET D 318 4.14 33.98 25.30
C MET D 318 4.28 35.40 25.84
N ARG D 319 4.68 35.55 27.09
CA ARG D 319 4.79 36.87 27.67
C ARG D 319 5.79 37.77 26.97
N ALA D 320 6.86 37.15 26.50
CA ALA D 320 7.89 37.95 25.89
C ALA D 320 7.67 38.04 24.38
N GLY D 321 6.47 37.72 23.87
CA GLY D 321 6.12 38.06 22.48
C GLY D 321 6.62 37.18 21.34
N ARG D 322 6.52 37.67 20.11
CA ARG D 322 6.85 36.87 18.94
C ARG D 322 8.19 36.16 19.13
N THR D 323 9.22 36.86 19.59
CA THR D 323 10.56 36.21 19.71
C THR D 323 10.52 34.95 20.56
N ALA D 324 9.89 35.05 21.73
CA ALA D 324 9.71 33.95 22.66
C ALA D 324 8.95 32.80 21.97
N ALA D 325 7.94 33.14 21.18
CA ALA D 325 7.14 32.13 20.55
C ALA D 325 8.00 31.41 19.47
N GLU D 326 8.77 32.17 18.70
CA GLU D 326 9.61 31.59 17.69
C GLU D 326 10.63 30.70 18.39
N GLN D 327 11.25 31.15 19.48
CA GLN D 327 12.30 30.35 20.12
C GLN D 327 11.76 29.01 20.66
N LEU D 328 10.59 29.08 21.28
CA LEU D 328 9.98 27.83 21.82
C LEU D 328 9.80 26.78 20.70
N CYS D 329 9.24 27.20 19.55
CA CYS D 329 8.95 26.31 18.43
C CYS D 329 10.20 25.70 17.83
N ALA D 330 11.29 26.45 17.86
CA ALA D 330 12.58 26.03 17.35
C ALA D 330 13.28 25.04 18.24
N LYS D 331 13.07 25.09 19.56
CA LYS D 331 13.91 24.38 20.53
C LYS D 331 13.29 23.08 21.14
N THR D 332 12.02 22.80 20.90
CA THR D 332 11.46 21.50 21.29
C THR D 332 12.18 20.33 20.58
N ASN D 333 12.38 19.23 21.32
CA ASN D 333 13.00 18.00 20.79
C ASN D 333 12.04 16.80 20.68
N ILE D 334 10.83 16.94 21.21
CA ILE D 334 9.83 15.88 21.10
C ILE D 334 8.61 16.38 20.36
N PHE D 335 8.05 17.52 20.77
CA PHE D 335 7.09 18.19 19.92
C PHE D 335 7.78 18.51 18.55
N ILE D 336 7.14 18.18 17.48
CA ILE D 336 7.67 18.42 16.18
C ILE D 336 7.11 19.68 15.54
N LEU D 337 8.03 20.55 15.07
CA LEU D 337 7.64 21.76 14.43
C LEU D 337 7.09 21.43 13.05
N ALA D 338 5.80 21.46 12.92
CA ALA D 338 5.15 21.04 11.69
C ALA D 338 3.73 21.50 11.70
N GLU D 339 3.11 21.56 10.53
CA GLU D 339 1.68 21.78 10.43
C GLU D 339 0.86 20.49 10.75
N SER D 340 -0.48 20.64 10.79
CA SER D 340 -1.33 19.53 11.18
C SER D 340 -1.41 19.38 12.71
N LEU D 341 -2.30 18.47 13.13
CA LEU D 341 -2.65 18.24 14.57
C LEU D 341 -3.34 16.86 14.61
N GLY D 342 -3.57 16.30 15.80
CA GLY D 342 -4.35 15.08 15.85
C GLY D 342 -3.50 13.84 15.66
N SER D 343 -2.20 14.01 15.83
CA SER D 343 -1.29 12.91 15.65
C SER D 343 -0.78 12.25 16.95
N VAL D 344 -0.44 10.96 16.85
CA VAL D 344 0.17 10.27 18.00
C VAL D 344 1.48 11.01 18.45
N GLU D 345 2.25 11.52 17.52
CA GLU D 345 3.40 12.38 17.86
C GLU D 345 2.93 13.79 18.07
N SER D 346 3.39 14.41 19.14
CA SER D 346 3.09 15.81 19.42
C SER D 346 3.63 16.71 18.33
N LEU D 347 2.91 17.77 18.05
CA LEU D 347 3.22 18.75 17.02
C LEU D 347 3.12 20.16 17.64
N ILE D 348 3.92 21.08 17.11
CA ILE D 348 4.01 22.48 17.54
C ILE D 348 4.03 23.44 16.31
N GLU D 349 3.29 24.55 16.39
CA GLU D 349 3.10 25.47 15.30
C GLU D 349 3.12 26.88 15.88
N HIS D 350 3.55 27.80 15.06
CA HIS D 350 3.52 29.20 15.35
C HIS D 350 2.63 29.79 14.28
N PRO D 351 1.31 29.89 14.53
CA PRO D 351 0.35 30.17 13.47
C PRO D 351 0.67 31.41 12.67
N SER D 352 1.12 32.45 13.37
CA SER D 352 1.41 33.72 12.68
C SER D 352 2.47 33.62 11.58
N ALA D 353 3.46 32.73 11.79
CA ALA D 353 4.53 32.46 10.86
C ALA D 353 4.24 31.33 9.90
N MET D 354 3.41 30.35 10.32
CA MET D 354 3.22 29.09 9.58
C MET D 354 1.87 28.93 8.88
N THR D 355 0.97 29.90 9.04
CA THR D 355 -0.29 29.91 8.27
C THR D 355 -0.49 31.30 7.60
N HIS D 356 -1.37 31.34 6.58
CA HIS D 356 -1.49 32.46 5.63
C HIS D 356 -2.70 33.34 5.98
N GLY D 361 -9.56 42.23 8.68
CA GLY D 361 -10.75 42.63 7.92
C GLY D 361 -11.93 41.69 8.21
N SER D 362 -11.78 40.41 7.94
CA SER D 362 -12.91 39.50 7.93
C SER D 362 -12.76 38.30 8.84
N GLN D 363 -11.54 38.12 9.36
CA GLN D 363 -11.31 37.10 10.41
C GLN D 363 -10.53 37.77 11.50
N LEU D 364 -10.51 37.15 12.68
CA LEU D 364 -9.70 37.59 13.78
C LEU D 364 -8.22 37.38 13.42
N GLU D 365 -7.39 38.28 13.92
CA GLU D 365 -5.94 38.24 13.71
C GLU D 365 -5.44 37.35 14.82
N VAL D 366 -4.63 36.35 14.47
CA VAL D 366 -4.15 35.41 15.44
C VAL D 366 -2.92 36.10 15.97
N PRO D 367 -2.76 36.24 17.29
CA PRO D 367 -1.65 37.04 17.80
C PRO D 367 -0.32 36.41 17.51
N ASP D 368 0.69 37.22 17.24
CA ASP D 368 1.97 36.66 16.82
C ASP D 368 2.83 36.14 18.01
N ASP D 369 2.32 36.21 19.22
CA ASP D 369 2.92 35.59 20.37
C ASP D 369 2.24 34.26 20.71
N LEU D 370 1.40 33.76 19.88
CA LEU D 370 0.63 32.55 20.17
C LEU D 370 1.35 31.33 19.55
N VAL D 371 1.46 30.26 20.31
CA VAL D 371 2.00 28.97 19.90
C VAL D 371 0.93 27.87 20.11
N ARG D 372 0.69 27.03 19.10
CA ARG D 372 -0.34 26.01 19.20
C ARG D 372 0.34 24.67 19.38
N LEU D 373 -0.09 23.92 20.39
CA LEU D 373 0.38 22.62 20.66
C LEU D 373 -0.67 21.57 20.40
N SER D 374 -0.33 20.61 19.54
CA SER D 374 -1.05 19.37 19.43
C SER D 374 -0.40 18.34 20.31
N VAL D 375 -0.99 18.08 21.49
CA VAL D 375 -0.41 17.19 22.40
C VAL D 375 -0.76 15.75 22.02
N GLY D 376 0.30 14.97 21.83
CA GLY D 376 0.19 13.59 21.45
C GLY D 376 0.08 12.64 22.64
N ILE D 377 0.44 11.40 22.39
CA ILE D 377 0.30 10.32 23.34
C ILE D 377 1.61 9.82 23.91
N GLU D 378 2.66 10.61 23.74
CA GLU D 378 3.92 10.31 24.44
C GLU D 378 3.74 10.33 25.96
N ASP D 379 4.77 9.80 26.65
CA ASP D 379 4.77 9.82 28.10
C ASP D 379 4.74 11.31 28.49
N VAL D 380 3.83 11.66 29.37
CA VAL D 380 3.71 13.02 29.77
C VAL D 380 4.97 13.64 30.39
N ALA D 381 5.77 12.84 31.13
CA ALA D 381 6.98 13.38 31.78
C ALA D 381 7.94 13.90 30.73
N ASP D 382 8.01 13.23 29.58
CA ASP D 382 8.93 13.60 28.53
C ASP D 382 8.45 14.92 27.80
N LEU D 383 7.16 15.03 27.60
CA LEU D 383 6.53 16.20 27.05
C LEU D 383 6.73 17.44 27.93
N LEU D 384 6.52 17.28 29.24
CA LEU D 384 6.72 18.38 30.15
C LEU D 384 8.21 18.79 30.23
N ASP D 385 9.11 17.82 30.31
CA ASP D 385 10.56 18.13 30.31
C ASP D 385 11.01 18.84 29.00
N ASP D 386 10.39 18.52 27.88
CA ASP D 386 10.70 19.11 26.57
C ASP D 386 10.28 20.56 26.58
N LEU D 387 9.06 20.80 27.05
CA LEU D 387 8.56 22.18 27.17
C LEU D 387 9.47 23.00 28.15
N LYS D 388 9.78 22.40 29.32
CA LYS D 388 10.65 23.03 30.32
C LYS D 388 11.97 23.40 29.65
N GLN D 389 12.66 22.44 28.99
CA GLN D 389 13.98 22.82 28.42
C GLN D 389 13.85 23.83 27.26
N ALA D 390 12.76 23.71 26.47
CA ALA D 390 12.53 24.54 25.29
C ALA D 390 12.33 25.98 25.78
N LEU D 391 11.59 26.14 26.88
CA LEU D 391 11.38 27.40 27.49
C LEU D 391 12.62 27.87 28.28
S SO4 E . 21.69 -8.98 -9.08
O1 SO4 E . 22.43 -10.06 -9.75
O2 SO4 E . 21.79 -9.27 -7.63
O3 SO4 E . 22.26 -7.63 -9.23
O4 SO4 E . 20.35 -8.98 -9.53
S SO4 F . 25.27 -11.29 -1.02
O1 SO4 F . 24.94 -12.69 -1.16
O2 SO4 F . 25.84 -11.06 0.31
O3 SO4 F . 26.24 -10.91 -2.04
O4 SO4 F . 24.05 -10.47 -1.08
NA NA G . 10.68 -5.75 -8.52
C1 GOL H . 7.48 -14.26 -25.21
O1 GOL H . 6.18 -14.71 -24.83
C2 GOL H . 7.50 -12.81 -25.73
O2 GOL H . 7.53 -11.99 -24.61
C3 GOL H . 8.72 -12.50 -26.62
O3 GOL H . 9.04 -13.65 -27.38
S SO4 I . -19.02 -35.30 26.13
O1 SO4 I . -17.99 -36.31 25.88
O2 SO4 I . -18.55 -34.31 27.10
O3 SO4 I . -19.47 -34.71 24.86
O4 SO4 I . -20.16 -36.00 26.70
S SO4 J . -2.44 -18.19 17.02
O1 SO4 J . -2.11 -19.11 15.89
O2 SO4 J . -1.92 -18.76 18.30
O3 SO4 J . -1.85 -16.92 16.81
O4 SO4 J . -3.91 -18.06 17.11
C1 GOL K . 27.24 -18.27 7.82
O1 GOL K . 27.08 -19.62 8.28
C2 GOL K . 28.13 -17.36 8.67
O2 GOL K . 27.31 -16.43 9.42
C3 GOL K . 29.19 -16.56 7.84
O3 GOL K . 29.81 -17.23 6.73
S SO4 L . -16.41 4.78 -18.83
O1 SO4 L . -15.05 4.49 -19.02
O2 SO4 L . -17.28 3.59 -18.83
O3 SO4 L . -16.59 5.51 -17.55
O4 SO4 L . -16.89 5.62 -19.98
C1 EDO M . -15.39 -7.37 12.80
O1 EDO M . -15.93 -6.12 12.36
C2 EDO M . -14.07 -7.53 12.09
O2 EDO M . -13.14 -6.88 12.97
#